data_2HEQ
#
_entry.id   2HEQ
#
_entity_poly.entity_id   1
_entity_poly.type   'polypeptide(L)'
_entity_poly.pdbx_seq_one_letter_code
;MAGDPLPKYWSYPVGLAVEINNNARYGCPHHVGRKGKIIEHLHSATYDYAVSDETGDITYFKEHELTPLKGGLAYVLEHH
HHHH
;
_entity_poly.pdbx_strand_id   A
#
# COMPACT_ATOMS: atom_id res chain seq x y z
N MET A 1 -19.41 -5.07 -11.01
CA MET A 1 -17.95 -4.86 -10.98
C MET A 1 -17.24 -6.07 -11.60
N ALA A 2 -16.68 -5.87 -12.77
CA ALA A 2 -15.95 -6.93 -13.46
C ALA A 2 -14.93 -6.34 -14.42
N GLY A 3 -13.82 -7.03 -14.59
CA GLY A 3 -12.80 -6.57 -15.50
C GLY A 3 -11.42 -6.59 -14.88
N ASP A 4 -10.40 -6.67 -15.72
CA ASP A 4 -9.03 -6.70 -15.24
C ASP A 4 -8.40 -5.31 -15.34
N PRO A 5 -8.10 -4.70 -14.19
CA PRO A 5 -7.53 -3.35 -14.13
C PRO A 5 -5.99 -3.38 -14.13
N LEU A 6 -5.43 -4.44 -14.70
CA LEU A 6 -3.98 -4.61 -14.72
C LEU A 6 -3.38 -3.81 -15.87
N PRO A 7 -2.61 -2.75 -15.54
CA PRO A 7 -1.95 -1.91 -16.54
C PRO A 7 -0.71 -2.59 -17.12
N LYS A 8 0.21 -2.96 -16.23
CA LYS A 8 1.43 -3.65 -16.63
C LYS A 8 2.08 -4.32 -15.44
N TYR A 9 2.54 -3.51 -14.49
CA TYR A 9 3.17 -4.05 -13.29
C TYR A 9 2.70 -3.29 -12.05
N TRP A 10 3.18 -2.06 -11.89
CA TRP A 10 2.90 -1.29 -10.68
C TRP A 10 1.51 -0.65 -10.72
N SER A 11 0.62 -1.12 -9.86
CA SER A 11 -0.70 -0.53 -9.72
C SER A 11 -0.66 0.66 -8.76
N TYR A 12 0.10 0.53 -7.69
CA TYR A 12 0.18 1.59 -6.68
C TYR A 12 1.42 2.46 -6.90
N PRO A 13 1.25 3.79 -6.84
CA PRO A 13 2.33 4.75 -7.08
C PRO A 13 3.17 5.01 -5.81
N VAL A 14 4.24 5.77 -5.99
CA VAL A 14 5.09 6.17 -4.87
C VAL A 14 4.44 7.31 -4.09
N GLY A 15 4.48 7.21 -2.77
CA GLY A 15 3.92 8.24 -1.92
C GLY A 15 2.52 7.87 -1.44
N LEU A 16 2.04 6.72 -1.85
CA LEU A 16 0.73 6.25 -1.46
C LEU A 16 0.76 5.65 -0.06
N ALA A 17 -0.15 6.10 0.78
CA ALA A 17 -0.29 5.54 2.11
C ALA A 17 -1.11 4.26 2.04
N VAL A 18 -0.58 3.18 2.62
CA VAL A 18 -1.24 1.90 2.60
C VAL A 18 -1.19 1.27 3.99
N GLU A 19 -1.99 0.23 4.19
CA GLU A 19 -1.94 -0.53 5.42
C GLU A 19 -1.56 -1.98 5.10
N ILE A 20 -0.87 -2.62 6.02
CA ILE A 20 -0.47 -4.00 5.85
C ILE A 20 -1.53 -4.92 6.43
N ASN A 21 -2.29 -5.57 5.56
CA ASN A 21 -3.32 -6.49 6.01
C ASN A 21 -2.70 -7.78 6.53
N ASN A 22 -3.48 -8.54 7.31
CA ASN A 22 -2.99 -9.75 7.97
C ASN A 22 -2.90 -10.94 7.03
N ASN A 23 -2.66 -10.67 5.75
CA ASN A 23 -2.50 -11.73 4.77
C ASN A 23 -1.03 -11.97 4.47
N ALA A 24 -0.18 -11.14 5.07
CA ALA A 24 1.26 -11.34 5.02
C ALA A 24 1.70 -12.11 6.25
N ARG A 25 0.73 -12.78 6.87
CA ARG A 25 0.92 -13.60 8.06
C ARG A 25 2.15 -14.50 7.92
N TYR A 26 2.19 -15.28 6.85
CA TYR A 26 3.33 -16.14 6.58
C TYR A 26 4.26 -15.47 5.60
N GLY A 27 5.14 -14.63 6.13
CA GLY A 27 6.08 -13.89 5.32
C GLY A 27 6.62 -12.70 6.08
N CYS A 28 5.76 -12.08 6.86
CA CYS A 28 6.15 -10.99 7.74
C CYS A 28 5.49 -11.17 9.11
N PRO A 29 6.03 -12.08 9.92
CA PRO A 29 5.44 -12.46 11.21
C PRO A 29 5.36 -11.30 12.17
N HIS A 30 4.12 -10.98 12.58
CA HIS A 30 3.86 -9.91 13.55
C HIS A 30 4.30 -8.56 13.00
N HIS A 31 4.25 -8.42 11.69
CA HIS A 31 4.55 -7.15 11.03
C HIS A 31 3.32 -6.70 10.25
N VAL A 32 2.20 -7.33 10.55
CA VAL A 32 0.96 -7.09 9.84
C VAL A 32 -0.08 -6.49 10.76
N GLY A 33 -0.98 -5.70 10.19
CA GLY A 33 -2.00 -5.05 10.98
C GLY A 33 -1.67 -3.60 11.28
N ARG A 34 -0.67 -3.07 10.60
CA ARG A 34 -0.26 -1.68 10.79
C ARG A 34 -0.33 -0.92 9.49
N LYS A 35 0.18 0.31 9.46
CA LYS A 35 0.15 1.12 8.26
C LYS A 35 1.57 1.49 7.83
N GLY A 36 1.73 1.86 6.57
CA GLY A 36 3.02 2.22 6.05
C GLY A 36 2.92 3.15 4.84
N LYS A 37 4.06 3.52 4.29
CA LYS A 37 4.10 4.42 3.14
C LYS A 37 4.97 3.83 2.04
N ILE A 38 4.41 3.71 0.84
CA ILE A 38 5.16 3.21 -0.32
C ILE A 38 6.14 4.28 -0.80
N ILE A 39 7.43 4.02 -0.64
CA ILE A 39 8.44 5.03 -0.93
C ILE A 39 9.26 4.67 -2.18
N GLU A 40 9.32 3.39 -2.49
CA GLU A 40 10.08 2.92 -3.65
C GLU A 40 9.31 1.86 -4.42
N HIS A 41 9.68 1.68 -5.68
CA HIS A 41 9.11 0.63 -6.51
C HIS A 41 10.15 -0.46 -6.76
N LEU A 42 9.72 -1.70 -6.62
CA LEU A 42 10.60 -2.84 -6.85
C LEU A 42 10.07 -3.68 -7.99
N HIS A 43 10.96 -4.35 -8.69
CA HIS A 43 10.54 -5.35 -9.67
C HIS A 43 10.96 -6.73 -9.16
N SER A 44 9.99 -7.44 -8.64
CA SER A 44 10.20 -8.74 -8.02
C SER A 44 8.86 -9.44 -7.85
N ALA A 45 8.82 -10.72 -8.15
CA ALA A 45 7.57 -11.47 -8.14
C ALA A 45 7.14 -11.74 -6.71
N THR A 46 8.05 -11.48 -5.79
CA THR A 46 7.77 -11.64 -4.38
C THR A 46 7.29 -10.31 -3.78
N TYR A 47 7.86 -9.20 -4.25
CA TYR A 47 7.59 -7.89 -3.68
C TYR A 47 7.62 -6.81 -4.75
N ASP A 48 6.59 -5.98 -4.80
CA ASP A 48 6.46 -4.95 -5.83
C ASP A 48 6.83 -3.59 -5.29
N TYR A 49 6.70 -3.40 -3.97
CA TYR A 49 6.89 -2.09 -3.38
C TYR A 49 7.76 -2.16 -2.13
N ALA A 50 8.35 -1.02 -1.78
CA ALA A 50 9.07 -0.88 -0.53
C ALA A 50 8.28 0.03 0.39
N VAL A 51 7.78 -0.51 1.47
CA VAL A 51 6.89 0.21 2.36
C VAL A 51 7.56 0.54 3.67
N SER A 52 7.56 1.81 4.02
CA SER A 52 8.09 2.25 5.29
C SER A 52 7.01 2.17 6.35
N ASP A 53 7.16 1.23 7.27
CA ASP A 53 6.19 1.02 8.35
C ASP A 53 6.17 2.25 9.26
N GLU A 54 5.02 2.51 9.86
CA GLU A 54 4.84 3.68 10.72
C GLU A 54 5.81 3.65 11.93
N THR A 55 6.29 2.47 12.27
CA THR A 55 7.26 2.33 13.36
C THR A 55 8.66 2.75 12.92
N GLY A 56 8.83 2.99 11.63
CA GLY A 56 10.12 3.41 11.10
C GLY A 56 10.91 2.27 10.51
N ASP A 57 10.24 1.16 10.27
CA ASP A 57 10.89 -0.03 9.70
C ASP A 57 10.53 -0.19 8.23
N ILE A 58 11.53 -0.12 7.37
CA ILE A 58 11.29 -0.27 5.94
C ILE A 58 11.24 -1.74 5.56
N THR A 59 10.10 -2.18 5.05
CA THR A 59 9.91 -3.57 4.66
C THR A 59 9.47 -3.64 3.20
N TYR A 60 9.61 -4.80 2.58
CA TYR A 60 9.24 -4.98 1.20
C TYR A 60 7.93 -5.73 1.12
N PHE A 61 7.01 -5.27 0.28
CA PHE A 61 5.68 -5.87 0.20
C PHE A 61 5.23 -6.01 -1.25
N LYS A 62 4.21 -6.82 -1.46
CA LYS A 62 3.65 -7.05 -2.77
C LYS A 62 2.22 -6.52 -2.80
N GLU A 63 1.68 -6.29 -4.00
CA GLU A 63 0.34 -5.70 -4.16
C GLU A 63 -0.73 -6.46 -3.37
N HIS A 64 -0.52 -7.77 -3.20
CA HIS A 64 -1.48 -8.62 -2.50
C HIS A 64 -1.41 -8.41 -0.98
N GLU A 65 -0.28 -7.89 -0.51
CA GLU A 65 -0.05 -7.73 0.93
C GLU A 65 -0.42 -6.34 1.42
N LEU A 66 -0.84 -5.46 0.52
CA LEU A 66 -1.12 -4.08 0.88
C LEU A 66 -2.55 -3.68 0.56
N THR A 67 -3.06 -2.75 1.36
CA THR A 67 -4.38 -2.18 1.15
C THR A 67 -4.30 -0.65 1.19
N PRO A 68 -4.71 0.03 0.11
CA PRO A 68 -4.60 1.49 0.01
C PRO A 68 -5.44 2.22 1.05
N LEU A 69 -4.91 3.33 1.56
CA LEU A 69 -5.63 4.16 2.51
C LEU A 69 -6.34 5.29 1.78
N LYS A 70 -7.43 5.77 2.36
CA LYS A 70 -8.20 6.85 1.75
C LYS A 70 -8.38 7.99 2.74
N GLY A 71 -8.42 9.21 2.22
CA GLY A 71 -8.52 10.38 3.07
C GLY A 71 -9.91 10.56 3.64
N GLY A 72 -10.91 10.31 2.82
CA GLY A 72 -12.29 10.43 3.27
C GLY A 72 -13.20 10.95 2.19
N LEU A 73 -13.57 12.22 2.30
CA LEU A 73 -14.50 12.87 1.37
C LEU A 73 -15.87 12.20 1.41
N ALA A 74 -16.17 11.55 2.52
CA ALA A 74 -17.41 10.83 2.68
C ALA A 74 -18.37 11.57 3.60
N TYR A 75 -17.88 12.62 4.25
CA TYR A 75 -18.69 13.42 5.15
C TYR A 75 -18.73 14.87 4.69
N VAL A 76 -18.08 15.15 3.57
CA VAL A 76 -17.99 16.50 3.04
C VAL A 76 -19.11 16.76 2.03
N LEU A 77 -19.58 18.00 2.00
CA LEU A 77 -20.59 18.40 1.02
C LEU A 77 -19.96 19.36 0.03
N GLU A 78 -19.51 18.83 -1.09
CA GLU A 78 -18.77 19.64 -2.06
C GLU A 78 -19.58 19.80 -3.34
N HIS A 79 -20.27 20.94 -3.46
CA HIS A 79 -21.00 21.29 -4.67
C HIS A 79 -21.03 22.81 -4.86
N HIS A 80 -21.23 23.55 -3.78
CA HIS A 80 -21.35 25.00 -3.87
C HIS A 80 -20.46 25.69 -2.84
N HIS A 81 -19.19 25.91 -3.22
CA HIS A 81 -18.24 26.63 -2.40
C HIS A 81 -17.53 27.68 -3.26
N HIS A 82 -17.53 28.93 -2.82
CA HIS A 82 -16.84 29.98 -3.57
C HIS A 82 -15.67 30.53 -2.77
N HIS A 83 -14.54 29.86 -2.87
CA HIS A 83 -13.31 30.28 -2.21
C HIS A 83 -13.49 30.29 -0.68
N HIS A 84 -12.58 30.96 0.01
CA HIS A 84 -12.63 31.04 1.45
C HIS A 84 -12.92 32.47 1.88
N MET A 1 -3.01 -15.36 -12.78
CA MET A 1 -2.43 -16.15 -11.67
C MET A 1 -2.19 -17.59 -12.11
N ALA A 2 -1.24 -17.78 -13.00
CA ALA A 2 -0.88 -19.10 -13.50
C ALA A 2 0.57 -19.10 -13.97
N GLY A 3 1.33 -20.10 -13.56
CA GLY A 3 2.75 -20.12 -13.87
C GLY A 3 3.48 -19.01 -13.14
N ASP A 4 3.81 -17.96 -13.86
CA ASP A 4 4.36 -16.75 -13.26
C ASP A 4 3.29 -16.14 -12.35
N PRO A 5 3.56 -16.13 -11.03
CA PRO A 5 2.53 -15.85 -10.01
C PRO A 5 1.78 -14.54 -10.25
N LEU A 6 2.34 -13.43 -9.78
CA LEU A 6 1.67 -12.15 -9.89
C LEU A 6 2.64 -11.01 -9.54
N PRO A 7 3.30 -10.45 -10.55
CA PRO A 7 4.01 -9.19 -10.43
C PRO A 7 3.02 -8.03 -10.60
N LYS A 8 2.37 -8.00 -11.76
CA LYS A 8 1.31 -7.03 -12.05
C LYS A 8 1.87 -5.60 -12.13
N TYR A 9 3.19 -5.51 -12.14
CA TYR A 9 3.89 -4.24 -12.19
C TYR A 9 3.56 -3.39 -10.96
N TRP A 10 3.05 -2.18 -11.18
CA TRP A 10 2.83 -1.25 -10.07
C TRP A 10 1.50 -0.54 -10.23
N SER A 11 0.54 -0.91 -9.41
CA SER A 11 -0.77 -0.29 -9.42
C SER A 11 -0.84 0.78 -8.34
N TYR A 12 -0.01 0.65 -7.32
CA TYR A 12 0.06 1.64 -6.26
C TYR A 12 1.23 2.59 -6.48
N PRO A 13 0.96 3.91 -6.44
CA PRO A 13 1.98 4.93 -6.65
C PRO A 13 2.85 5.16 -5.42
N VAL A 14 3.86 6.01 -5.56
CA VAL A 14 4.76 6.33 -4.47
C VAL A 14 4.22 7.50 -3.66
N GLY A 15 4.34 7.42 -2.35
CA GLY A 15 3.83 8.48 -1.51
C GLY A 15 2.44 8.18 -1.01
N LEU A 16 1.90 7.04 -1.41
CA LEU A 16 0.57 6.62 -1.01
C LEU A 16 0.62 5.90 0.33
N ALA A 17 -0.20 6.35 1.26
CA ALA A 17 -0.33 5.68 2.55
C ALA A 17 -1.18 4.42 2.40
N VAL A 18 -0.68 3.31 2.90
CA VAL A 18 -1.39 2.05 2.80
C VAL A 18 -1.32 1.30 4.11
N GLU A 19 -2.29 0.43 4.34
CA GLU A 19 -2.26 -0.45 5.49
C GLU A 19 -2.09 -1.88 5.02
N ILE A 20 -1.04 -2.51 5.50
CA ILE A 20 -0.68 -3.85 5.08
C ILE A 20 -1.68 -4.87 5.61
N ASN A 21 -1.85 -5.96 4.88
CA ASN A 21 -2.56 -7.11 5.39
C ASN A 21 -1.68 -8.33 5.18
N ASN A 22 -0.57 -8.37 5.93
CA ASN A 22 0.47 -9.37 5.76
C ASN A 22 -0.10 -10.75 5.99
N ASN A 23 -0.57 -11.36 4.91
CA ASN A 23 -1.34 -12.61 4.94
C ASN A 23 -2.74 -12.35 5.50
N ALA A 24 -2.81 -11.35 6.39
CA ALA A 24 -4.05 -10.90 7.01
C ALA A 24 -4.67 -11.97 7.91
N ARG A 25 -3.89 -13.04 8.15
CA ARG A 25 -4.29 -14.17 8.99
C ARG A 25 -5.69 -14.66 8.63
N TYR A 26 -6.68 -14.16 9.36
CA TYR A 26 -8.07 -14.46 9.08
C TYR A 26 -8.96 -13.47 9.82
N GLY A 27 -9.38 -12.42 9.13
CA GLY A 27 -10.22 -11.40 9.73
C GLY A 27 -9.43 -10.45 10.61
N CYS A 28 -8.15 -10.76 10.80
CA CYS A 28 -7.27 -9.98 11.66
C CYS A 28 -5.88 -10.58 11.63
N PRO A 29 -4.98 -9.95 10.91
CA PRO A 29 -3.58 -10.35 10.89
C PRO A 29 -2.95 -10.13 12.26
N HIS A 30 -2.24 -11.13 12.77
CA HIS A 30 -1.70 -11.07 14.12
C HIS A 30 -0.61 -10.00 14.23
N HIS A 31 -1.04 -8.80 14.64
CA HIS A 31 -0.14 -7.66 14.89
C HIS A 31 0.37 -7.03 13.60
N VAL A 32 0.56 -7.85 12.56
CA VAL A 32 0.86 -7.33 11.24
C VAL A 32 -0.34 -6.58 10.70
N GLY A 33 -0.11 -5.72 9.73
CA GLY A 33 -1.16 -4.86 9.25
C GLY A 33 -0.97 -3.44 9.73
N ARG A 34 0.27 -3.01 9.70
CA ARG A 34 0.66 -1.69 10.20
C ARG A 34 0.36 -0.64 9.13
N LYS A 35 0.42 0.63 9.52
CA LYS A 35 0.22 1.71 8.57
C LYS A 35 1.55 2.12 7.98
N GLY A 36 1.68 2.02 6.67
CA GLY A 36 2.95 2.26 6.04
C GLY A 36 2.86 3.17 4.84
N LYS A 37 4.01 3.67 4.41
CA LYS A 37 4.11 4.54 3.25
C LYS A 37 4.89 3.84 2.14
N ILE A 38 4.27 3.70 0.97
CA ILE A 38 4.96 3.15 -0.19
C ILE A 38 5.97 4.17 -0.69
N ILE A 39 7.25 3.81 -0.64
CA ILE A 39 8.30 4.79 -0.91
C ILE A 39 9.15 4.40 -2.12
N GLU A 40 9.04 3.16 -2.55
CA GLU A 40 9.88 2.67 -3.62
C GLU A 40 9.21 1.49 -4.33
N HIS A 41 9.37 1.44 -5.65
CA HIS A 41 8.88 0.32 -6.44
C HIS A 41 10.01 -0.67 -6.68
N LEU A 42 9.69 -1.96 -6.59
CA LEU A 42 10.66 -3.02 -6.83
C LEU A 42 10.23 -3.83 -8.04
N HIS A 43 11.15 -4.61 -8.59
CA HIS A 43 10.83 -5.47 -9.72
C HIS A 43 11.14 -6.92 -9.36
N SER A 44 11.10 -7.20 -8.07
CA SER A 44 11.38 -8.54 -7.57
C SER A 44 10.17 -9.44 -7.78
N ALA A 45 10.39 -10.74 -7.65
CA ALA A 45 9.32 -11.71 -7.83
C ALA A 45 8.64 -11.99 -6.51
N THR A 46 9.33 -11.64 -5.43
CA THR A 46 8.80 -11.86 -4.10
C THR A 46 7.93 -10.70 -3.65
N TYR A 47 8.41 -9.48 -3.89
CA TYR A 47 7.70 -8.27 -3.46
C TYR A 47 7.86 -7.18 -4.52
N ASP A 48 6.78 -6.45 -4.81
CA ASP A 48 6.82 -5.44 -5.87
C ASP A 48 6.93 -4.03 -5.29
N TYR A 49 6.73 -3.91 -3.99
CA TYR A 49 6.69 -2.59 -3.35
C TYR A 49 7.57 -2.56 -2.10
N ALA A 50 8.06 -1.38 -1.77
CA ALA A 50 8.81 -1.18 -0.54
C ALA A 50 8.07 -0.20 0.34
N VAL A 51 7.52 -0.70 1.44
CA VAL A 51 6.69 0.10 2.31
C VAL A 51 7.42 0.42 3.60
N SER A 52 7.47 1.70 3.95
CA SER A 52 8.05 2.12 5.21
C SER A 52 6.95 2.14 6.26
N ASP A 53 7.02 1.21 7.19
CA ASP A 53 5.99 1.06 8.22
C ASP A 53 6.02 2.23 9.19
N GLU A 54 4.98 2.31 10.02
CA GLU A 54 4.88 3.33 11.06
C GLU A 54 6.01 3.21 12.08
N THR A 55 6.73 2.10 12.02
CA THR A 55 7.88 1.88 12.89
C THR A 55 9.09 2.67 12.40
N GLY A 56 9.08 3.02 11.12
CA GLY A 56 10.18 3.72 10.52
C GLY A 56 11.06 2.80 9.70
N ASP A 57 10.79 1.50 9.80
CA ASP A 57 11.57 0.50 9.09
C ASP A 57 10.94 0.21 7.73
N ILE A 58 11.75 -0.23 6.78
CA ILE A 58 11.27 -0.51 5.44
C ILE A 58 11.04 -2.00 5.25
N THR A 59 9.81 -2.36 4.96
CA THR A 59 9.45 -3.74 4.70
C THR A 59 8.95 -3.90 3.26
N TYR A 60 9.34 -4.98 2.61
CA TYR A 60 8.95 -5.22 1.24
C TYR A 60 7.66 -6.02 1.18
N PHE A 61 6.73 -5.60 0.34
CA PHE A 61 5.44 -6.27 0.23
C PHE A 61 4.99 -6.38 -1.22
N LYS A 62 3.96 -7.18 -1.45
CA LYS A 62 3.28 -7.21 -2.74
C LYS A 62 1.95 -6.49 -2.62
N GLU A 63 1.45 -5.97 -3.73
CA GLU A 63 0.18 -5.23 -3.70
C GLU A 63 -0.98 -6.13 -3.27
N HIS A 64 -0.78 -7.44 -3.34
CA HIS A 64 -1.75 -8.42 -2.87
C HIS A 64 -2.10 -8.15 -1.39
N GLU A 65 -1.12 -7.69 -0.63
CA GLU A 65 -1.28 -7.52 0.80
C GLU A 65 -1.22 -6.05 1.20
N LEU A 66 -1.60 -5.16 0.29
CA LEU A 66 -1.58 -3.73 0.55
C LEU A 66 -2.97 -3.13 0.36
N THR A 67 -3.52 -2.56 1.44
CA THR A 67 -4.80 -1.87 1.38
C THR A 67 -4.59 -0.36 1.28
N PRO A 68 -5.08 0.26 0.20
CA PRO A 68 -4.91 1.69 -0.03
C PRO A 68 -5.77 2.54 0.90
N LEU A 69 -5.20 3.63 1.41
CA LEU A 69 -5.95 4.57 2.24
C LEU A 69 -6.41 5.75 1.40
N LYS A 70 -7.35 6.51 1.91
CA LYS A 70 -7.87 7.68 1.22
C LYS A 70 -7.65 8.94 2.06
N GLY A 71 -6.97 9.92 1.49
CA GLY A 71 -6.68 11.13 2.22
C GLY A 71 -6.85 12.37 1.36
N GLY A 72 -7.46 12.20 0.20
CA GLY A 72 -7.67 13.33 -0.69
C GLY A 72 -8.95 14.08 -0.39
N LEU A 73 -9.06 14.59 0.82
CA LEU A 73 -10.24 15.35 1.22
C LEU A 73 -9.99 16.84 1.03
N ALA A 74 -10.12 17.29 -0.22
CA ALA A 74 -9.87 18.67 -0.57
C ALA A 74 -11.17 19.42 -0.86
N TYR A 75 -12.28 18.71 -0.77
CA TYR A 75 -13.59 19.31 -1.02
C TYR A 75 -14.32 19.53 0.29
N VAL A 76 -13.67 19.14 1.38
CA VAL A 76 -14.21 19.32 2.71
C VAL A 76 -13.09 19.59 3.70
N LEU A 77 -13.11 20.77 4.28
CA LEU A 77 -12.06 21.17 5.22
C LEU A 77 -12.57 21.10 6.66
N GLU A 78 -11.66 21.18 7.62
CA GLU A 78 -12.01 21.07 9.02
C GLU A 78 -12.41 22.42 9.59
N HIS A 79 -12.83 23.32 8.72
CA HIS A 79 -13.34 24.63 9.14
C HIS A 79 -14.73 24.84 8.55
N HIS A 80 -15.75 24.63 9.36
CA HIS A 80 -17.12 24.85 8.93
C HIS A 80 -17.66 26.16 9.49
N HIS A 81 -18.07 26.16 10.75
CA HIS A 81 -18.48 27.39 11.40
C HIS A 81 -17.28 28.02 12.11
N HIS A 82 -16.81 27.35 13.16
CA HIS A 82 -15.62 27.78 13.88
C HIS A 82 -14.56 26.67 13.75
N HIS A 83 -14.82 25.56 14.42
CA HIS A 83 -14.09 24.34 14.20
C HIS A 83 -15.06 23.37 13.53
N HIS A 84 -16.22 23.26 14.14
CA HIS A 84 -17.37 22.61 13.54
C HIS A 84 -18.45 23.67 13.34
N MET A 1 9.03 -14.91 -14.64
CA MET A 1 8.81 -13.48 -14.37
C MET A 1 7.62 -13.29 -13.43
N ALA A 2 6.44 -13.19 -14.02
CA ALA A 2 5.20 -12.97 -13.26
C ALA A 2 4.02 -12.86 -14.23
N GLY A 3 3.97 -11.75 -14.95
CA GLY A 3 2.92 -11.53 -15.92
C GLY A 3 2.61 -10.06 -16.10
N ASP A 4 1.86 -9.75 -17.13
CA ASP A 4 1.43 -8.38 -17.40
C ASP A 4 -0.09 -8.29 -17.35
N PRO A 5 -0.66 -8.12 -16.15
CA PRO A 5 -2.10 -8.13 -15.93
C PRO A 5 -2.71 -6.73 -15.81
N LEU A 6 -1.90 -5.71 -16.03
CA LEU A 6 -2.34 -4.34 -15.85
C LEU A 6 -1.84 -3.46 -16.97
N PRO A 7 -2.52 -2.32 -17.22
CA PRO A 7 -2.05 -1.30 -18.17
C PRO A 7 -0.66 -0.81 -17.80
N LYS A 8 -0.40 -0.75 -16.49
CA LYS A 8 0.92 -0.41 -15.98
C LYS A 8 1.28 -1.38 -14.85
N TYR A 9 2.50 -1.89 -14.89
CA TYR A 9 2.95 -2.92 -13.96
C TYR A 9 2.84 -2.43 -12.52
N TRP A 10 3.48 -1.31 -12.21
CA TRP A 10 3.41 -0.75 -10.88
C TRP A 10 2.25 0.24 -10.78
N SER A 11 1.17 -0.20 -10.17
CA SER A 11 -0.02 0.62 -10.03
C SER A 11 0.05 1.47 -8.77
N TYR A 12 0.51 0.89 -7.66
CA TYR A 12 0.64 1.63 -6.41
C TYR A 12 1.76 2.65 -6.52
N PRO A 13 1.41 3.94 -6.41
CA PRO A 13 2.38 5.03 -6.54
C PRO A 13 3.19 5.26 -5.27
N VAL A 14 4.37 5.84 -5.43
CA VAL A 14 5.22 6.19 -4.31
C VAL A 14 4.64 7.41 -3.60
N GLY A 15 4.51 7.33 -2.28
CA GLY A 15 3.91 8.40 -1.53
C GLY A 15 2.49 8.07 -1.13
N LEU A 16 2.04 6.88 -1.50
CA LEU A 16 0.72 6.41 -1.12
C LEU A 16 0.78 5.70 0.23
N ALA A 17 -0.19 6.01 1.09
CA ALA A 17 -0.28 5.39 2.39
C ALA A 17 -1.05 4.07 2.28
N VAL A 18 -0.50 3.02 2.86
CA VAL A 18 -1.12 1.70 2.83
C VAL A 18 -0.97 1.03 4.18
N GLU A 19 -1.65 -0.09 4.37
CA GLU A 19 -1.42 -0.90 5.56
C GLU A 19 -1.46 -2.38 5.20
N ILE A 20 -0.85 -3.19 6.04
CA ILE A 20 -0.78 -4.62 5.80
C ILE A 20 -2.00 -5.32 6.41
N ASN A 21 -2.78 -5.96 5.55
CA ASN A 21 -3.97 -6.68 5.97
C ASN A 21 -3.62 -8.01 6.63
N ASN A 22 -4.64 -8.77 7.01
CA ASN A 22 -4.44 -9.98 7.82
C ASN A 22 -4.10 -11.18 6.95
N ASN A 23 -3.52 -10.91 5.81
CA ASN A 23 -3.07 -11.95 4.90
C ASN A 23 -1.62 -12.30 5.22
N ALA A 24 -0.98 -11.39 5.95
CA ALA A 24 0.42 -11.56 6.33
C ALA A 24 0.60 -12.62 7.42
N ARG A 25 -0.49 -13.32 7.77
CA ARG A 25 -0.41 -14.43 8.72
C ARG A 25 0.59 -15.47 8.25
N TYR A 26 0.63 -15.68 6.94
CA TYR A 26 1.66 -16.53 6.36
C TYR A 26 2.76 -15.66 5.79
N GLY A 27 3.91 -15.68 6.44
CA GLY A 27 5.03 -14.88 6.01
C GLY A 27 5.59 -14.05 7.13
N CYS A 28 4.84 -13.04 7.55
CA CYS A 28 5.28 -12.16 8.63
C CYS A 28 4.15 -11.92 9.62
N PRO A 29 3.86 -12.89 10.49
CA PRO A 29 2.78 -12.78 11.47
C PRO A 29 3.19 -11.97 12.69
N HIS A 30 4.09 -11.05 12.46
CA HIS A 30 4.61 -10.17 13.50
C HIS A 30 4.66 -8.76 12.93
N HIS A 31 3.85 -8.55 11.92
CA HIS A 31 3.85 -7.30 11.18
C HIS A 31 2.46 -7.02 10.62
N VAL A 32 1.46 -7.70 11.17
CA VAL A 32 0.09 -7.60 10.68
C VAL A 32 -0.63 -6.42 11.30
N GLY A 33 -1.51 -5.78 10.53
CA GLY A 33 -2.26 -4.64 11.02
C GLY A 33 -1.37 -3.46 11.32
N ARG A 34 -0.53 -3.14 10.36
CA ARG A 34 0.48 -2.12 10.52
C ARG A 34 0.45 -1.19 9.31
N LYS A 35 0.61 0.11 9.53
CA LYS A 35 0.48 1.07 8.46
C LYS A 35 1.83 1.55 7.99
N GLY A 36 1.91 1.94 6.72
CA GLY A 36 3.15 2.41 6.16
C GLY A 36 2.91 3.21 4.89
N LYS A 37 3.98 3.72 4.32
CA LYS A 37 3.89 4.48 3.09
C LYS A 37 4.89 3.94 2.06
N ILE A 38 4.41 3.66 0.86
CA ILE A 38 5.26 3.11 -0.19
C ILE A 38 6.31 4.14 -0.61
N ILE A 39 7.57 3.71 -0.64
CA ILE A 39 8.67 4.62 -0.89
C ILE A 39 9.41 4.29 -2.18
N GLU A 40 9.15 3.11 -2.73
CA GLU A 40 9.80 2.69 -3.97
C GLU A 40 9.08 1.53 -4.61
N HIS A 41 9.34 1.32 -5.88
CA HIS A 41 8.81 0.19 -6.62
C HIS A 41 9.87 -0.90 -6.67
N LEU A 42 9.53 -2.09 -6.24
CA LEU A 42 10.47 -3.19 -6.25
C LEU A 42 10.49 -3.84 -7.63
N HIS A 43 11.67 -4.28 -8.04
CA HIS A 43 11.84 -4.92 -9.34
C HIS A 43 11.78 -6.42 -9.16
N SER A 44 11.23 -6.82 -8.02
CA SER A 44 11.10 -8.21 -7.64
C SER A 44 9.68 -8.69 -7.94
N ALA A 45 9.53 -9.99 -8.15
CA ALA A 45 8.21 -10.55 -8.45
C ALA A 45 7.55 -11.06 -7.18
N THR A 46 8.37 -11.38 -6.19
CA THR A 46 7.87 -11.85 -4.91
C THR A 46 7.25 -10.70 -4.12
N TYR A 47 7.90 -9.55 -4.21
CA TYR A 47 7.42 -8.33 -3.58
C TYR A 47 7.62 -7.20 -4.56
N ASP A 48 6.56 -6.46 -4.83
CA ASP A 48 6.61 -5.44 -5.88
C ASP A 48 6.68 -4.02 -5.30
N TYR A 49 6.50 -3.89 -3.99
CA TYR A 49 6.49 -2.56 -3.39
C TYR A 49 7.29 -2.53 -2.09
N ALA A 50 7.97 -1.41 -1.85
CA ALA A 50 8.71 -1.21 -0.62
C ALA A 50 7.96 -0.23 0.27
N VAL A 51 7.44 -0.72 1.36
CA VAL A 51 6.61 0.07 2.24
C VAL A 51 7.41 0.48 3.49
N SER A 52 7.42 1.77 3.77
CA SER A 52 8.07 2.27 4.95
C SER A 52 7.03 2.42 6.05
N ASP A 53 7.09 1.53 7.03
CA ASP A 53 6.11 1.48 8.12
C ASP A 53 6.09 2.79 8.90
N GLU A 54 4.96 3.00 9.58
CA GLU A 54 4.77 4.19 10.41
C GLU A 54 5.86 4.33 11.48
N THR A 55 6.45 3.19 11.84
CA THR A 55 7.47 3.17 12.88
C THR A 55 8.85 3.51 12.33
N GLY A 56 8.93 3.72 11.03
CA GLY A 56 10.21 4.03 10.40
C GLY A 56 10.89 2.80 9.83
N ASP A 57 10.12 1.73 9.68
CA ASP A 57 10.64 0.50 9.11
C ASP A 57 10.62 0.55 7.60
N ILE A 58 11.30 -0.39 6.96
CA ILE A 58 11.27 -0.52 5.51
C ILE A 58 11.02 -1.97 5.13
N THR A 59 9.77 -2.30 4.90
CA THR A 59 9.39 -3.68 4.67
C THR A 59 8.82 -3.86 3.27
N TYR A 60 9.15 -4.99 2.64
CA TYR A 60 8.75 -5.24 1.28
C TYR A 60 7.48 -6.07 1.25
N PHE A 61 6.52 -5.69 0.41
CA PHE A 61 5.27 -6.42 0.31
C PHE A 61 4.80 -6.50 -1.13
N LYS A 62 3.72 -7.25 -1.34
CA LYS A 62 3.16 -7.42 -2.67
C LYS A 62 1.78 -6.76 -2.74
N GLU A 63 1.33 -6.47 -3.95
CA GLU A 63 0.05 -5.78 -4.18
C GLU A 63 -1.13 -6.44 -3.45
N HIS A 64 -1.11 -7.75 -3.31
CA HIS A 64 -2.20 -8.46 -2.62
C HIS A 64 -2.13 -8.27 -1.10
N GLU A 65 -0.94 -8.02 -0.59
CA GLU A 65 -0.74 -7.93 0.86
C GLU A 65 -0.81 -6.48 1.33
N LEU A 66 -1.08 -5.58 0.40
CA LEU A 66 -1.16 -4.16 0.73
C LEU A 66 -2.58 -3.62 0.54
N THR A 67 -3.07 -2.95 1.57
CA THR A 67 -4.37 -2.30 1.50
C THR A 67 -4.20 -0.78 1.51
N PRO A 68 -4.62 -0.11 0.42
CA PRO A 68 -4.48 1.35 0.29
C PRO A 68 -5.35 2.12 1.28
N LEU A 69 -4.76 3.16 1.87
CA LEU A 69 -5.49 3.99 2.83
C LEU A 69 -6.07 5.21 2.13
N LYS A 70 -7.37 5.20 1.94
CA LYS A 70 -8.06 6.31 1.30
C LYS A 70 -8.46 7.35 2.34
N GLY A 71 -7.56 8.26 2.63
CA GLY A 71 -7.84 9.30 3.60
C GLY A 71 -7.88 10.67 2.95
N GLY A 72 -9.08 11.11 2.61
CA GLY A 72 -9.25 12.42 2.01
C GLY A 72 -10.05 13.36 2.90
N LEU A 73 -9.81 13.30 4.20
CA LEU A 73 -10.53 14.13 5.15
C LEU A 73 -9.58 14.80 6.13
N ALA A 74 -8.28 14.61 5.93
CA ALA A 74 -7.27 15.09 6.87
C ALA A 74 -6.67 16.42 6.41
N TYR A 75 -7.48 17.21 5.73
CA TYR A 75 -7.01 18.51 5.23
C TYR A 75 -7.17 19.58 6.29
N VAL A 76 -8.24 19.48 7.06
CA VAL A 76 -8.58 20.52 8.02
C VAL A 76 -8.62 19.97 9.45
N LEU A 77 -7.99 20.69 10.36
CA LEU A 77 -8.08 20.39 11.78
C LEU A 77 -8.93 21.48 12.45
N GLU A 78 -9.89 21.09 13.27
CA GLU A 78 -10.84 22.03 13.83
C GLU A 78 -10.20 22.95 14.87
N HIS A 79 -9.18 22.42 15.55
CA HIS A 79 -8.48 23.18 16.58
C HIS A 79 -7.05 22.70 16.71
N HIS A 80 -6.38 23.15 17.78
CA HIS A 80 -4.99 22.79 18.07
C HIS A 80 -4.02 23.49 17.13
N HIS A 81 -3.14 24.32 17.69
CA HIS A 81 -2.19 25.06 16.87
C HIS A 81 -1.06 24.15 16.41
N HIS A 82 -1.21 23.61 15.21
CA HIS A 82 -0.20 22.70 14.67
C HIS A 82 0.66 23.39 13.63
N HIS A 83 0.76 24.71 13.74
CA HIS A 83 1.68 25.45 12.88
C HIS A 83 3.11 25.15 13.30
N HIS A 84 3.24 24.60 14.50
CA HIS A 84 4.48 24.07 15.03
C HIS A 84 4.17 23.02 16.08
N MET A 1 -12.30 1.58 -12.39
CA MET A 1 -11.05 2.35 -12.30
C MET A 1 -9.86 1.41 -12.29
N ALA A 2 -8.89 1.66 -13.18
CA ALA A 2 -7.71 0.83 -13.33
C ALA A 2 -8.07 -0.56 -13.83
N GLY A 3 -7.93 -0.77 -15.13
CA GLY A 3 -8.34 -2.01 -15.73
C GLY A 3 -7.24 -3.06 -15.72
N ASP A 4 -6.01 -2.62 -15.48
CA ASP A 4 -4.88 -3.54 -15.46
C ASP A 4 -4.20 -3.57 -14.08
N PRO A 5 -4.63 -4.49 -13.21
CA PRO A 5 -4.00 -4.74 -11.93
C PRO A 5 -2.96 -5.85 -12.05
N LEU A 6 -1.76 -5.48 -12.47
CA LEU A 6 -0.71 -6.45 -12.74
C LEU A 6 -0.01 -6.86 -11.46
N PRO A 7 -0.17 -8.14 -11.05
CA PRO A 7 0.42 -8.65 -9.80
C PRO A 7 1.93 -8.88 -9.93
N LYS A 8 2.48 -8.51 -11.07
CA LYS A 8 3.92 -8.62 -11.29
C LYS A 8 4.50 -7.25 -11.56
N TYR A 9 3.70 -6.22 -11.35
CA TYR A 9 4.12 -4.84 -11.59
C TYR A 9 3.52 -3.91 -10.56
N TRP A 10 3.63 -2.61 -10.81
CA TRP A 10 3.27 -1.62 -9.80
C TRP A 10 1.94 -0.97 -10.14
N SER A 11 0.92 -1.29 -9.37
CA SER A 11 -0.40 -0.71 -9.53
C SER A 11 -0.57 0.46 -8.56
N TYR A 12 0.11 0.39 -7.42
CA TYR A 12 0.03 1.43 -6.40
C TYR A 12 1.19 2.40 -6.55
N PRO A 13 0.94 3.72 -6.54
CA PRO A 13 1.98 4.74 -6.69
C PRO A 13 2.81 4.94 -5.42
N VAL A 14 3.94 5.60 -5.58
CA VAL A 14 4.82 5.94 -4.48
C VAL A 14 4.33 7.23 -3.80
N GLY A 15 4.45 7.30 -2.48
CA GLY A 15 4.01 8.47 -1.77
C GLY A 15 2.60 8.32 -1.23
N LEU A 16 2.04 7.14 -1.43
CA LEU A 16 0.71 6.84 -0.93
C LEU A 16 0.81 5.88 0.25
N ALA A 17 -0.04 6.09 1.25
CA ALA A 17 -0.03 5.26 2.44
C ALA A 17 -0.81 3.98 2.22
N VAL A 18 -0.32 2.89 2.79
CA VAL A 18 -0.96 1.59 2.65
C VAL A 18 -1.00 0.89 4.00
N GLU A 19 -2.02 0.07 4.21
CA GLU A 19 -2.10 -0.73 5.43
C GLU A 19 -1.88 -2.19 5.09
N ILE A 20 -1.21 -2.90 5.99
CA ILE A 20 -0.94 -4.32 5.80
C ILE A 20 -2.13 -5.15 6.27
N ASN A 21 -2.62 -6.00 5.39
CA ASN A 21 -3.79 -6.83 5.68
C ASN A 21 -3.42 -7.99 6.59
N ASN A 22 -4.45 -8.70 7.07
CA ASN A 22 -4.27 -9.78 8.04
C ASN A 22 -3.82 -11.07 7.36
N ASN A 23 -3.20 -10.92 6.21
CA ASN A 23 -2.66 -12.06 5.48
C ASN A 23 -1.19 -12.23 5.85
N ALA A 24 -0.55 -11.11 6.19
CA ALA A 24 0.86 -11.12 6.59
C ALA A 24 0.98 -11.39 8.08
N ARG A 25 -0.02 -12.06 8.64
CA ARG A 25 -0.07 -12.35 10.07
C ARG A 25 0.97 -13.41 10.43
N TYR A 26 1.60 -13.99 9.42
CA TYR A 26 2.71 -14.91 9.64
C TYR A 26 3.93 -14.15 10.16
N GLY A 27 4.07 -12.90 9.70
CA GLY A 27 5.18 -12.06 10.12
C GLY A 27 4.74 -11.01 11.12
N CYS A 28 3.44 -10.93 11.35
CA CYS A 28 2.87 -10.07 12.38
C CYS A 28 1.89 -10.87 13.22
N PRO A 29 2.40 -11.81 14.04
CA PRO A 29 1.57 -12.76 14.76
C PRO A 29 0.76 -12.10 15.86
N HIS A 30 -0.56 -12.27 15.80
CA HIS A 30 -1.49 -11.72 16.79
C HIS A 30 -1.35 -10.20 16.89
N HIS A 31 -0.99 -9.57 15.77
CA HIS A 31 -0.86 -8.12 15.71
C HIS A 31 -1.55 -7.55 14.49
N VAL A 32 -0.82 -7.47 13.38
CA VAL A 32 -1.31 -6.85 12.15
C VAL A 32 -1.69 -5.38 12.44
N GLY A 33 -2.36 -4.72 11.50
CA GLY A 33 -2.77 -3.35 11.71
C GLY A 33 -1.64 -2.37 11.49
N ARG A 34 -0.56 -2.85 10.89
CA ARG A 34 0.59 -2.01 10.58
C ARG A 34 0.29 -1.15 9.36
N LYS A 35 0.68 0.10 9.42
CA LYS A 35 0.40 1.04 8.35
C LYS A 35 1.68 1.71 7.90
N GLY A 36 1.92 1.70 6.60
CA GLY A 36 3.13 2.26 6.05
C GLY A 36 2.88 3.10 4.83
N LYS A 37 3.93 3.42 4.11
CA LYS A 37 3.83 4.21 2.90
C LYS A 37 4.81 3.67 1.86
N ILE A 38 4.34 3.53 0.63
CA ILE A 38 5.18 3.04 -0.46
C ILE A 38 6.20 4.11 -0.83
N ILE A 39 7.47 3.77 -0.70
CA ILE A 39 8.54 4.73 -0.94
C ILE A 39 9.39 4.35 -2.14
N GLU A 40 9.22 3.12 -2.61
CA GLU A 40 10.00 2.62 -3.73
C GLU A 40 9.24 1.52 -4.45
N HIS A 41 9.48 1.41 -5.74
CA HIS A 41 8.89 0.35 -6.55
C HIS A 41 9.93 -0.72 -6.85
N LEU A 42 9.77 -1.87 -6.22
CA LEU A 42 10.73 -2.95 -6.36
C LEU A 42 10.49 -3.71 -7.65
N HIS A 43 11.51 -3.81 -8.49
CA HIS A 43 11.39 -4.57 -9.72
C HIS A 43 11.67 -6.05 -9.45
N SER A 44 10.65 -6.72 -8.94
CA SER A 44 10.72 -8.13 -8.62
C SER A 44 9.34 -8.74 -8.86
N ALA A 45 9.22 -10.05 -8.67
CA ALA A 45 7.94 -10.71 -8.87
C ALA A 45 7.47 -11.26 -7.54
N THR A 46 8.37 -11.19 -6.57
CA THR A 46 8.10 -11.72 -5.25
C THR A 46 7.62 -10.60 -4.32
N TYR A 47 8.31 -9.48 -4.37
CA TYR A 47 7.94 -8.29 -3.62
C TYR A 47 8.08 -7.07 -4.50
N ASP A 48 6.99 -6.34 -4.69
CA ASP A 48 6.96 -5.26 -5.67
C ASP A 48 6.92 -3.89 -5.02
N TYR A 49 6.70 -3.85 -3.71
CA TYR A 49 6.59 -2.57 -3.02
C TYR A 49 7.51 -2.51 -1.80
N ALA A 50 8.17 -1.36 -1.63
CA ALA A 50 8.95 -1.11 -0.43
C ALA A 50 8.17 -0.18 0.47
N VAL A 51 7.67 -0.72 1.56
CA VAL A 51 6.78 0.01 2.44
C VAL A 51 7.52 0.51 3.67
N SER A 52 7.47 1.81 3.88
CA SER A 52 8.04 2.42 5.05
C SER A 52 6.96 2.47 6.12
N ASP A 53 7.05 1.57 7.09
CA ASP A 53 6.06 1.45 8.15
C ASP A 53 6.07 2.69 9.03
N GLU A 54 5.00 2.89 9.79
CA GLU A 54 4.92 4.03 10.69
C GLU A 54 5.81 3.80 11.91
N THR A 55 6.35 2.59 12.03
CA THR A 55 7.37 2.31 13.02
C THR A 55 8.71 2.90 12.56
N GLY A 56 8.82 3.14 11.26
CA GLY A 56 10.04 3.68 10.70
C GLY A 56 10.83 2.64 9.94
N ASP A 57 10.34 1.40 9.95
CA ASP A 57 11.04 0.30 9.31
C ASP A 57 10.65 0.18 7.84
N ILE A 58 11.60 -0.23 7.01
CA ILE A 58 11.35 -0.39 5.59
C ILE A 58 11.22 -1.87 5.25
N THR A 59 9.99 -2.31 5.05
CA THR A 59 9.74 -3.72 4.80
C THR A 59 9.18 -3.93 3.40
N TYR A 60 9.56 -5.04 2.77
CA TYR A 60 9.14 -5.32 1.41
C TYR A 60 7.84 -6.09 1.42
N PHE A 61 6.88 -5.65 0.61
CA PHE A 61 5.59 -6.30 0.53
C PHE A 61 5.15 -6.44 -0.91
N LYS A 62 3.99 -7.05 -1.12
CA LYS A 62 3.46 -7.25 -2.45
C LYS A 62 2.07 -6.64 -2.55
N GLU A 63 1.62 -6.41 -3.78
CA GLU A 63 0.30 -5.84 -4.06
C GLU A 63 -0.83 -6.56 -3.30
N HIS A 64 -0.69 -7.86 -3.12
CA HIS A 64 -1.78 -8.68 -2.60
C HIS A 64 -2.14 -8.32 -1.16
N GLU A 65 -1.13 -8.16 -0.33
CA GLU A 65 -1.33 -7.94 1.10
C GLU A 65 -1.41 -6.45 1.44
N LEU A 66 -1.33 -5.58 0.44
CA LEU A 66 -1.35 -4.14 0.69
C LEU A 66 -2.66 -3.51 0.25
N THR A 67 -3.21 -2.66 1.11
CA THR A 67 -4.40 -1.89 0.77
C THR A 67 -4.10 -0.40 0.91
N PRO A 68 -4.18 0.36 -0.20
CA PRO A 68 -3.88 1.79 -0.22
C PRO A 68 -4.96 2.61 0.47
N LEU A 69 -4.52 3.64 1.19
CA LEU A 69 -5.44 4.55 1.87
C LEU A 69 -5.89 5.66 0.93
N LYS A 70 -6.95 5.40 0.19
CA LYS A 70 -7.50 6.37 -0.74
C LYS A 70 -8.68 7.07 -0.10
N GLY A 71 -9.23 6.45 0.94
CA GLY A 71 -10.34 7.03 1.66
C GLY A 71 -9.88 8.08 2.65
N GLY A 72 -10.05 9.35 2.29
CA GLY A 72 -9.71 10.42 3.19
C GLY A 72 -8.39 11.08 2.83
N LEU A 73 -7.36 10.28 2.63
CA LEU A 73 -6.03 10.80 2.30
C LEU A 73 -6.00 11.36 0.88
N ALA A 74 -7.01 11.00 0.10
CA ALA A 74 -7.16 11.51 -1.25
C ALA A 74 -8.32 12.49 -1.33
N TYR A 75 -8.58 13.15 -0.22
CA TYR A 75 -9.68 14.11 -0.12
C TYR A 75 -9.29 15.20 0.85
N VAL A 76 -8.57 16.18 0.34
CA VAL A 76 -8.03 17.24 1.15
C VAL A 76 -8.99 18.43 1.18
N LEU A 77 -9.08 19.07 2.34
CA LEU A 77 -9.98 20.21 2.52
C LEU A 77 -9.49 21.40 1.69
N GLU A 78 -10.15 21.61 0.56
CA GLU A 78 -9.79 22.67 -0.36
C GLU A 78 -10.50 23.96 0.03
N HIS A 79 -9.74 24.95 0.49
CA HIS A 79 -10.34 26.19 0.99
C HIS A 79 -10.26 27.33 -0.02
N HIS A 80 -9.05 27.79 -0.35
CA HIS A 80 -8.90 28.93 -1.25
C HIS A 80 -9.08 28.55 -2.72
N HIS A 81 -9.43 27.30 -2.97
CA HIS A 81 -9.84 26.88 -4.30
C HIS A 81 -11.34 26.64 -4.31
N HIS A 82 -11.93 26.77 -3.13
CA HIS A 82 -13.37 26.59 -2.94
C HIS A 82 -14.09 27.90 -3.24
N HIS A 83 -14.77 27.95 -4.37
CA HIS A 83 -15.54 29.11 -4.77
C HIS A 83 -17.01 28.75 -4.90
N HIS A 84 -17.70 28.76 -3.77
CA HIS A 84 -19.08 28.33 -3.71
C HIS A 84 -19.75 28.97 -2.49
N MET A 1 24.82 -4.12 -17.32
CA MET A 1 24.46 -3.29 -16.15
C MET A 1 22.96 -3.37 -15.87
N ALA A 2 22.16 -3.40 -16.93
CA ALA A 2 20.72 -3.53 -16.80
C ALA A 2 20.09 -3.81 -18.17
N GLY A 3 19.09 -4.68 -18.19
CA GLY A 3 18.43 -5.01 -19.43
C GLY A 3 17.10 -4.31 -19.55
N ASP A 4 16.25 -4.52 -18.57
CA ASP A 4 14.93 -3.90 -18.53
C ASP A 4 14.50 -3.65 -17.09
N PRO A 5 14.26 -2.39 -16.73
CA PRO A 5 13.83 -2.00 -15.40
C PRO A 5 12.31 -2.03 -15.24
N LEU A 6 11.65 -2.74 -16.15
CA LEU A 6 10.19 -2.84 -16.18
C LEU A 6 9.54 -1.52 -16.60
N PRO A 7 9.09 -1.44 -17.87
CA PRO A 7 8.40 -0.27 -18.39
C PRO A 7 6.96 -0.20 -17.89
N LYS A 8 6.45 -1.34 -17.44
CA LYS A 8 5.10 -1.41 -16.90
C LYS A 8 5.07 -0.77 -15.52
N TYR A 9 4.32 0.32 -15.39
CA TYR A 9 4.21 1.02 -14.12
C TYR A 9 3.41 0.19 -13.14
N TRP A 10 3.87 0.17 -11.90
CA TRP A 10 3.24 -0.59 -10.83
C TRP A 10 1.81 -0.11 -10.59
N SER A 11 1.00 -0.97 -9.98
CA SER A 11 -0.42 -0.70 -9.80
C SER A 11 -0.65 0.31 -8.69
N TYR A 12 0.28 0.37 -7.74
CA TYR A 12 0.16 1.30 -6.62
C TYR A 12 1.31 2.31 -6.66
N PRO A 13 0.97 3.61 -6.56
CA PRO A 13 1.96 4.70 -6.71
C PRO A 13 2.84 4.90 -5.48
N VAL A 14 3.83 5.79 -5.62
CA VAL A 14 4.73 6.12 -4.53
C VAL A 14 4.15 7.25 -3.69
N GLY A 15 4.27 7.14 -2.38
CA GLY A 15 3.72 8.15 -1.50
C GLY A 15 2.35 7.78 -0.99
N LEU A 16 1.83 6.67 -1.51
CA LEU A 16 0.51 6.20 -1.11
C LEU A 16 0.56 5.56 0.27
N ALA A 17 -0.36 5.98 1.13
CA ALA A 17 -0.47 5.40 2.46
C ALA A 17 -1.27 4.11 2.42
N VAL A 18 -0.64 3.03 2.82
CA VAL A 18 -1.27 1.72 2.79
C VAL A 18 -1.18 1.07 4.15
N GLU A 19 -2.20 0.30 4.52
CA GLU A 19 -2.16 -0.42 5.77
C GLU A 19 -1.83 -1.88 5.53
N ILE A 20 -1.12 -2.48 6.46
CA ILE A 20 -0.80 -3.89 6.37
C ILE A 20 -2.04 -4.71 6.63
N ASN A 21 -2.65 -5.20 5.57
CA ASN A 21 -3.89 -5.94 5.70
C ASN A 21 -3.64 -7.30 6.33
N ASN A 22 -4.70 -7.89 6.83
CA ASN A 22 -4.63 -9.17 7.53
C ASN A 22 -4.48 -10.33 6.57
N ASN A 23 -3.93 -10.02 5.41
CA ASN A 23 -3.63 -11.01 4.39
C ASN A 23 -2.16 -11.40 4.53
N ALA A 24 -1.37 -10.46 5.02
CA ALA A 24 0.06 -10.67 5.23
C ALA A 24 0.31 -11.53 6.46
N ARG A 25 -0.75 -11.83 7.21
CA ARG A 25 -0.64 -12.63 8.43
C ARG A 25 -0.12 -14.03 8.14
N TYR A 26 -0.28 -14.46 6.89
CA TYR A 26 0.11 -15.80 6.49
C TYR A 26 1.57 -15.82 6.04
N GLY A 27 2.12 -14.64 5.75
CA GLY A 27 3.50 -14.55 5.31
C GLY A 27 4.38 -13.84 6.31
N CYS A 28 3.76 -13.35 7.38
CA CYS A 28 4.45 -12.63 8.43
C CYS A 28 3.53 -12.55 9.64
N PRO A 29 3.55 -13.60 10.46
CA PRO A 29 2.57 -13.80 11.54
C PRO A 29 2.55 -12.67 12.57
N HIS A 30 1.36 -12.14 12.81
CA HIS A 30 1.13 -11.11 13.83
C HIS A 30 2.06 -9.91 13.65
N HIS A 31 2.27 -9.51 12.42
CA HIS A 31 3.05 -8.31 12.11
C HIS A 31 2.22 -7.33 11.29
N VAL A 32 0.91 -7.49 11.35
CA VAL A 32 0.01 -6.66 10.56
C VAL A 32 -0.62 -5.56 11.42
N GLY A 33 -1.41 -4.71 10.79
CA GLY A 33 -2.05 -3.62 11.51
C GLY A 33 -1.20 -2.37 11.55
N ARG A 34 -0.21 -2.30 10.67
CA ARG A 34 0.68 -1.15 10.61
C ARG A 34 0.33 -0.28 9.41
N LYS A 35 0.34 1.01 9.60
CA LYS A 35 0.11 1.93 8.49
C LYS A 35 1.44 2.43 7.96
N GLY A 36 1.67 2.23 6.67
CA GLY A 36 2.94 2.61 6.08
C GLY A 36 2.76 3.37 4.79
N LYS A 37 3.87 3.83 4.24
CA LYS A 37 3.85 4.58 2.99
C LYS A 37 4.83 3.98 2.00
N ILE A 38 4.35 3.66 0.80
CA ILE A 38 5.18 3.08 -0.24
C ILE A 38 6.20 4.11 -0.71
N ILE A 39 7.48 3.75 -0.62
CA ILE A 39 8.54 4.70 -0.91
C ILE A 39 9.40 4.27 -2.10
N GLU A 40 9.15 3.08 -2.61
CA GLU A 40 9.94 2.56 -3.72
C GLU A 40 9.21 1.43 -4.44
N HIS A 41 9.58 1.20 -5.70
CA HIS A 41 9.04 0.09 -6.46
C HIS A 41 10.15 -0.93 -6.74
N LEU A 42 9.84 -2.19 -6.54
CA LEU A 42 10.85 -3.23 -6.69
C LEU A 42 10.68 -3.97 -8.01
N HIS A 43 11.76 -4.07 -8.77
CA HIS A 43 11.72 -4.84 -10.01
C HIS A 43 11.96 -6.32 -9.68
N SER A 44 10.90 -6.99 -9.27
CA SER A 44 10.98 -8.37 -8.83
C SER A 44 9.63 -9.06 -9.00
N ALA A 45 9.57 -10.34 -8.67
CA ALA A 45 8.33 -11.09 -8.70
C ALA A 45 8.05 -11.62 -7.31
N THR A 46 8.96 -11.31 -6.39
CA THR A 46 8.85 -11.73 -5.02
C THR A 46 8.23 -10.61 -4.18
N TYR A 47 8.62 -9.38 -4.49
CA TYR A 47 8.08 -8.20 -3.82
C TYR A 47 7.82 -7.12 -4.85
N ASP A 48 6.68 -6.45 -4.74
CA ASP A 48 6.34 -5.40 -5.70
C ASP A 48 6.75 -4.03 -5.16
N TYR A 49 6.54 -3.81 -3.87
CA TYR A 49 6.69 -2.48 -3.29
C TYR A 49 7.54 -2.50 -2.04
N ALA A 50 8.16 -1.36 -1.75
CA ALA A 50 8.90 -1.18 -0.51
C ALA A 50 8.18 -0.14 0.34
N VAL A 51 7.69 -0.58 1.49
CA VAL A 51 6.85 0.26 2.33
C VAL A 51 7.60 0.70 3.57
N SER A 52 7.48 1.97 3.92
CA SER A 52 8.03 2.48 5.16
C SER A 52 6.91 2.57 6.19
N ASP A 53 6.91 1.62 7.12
CA ASP A 53 5.87 1.50 8.13
C ASP A 53 5.94 2.62 9.15
N GLU A 54 4.87 2.75 9.93
CA GLU A 54 4.77 3.75 10.98
C GLU A 54 5.80 3.51 12.08
N THR A 55 6.27 2.27 12.18
CA THR A 55 7.26 1.90 13.17
C THR A 55 8.67 2.23 12.70
N GLY A 56 8.78 2.69 11.46
CA GLY A 56 10.08 3.01 10.90
C GLY A 56 10.67 1.84 10.15
N ASP A 57 9.85 0.84 9.87
CA ASP A 57 10.28 -0.33 9.12
C ASP A 57 10.29 -0.05 7.64
N ILE A 58 11.29 -0.59 6.95
CA ILE A 58 11.27 -0.61 5.50
C ILE A 58 11.02 -2.04 5.05
N THR A 59 9.75 -2.40 4.92
CA THR A 59 9.37 -3.77 4.66
C THR A 59 8.93 -3.92 3.21
N TYR A 60 9.28 -5.03 2.61
CA TYR A 60 8.95 -5.27 1.22
C TYR A 60 7.75 -6.20 1.13
N PHE A 61 6.75 -5.77 0.38
CA PHE A 61 5.53 -6.55 0.25
C PHE A 61 5.10 -6.64 -1.20
N LYS A 62 4.03 -7.40 -1.44
CA LYS A 62 3.47 -7.50 -2.77
C LYS A 62 2.20 -6.68 -2.87
N GLU A 63 1.69 -6.61 -4.08
CA GLU A 63 0.49 -5.84 -4.42
C GLU A 63 -0.68 -6.09 -3.48
N HIS A 64 -0.92 -7.35 -3.13
CA HIS A 64 -2.11 -7.72 -2.37
C HIS A 64 -1.84 -7.78 -0.87
N GLU A 65 -0.62 -7.47 -0.48
CA GLU A 65 -0.27 -7.42 0.94
C GLU A 65 -0.44 -6.01 1.47
N LEU A 66 -0.84 -5.11 0.59
CA LEU A 66 -1.01 -3.71 0.94
C LEU A 66 -2.41 -3.23 0.59
N THR A 67 -3.09 -2.64 1.56
CA THR A 67 -4.40 -2.06 1.32
C THR A 67 -4.32 -0.54 1.40
N PRO A 68 -4.60 0.16 0.29
CA PRO A 68 -4.54 1.62 0.22
C PRO A 68 -5.58 2.29 1.12
N LEU A 69 -5.13 3.23 1.93
CA LEU A 69 -6.03 4.00 2.77
C LEU A 69 -6.78 5.02 1.92
N LYS A 70 -7.95 4.64 1.44
CA LYS A 70 -8.76 5.50 0.60
C LYS A 70 -9.26 6.69 1.39
N GLY A 71 -10.28 6.45 2.19
CA GLY A 71 -10.81 7.49 3.05
C GLY A 71 -10.38 7.29 4.49
N GLY A 72 -9.36 6.46 4.67
CA GLY A 72 -8.89 6.13 6.00
C GLY A 72 -9.76 5.06 6.64
N LEU A 73 -10.93 5.48 7.11
CA LEU A 73 -11.93 4.58 7.70
C LEU A 73 -11.44 3.98 9.02
N ALA A 74 -10.36 4.54 9.55
CA ALA A 74 -9.82 4.08 10.81
C ALA A 74 -10.61 4.68 11.97
N TYR A 75 -11.76 4.09 12.24
CA TYR A 75 -12.67 4.61 13.26
C TYR A 75 -13.74 3.57 13.59
N VAL A 76 -14.22 2.89 12.55
CA VAL A 76 -15.26 1.89 12.72
C VAL A 76 -14.68 0.50 12.50
N LEU A 77 -14.82 -0.37 13.50
CA LEU A 77 -14.35 -1.74 13.40
C LEU A 77 -15.53 -2.63 13.01
N GLU A 78 -16.40 -2.89 13.97
CA GLU A 78 -17.60 -3.65 13.73
C GLU A 78 -18.83 -2.96 14.32
N HIS A 79 -19.38 -2.03 13.56
CA HIS A 79 -20.58 -1.32 13.97
C HIS A 79 -21.67 -1.55 12.94
N HIS A 80 -22.72 -2.25 13.34
CA HIS A 80 -23.73 -2.73 12.41
C HIS A 80 -24.43 -1.57 11.70
N HIS A 81 -24.97 -0.63 12.49
CA HIS A 81 -25.64 0.56 11.95
C HIS A 81 -26.84 0.18 11.09
N HIS A 82 -28.00 0.01 11.71
CA HIS A 82 -29.21 -0.29 10.97
C HIS A 82 -30.35 0.60 11.44
N HIS A 83 -30.34 1.84 10.97
CA HIS A 83 -31.42 2.78 11.23
C HIS A 83 -31.74 3.51 9.93
N HIS A 84 -30.84 4.39 9.53
CA HIS A 84 -30.94 5.10 8.27
C HIS A 84 -29.63 5.84 8.01
N MET A 1 -8.00 4.75 -31.51
CA MET A 1 -8.91 5.12 -30.40
C MET A 1 -8.74 4.15 -29.25
N ALA A 2 -8.88 4.65 -28.03
CA ALA A 2 -8.70 3.83 -26.84
C ALA A 2 -10.00 3.66 -26.09
N GLY A 3 -10.17 2.50 -25.47
CA GLY A 3 -11.34 2.23 -24.67
C GLY A 3 -11.01 2.27 -23.20
N ASP A 4 -11.49 1.28 -22.46
CA ASP A 4 -11.17 1.15 -21.05
C ASP A 4 -10.20 -0.02 -20.83
N PRO A 5 -8.91 0.30 -20.67
CA PRO A 5 -7.87 -0.70 -20.49
C PRO A 5 -7.62 -1.05 -19.02
N LEU A 6 -6.98 -2.18 -18.79
CA LEU A 6 -6.62 -2.59 -17.44
C LEU A 6 -5.11 -2.60 -17.28
N PRO A 7 -4.56 -1.60 -16.57
CA PRO A 7 -3.13 -1.48 -16.36
C PRO A 7 -2.65 -2.27 -15.16
N LYS A 8 -2.23 -3.51 -15.37
CA LYS A 8 -1.69 -4.31 -14.30
C LYS A 8 -0.18 -4.15 -14.20
N TYR A 9 0.22 -3.07 -13.54
CA TYR A 9 1.62 -2.75 -13.31
C TYR A 9 1.76 -2.25 -11.89
N TRP A 10 2.54 -1.21 -11.67
CA TRP A 10 2.60 -0.56 -10.37
C TRP A 10 1.37 0.30 -10.18
N SER A 11 0.30 -0.33 -9.71
CA SER A 11 -0.97 0.37 -9.53
C SER A 11 -0.97 1.16 -8.23
N TYR A 12 0.02 0.92 -7.40
CA TYR A 12 0.18 1.67 -6.16
C TYR A 12 1.38 2.60 -6.26
N PRO A 13 1.13 3.90 -6.51
CA PRO A 13 2.18 4.90 -6.70
C PRO A 13 2.97 5.17 -5.42
N VAL A 14 4.17 5.71 -5.58
CA VAL A 14 4.99 6.07 -4.44
C VAL A 14 4.41 7.30 -3.75
N GLY A 15 4.32 7.23 -2.43
CA GLY A 15 3.73 8.31 -1.66
C GLY A 15 2.34 7.97 -1.19
N LEU A 16 1.81 6.86 -1.71
CA LEU A 16 0.49 6.39 -1.34
C LEU A 16 0.52 5.72 0.02
N ALA A 17 -0.43 6.09 0.87
CA ALA A 17 -0.56 5.50 2.19
C ALA A 17 -1.32 4.19 2.10
N VAL A 18 -0.71 3.13 2.60
CA VAL A 18 -1.29 1.79 2.53
C VAL A 18 -1.11 1.08 3.87
N GLU A 19 -1.99 0.14 4.14
CA GLU A 19 -1.85 -0.68 5.33
C GLU A 19 -1.48 -2.10 4.94
N ILE A 20 -0.88 -2.82 5.87
CA ILE A 20 -0.45 -4.19 5.62
C ILE A 20 -1.65 -5.12 5.65
N ASN A 21 -1.80 -5.91 4.59
CA ASN A 21 -2.95 -6.80 4.43
C ASN A 21 -2.71 -8.09 5.20
N ASN A 22 -3.75 -8.92 5.29
CA ASN A 22 -3.70 -10.14 6.09
C ASN A 22 -2.99 -11.27 5.34
N ASN A 23 -2.14 -10.87 4.41
CA ASN A 23 -1.42 -11.82 3.57
C ASN A 23 0.07 -11.74 3.84
N ALA A 24 0.47 -10.72 4.59
CA ALA A 24 1.89 -10.49 4.88
C ALA A 24 2.30 -11.14 6.19
N ARG A 25 1.41 -11.95 6.75
CA ARG A 25 1.70 -12.62 8.02
C ARG A 25 2.76 -13.69 7.83
N TYR A 26 2.76 -14.30 6.65
CA TYR A 26 3.72 -15.34 6.33
C TYR A 26 5.10 -14.74 6.07
N GLY A 27 5.12 -13.50 5.59
CA GLY A 27 6.37 -12.83 5.32
C GLY A 27 6.92 -12.13 6.53
N CYS A 28 6.03 -11.51 7.29
CA CYS A 28 6.40 -10.81 8.52
C CYS A 28 5.27 -10.95 9.53
N PRO A 29 5.34 -11.99 10.37
CA PRO A 29 4.28 -12.27 11.34
C PRO A 29 4.23 -11.21 12.45
N HIS A 30 3.02 -10.97 12.95
CA HIS A 30 2.79 -9.98 14.01
C HIS A 30 3.09 -8.57 13.49
N HIS A 31 2.93 -8.40 12.19
CA HIS A 31 3.14 -7.10 11.57
C HIS A 31 1.94 -6.77 10.69
N VAL A 32 0.89 -7.58 10.81
CA VAL A 32 -0.30 -7.42 10.01
C VAL A 32 -1.22 -6.36 10.61
N GLY A 33 -1.83 -5.54 9.76
CA GLY A 33 -2.72 -4.51 10.23
C GLY A 33 -1.99 -3.21 10.49
N ARG A 34 -0.70 -3.20 10.23
CA ARG A 34 0.13 -2.02 10.43
C ARG A 34 -0.08 -1.02 9.31
N LYS A 35 0.41 0.19 9.50
CA LYS A 35 0.22 1.26 8.54
C LYS A 35 1.57 1.72 8.03
N GLY A 36 1.65 2.01 6.74
CA GLY A 36 2.90 2.44 6.14
C GLY A 36 2.69 3.26 4.88
N LYS A 37 3.79 3.59 4.23
CA LYS A 37 3.73 4.34 2.99
C LYS A 37 4.73 3.79 1.98
N ILE A 38 4.29 3.61 0.75
CA ILE A 38 5.13 3.08 -0.31
C ILE A 38 6.16 4.13 -0.73
N ILE A 39 7.43 3.79 -0.61
CA ILE A 39 8.51 4.73 -0.89
C ILE A 39 9.27 4.37 -2.15
N GLU A 40 9.19 3.11 -2.55
CA GLU A 40 9.93 2.64 -3.71
C GLU A 40 9.16 1.57 -4.46
N HIS A 41 9.37 1.53 -5.77
CA HIS A 41 8.85 0.45 -6.60
C HIS A 41 9.96 -0.52 -6.92
N LEU A 42 9.73 -1.79 -6.63
CA LEU A 42 10.74 -2.81 -6.87
C LEU A 42 10.51 -3.45 -8.23
N HIS A 43 11.22 -4.52 -8.51
CA HIS A 43 11.09 -5.25 -9.75
C HIS A 43 11.11 -6.74 -9.48
N SER A 44 10.41 -7.14 -8.43
CA SER A 44 10.46 -8.51 -7.94
C SER A 44 9.11 -9.20 -8.10
N ALA A 45 9.14 -10.52 -8.08
CA ALA A 45 7.93 -11.31 -8.24
C ALA A 45 7.46 -11.82 -6.88
N THR A 46 8.30 -11.65 -5.87
CA THR A 46 7.95 -12.04 -4.52
C THR A 46 7.36 -10.87 -3.76
N TYR A 47 8.08 -9.75 -3.79
CA TYR A 47 7.66 -8.52 -3.14
C TYR A 47 8.10 -7.35 -4.00
N ASP A 48 7.15 -6.53 -4.44
CA ASP A 48 7.43 -5.57 -5.51
C ASP A 48 7.27 -4.13 -5.05
N TYR A 49 6.96 -3.95 -3.77
CA TYR A 49 6.79 -2.61 -3.22
C TYR A 49 7.59 -2.46 -1.95
N ALA A 50 8.14 -1.27 -1.73
CA ALA A 50 8.89 -0.99 -0.52
C ALA A 50 8.09 -0.04 0.35
N VAL A 51 7.67 -0.52 1.51
CA VAL A 51 6.79 0.24 2.37
C VAL A 51 7.48 0.59 3.68
N SER A 52 7.45 1.87 4.03
CA SER A 52 8.02 2.32 5.28
C SER A 52 6.93 2.32 6.35
N ASP A 53 7.07 1.43 7.31
CA ASP A 53 6.13 1.31 8.42
C ASP A 53 6.28 2.53 9.33
N GLU A 54 5.23 2.87 10.08
CA GLU A 54 5.27 4.02 10.96
C GLU A 54 6.27 3.85 12.10
N THR A 55 6.79 2.64 12.26
CA THR A 55 7.87 2.39 13.20
C THR A 55 9.20 2.85 12.61
N GLY A 56 9.15 3.24 11.35
CA GLY A 56 10.35 3.71 10.67
C GLY A 56 11.13 2.57 10.03
N ASP A 57 10.48 1.42 9.89
CA ASP A 57 11.12 0.26 9.29
C ASP A 57 10.73 0.12 7.83
N ILE A 58 11.70 -0.18 6.98
CA ILE A 58 11.45 -0.34 5.55
C ILE A 58 11.29 -1.81 5.21
N THR A 59 10.06 -2.22 4.98
CA THR A 59 9.78 -3.61 4.67
C THR A 59 9.25 -3.73 3.25
N TYR A 60 9.55 -4.85 2.60
CA TYR A 60 9.12 -5.07 1.23
C TYR A 60 7.84 -5.90 1.21
N PHE A 61 6.85 -5.43 0.48
CA PHE A 61 5.56 -6.09 0.42
C PHE A 61 5.14 -6.33 -1.02
N LYS A 62 4.06 -7.09 -1.18
CA LYS A 62 3.53 -7.41 -2.49
C LYS A 62 2.28 -6.57 -2.73
N GLU A 63 1.86 -6.46 -3.99
CA GLU A 63 0.73 -5.62 -4.36
C GLU A 63 -0.56 -6.06 -3.66
N HIS A 64 -0.71 -7.35 -3.42
CA HIS A 64 -1.91 -7.86 -2.78
C HIS A 64 -1.74 -7.89 -1.25
N GLU A 65 -0.51 -7.71 -0.80
CA GLU A 65 -0.20 -7.72 0.62
C GLU A 65 -0.38 -6.33 1.21
N LEU A 66 -0.99 -5.45 0.43
CA LEU A 66 -1.21 -4.08 0.86
C LEU A 66 -2.65 -3.65 0.59
N THR A 67 -3.14 -2.74 1.39
CA THR A 67 -4.47 -2.16 1.16
C THR A 67 -4.39 -0.63 1.22
N PRO A 68 -4.78 0.04 0.12
CA PRO A 68 -4.74 1.51 0.02
C PRO A 68 -5.76 2.19 0.92
N LEU A 69 -5.35 3.26 1.58
CA LEU A 69 -6.20 3.95 2.54
C LEU A 69 -7.07 5.02 1.87
N LYS A 70 -8.22 4.59 1.35
CA LYS A 70 -9.30 5.48 0.87
C LYS A 70 -8.96 6.26 -0.41
N GLY A 71 -7.68 6.58 -0.61
CA GLY A 71 -7.26 7.41 -1.73
C GLY A 71 -7.84 7.00 -3.07
N GLY A 72 -7.74 5.73 -3.41
CA GLY A 72 -8.27 5.26 -4.69
C GLY A 72 -9.62 4.61 -4.54
N LEU A 73 -10.29 4.88 -3.43
CA LEU A 73 -11.59 4.28 -3.15
C LEU A 73 -12.68 5.34 -3.20
N ALA A 74 -12.43 6.49 -2.60
CA ALA A 74 -13.40 7.58 -2.56
C ALA A 74 -13.25 8.51 -3.76
N TYR A 75 -12.75 7.96 -4.86
CA TYR A 75 -12.48 8.74 -6.05
C TYR A 75 -13.76 8.97 -6.86
N VAL A 76 -14.65 7.98 -6.85
CA VAL A 76 -15.87 8.04 -7.64
C VAL A 76 -17.05 8.49 -6.80
N LEU A 77 -17.79 9.48 -7.28
CA LEU A 77 -18.98 9.98 -6.59
C LEU A 77 -20.17 10.05 -7.54
N GLU A 78 -20.96 9.00 -7.55
CA GLU A 78 -22.16 8.95 -8.37
C GLU A 78 -23.25 8.19 -7.62
N HIS A 79 -22.97 6.93 -7.31
CA HIS A 79 -23.91 6.10 -6.56
C HIS A 79 -23.81 6.41 -5.06
N HIS A 80 -23.78 7.69 -4.73
CA HIS A 80 -23.72 8.15 -3.35
C HIS A 80 -25.05 7.85 -2.66
N HIS A 81 -26.10 7.76 -3.46
CA HIS A 81 -27.42 7.38 -2.98
C HIS A 81 -28.12 6.58 -4.06
N HIS A 82 -29.16 5.86 -3.70
CA HIS A 82 -29.86 5.01 -4.66
C HIS A 82 -30.89 5.82 -5.43
N HIS A 83 -30.76 5.87 -6.74
CA HIS A 83 -31.73 6.54 -7.59
C HIS A 83 -32.12 5.63 -8.74
N HIS A 84 -33.35 5.16 -8.72
CA HIS A 84 -33.87 4.32 -9.78
C HIS A 84 -35.36 4.50 -9.90
N MET A 1 -1.08 2.88 -34.49
CA MET A 1 -1.39 3.19 -33.07
C MET A 1 -0.85 2.12 -32.14
N ALA A 2 0.12 1.35 -32.60
CA ALA A 2 0.68 0.27 -31.80
C ALA A 2 2.11 0.57 -31.41
N GLY A 3 2.28 1.15 -30.22
CA GLY A 3 3.61 1.46 -29.73
C GLY A 3 3.81 0.98 -28.31
N ASP A 4 4.64 1.68 -27.56
CA ASP A 4 4.92 1.32 -26.18
C ASP A 4 4.45 2.42 -25.22
N PRO A 5 3.28 2.22 -24.61
CA PRO A 5 2.75 3.15 -23.61
C PRO A 5 3.30 2.83 -22.21
N LEU A 6 4.15 1.80 -22.16
CA LEU A 6 4.74 1.32 -20.91
C LEU A 6 3.67 0.86 -19.92
N PRO A 7 3.28 -0.42 -20.00
CA PRO A 7 2.34 -1.02 -19.05
C PRO A 7 3.00 -1.16 -17.68
N LYS A 8 2.79 -0.17 -16.83
CA LYS A 8 3.42 -0.15 -15.52
C LYS A 8 3.02 -1.37 -14.69
N TYR A 9 4.01 -2.01 -14.11
CA TYR A 9 3.80 -3.22 -13.34
C TYR A 9 3.45 -2.89 -11.90
N TRP A 10 3.25 -1.60 -11.64
CA TRP A 10 2.95 -1.13 -10.29
C TRP A 10 1.64 -0.38 -10.28
N SER A 11 0.64 -0.96 -9.64
CA SER A 11 -0.68 -0.35 -9.56
C SER A 11 -0.72 0.70 -8.46
N TYR A 12 0.11 0.52 -7.43
CA TYR A 12 0.19 1.51 -6.35
C TYR A 12 1.45 2.37 -6.53
N PRO A 13 1.28 3.70 -6.57
CA PRO A 13 2.40 4.64 -6.76
C PRO A 13 3.19 4.90 -5.48
N VAL A 14 4.30 5.62 -5.64
CA VAL A 14 5.11 6.03 -4.49
C VAL A 14 4.47 7.22 -3.79
N GLY A 15 4.52 7.23 -2.47
CA GLY A 15 3.91 8.29 -1.72
C GLY A 15 2.51 7.92 -1.27
N LEU A 16 2.12 6.69 -1.53
CA LEU A 16 0.81 6.20 -1.15
C LEU A 16 0.89 5.50 0.19
N ALA A 17 -0.02 5.86 1.09
CA ALA A 17 -0.08 5.23 2.40
C ALA A 17 -0.98 4.00 2.34
N VAL A 18 -0.46 2.87 2.78
CA VAL A 18 -1.18 1.61 2.74
C VAL A 18 -1.09 0.89 4.08
N GLU A 19 -2.06 0.06 4.37
CA GLU A 19 -2.02 -0.76 5.57
C GLU A 19 -1.70 -2.20 5.20
N ILE A 20 -0.91 -2.86 6.04
CA ILE A 20 -0.47 -4.22 5.78
C ILE A 20 -1.42 -5.22 6.41
N ASN A 21 -2.05 -6.04 5.58
CA ASN A 21 -2.96 -7.08 6.06
C ASN A 21 -2.17 -8.21 6.70
N ASN A 22 -2.81 -8.97 7.58
CA ASN A 22 -2.13 -10.04 8.30
C ASN A 22 -1.94 -11.28 7.42
N ASN A 23 -1.94 -11.05 6.13
CA ASN A 23 -1.74 -12.12 5.16
C ASN A 23 -0.26 -12.15 4.76
N ALA A 24 0.44 -11.07 5.08
CA ALA A 24 1.87 -10.95 4.78
C ALA A 24 2.72 -11.57 5.89
N ARG A 25 2.17 -12.59 6.52
CA ARG A 25 2.81 -13.29 7.64
C ARG A 25 4.16 -13.90 7.21
N TYR A 26 4.29 -14.19 5.93
CA TYR A 26 5.51 -14.83 5.41
C TYR A 26 6.52 -13.78 4.97
N GLY A 27 6.08 -12.54 4.88
CA GLY A 27 6.98 -11.46 4.51
C GLY A 27 7.79 -11.01 5.70
N CYS A 28 7.08 -10.58 6.74
CA CYS A 28 7.68 -10.12 7.98
C CYS A 28 6.61 -10.03 9.04
N PRO A 29 6.58 -10.99 9.97
CA PRO A 29 5.64 -10.97 11.07
C PRO A 29 5.97 -9.86 12.07
N HIS A 30 5.04 -9.58 12.97
CA HIS A 30 5.16 -8.43 13.90
C HIS A 30 5.15 -7.13 13.11
N HIS A 31 4.55 -7.17 11.94
CA HIS A 31 4.51 -6.01 11.05
C HIS A 31 3.16 -5.97 10.32
N VAL A 32 2.26 -6.88 10.68
CA VAL A 32 0.95 -6.95 10.06
C VAL A 32 -0.09 -6.24 10.92
N GLY A 33 -1.07 -5.62 10.27
CA GLY A 33 -2.01 -4.78 10.99
C GLY A 33 -1.40 -3.42 11.26
N ARG A 34 -0.54 -3.01 10.35
CA ARG A 34 0.26 -1.80 10.50
C ARG A 34 0.02 -0.89 9.29
N LYS A 35 0.52 0.35 9.34
CA LYS A 35 0.35 1.27 8.22
C LYS A 35 1.71 1.83 7.81
N GLY A 36 1.95 1.86 6.51
CA GLY A 36 3.20 2.38 6.01
C GLY A 36 3.00 3.13 4.71
N LYS A 37 4.08 3.64 4.16
CA LYS A 37 4.02 4.36 2.90
C LYS A 37 4.99 3.76 1.90
N ILE A 38 4.51 3.53 0.68
CA ILE A 38 5.35 3.00 -0.39
C ILE A 38 6.35 4.05 -0.83
N ILE A 39 7.62 3.78 -0.63
CA ILE A 39 8.67 4.73 -0.96
C ILE A 39 9.42 4.33 -2.22
N GLU A 40 9.42 3.03 -2.51
CA GLU A 40 10.18 2.50 -3.64
C GLU A 40 9.36 1.48 -4.42
N HIS A 41 9.64 1.38 -5.71
CA HIS A 41 9.02 0.38 -6.56
C HIS A 41 10.02 -0.71 -6.90
N LEU A 42 9.65 -1.95 -6.64
CA LEU A 42 10.56 -3.07 -6.88
C LEU A 42 10.18 -3.80 -8.16
N HIS A 43 11.18 -4.19 -8.93
CA HIS A 43 10.95 -4.95 -10.14
C HIS A 43 11.26 -6.43 -9.86
N SER A 44 10.97 -6.83 -8.64
CA SER A 44 11.15 -8.20 -8.21
C SER A 44 9.96 -9.05 -8.66
N ALA A 45 10.03 -10.34 -8.41
CA ALA A 45 8.94 -11.24 -8.72
C ALA A 45 8.37 -11.75 -7.42
N THR A 46 8.98 -11.27 -6.34
CA THR A 46 8.64 -11.68 -5.00
C THR A 46 7.90 -10.56 -4.27
N TYR A 47 8.30 -9.32 -4.52
CA TYR A 47 7.68 -8.16 -3.89
C TYR A 47 7.51 -7.03 -4.90
N ASP A 48 6.37 -6.33 -4.80
CA ASP A 48 6.06 -5.24 -5.70
C ASP A 48 6.62 -3.92 -5.16
N TYR A 49 6.50 -3.72 -3.86
CA TYR A 49 6.76 -2.40 -3.27
C TYR A 49 7.62 -2.48 -2.02
N ALA A 50 8.19 -1.35 -1.65
CA ALA A 50 8.91 -1.21 -0.39
C ALA A 50 8.16 -0.23 0.50
N VAL A 51 7.69 -0.73 1.64
CA VAL A 51 6.83 0.04 2.52
C VAL A 51 7.58 0.48 3.78
N SER A 52 7.60 1.78 4.03
CA SER A 52 8.16 2.33 5.25
C SER A 52 7.03 2.67 6.22
N ASP A 53 6.93 1.92 7.31
CA ASP A 53 5.82 2.06 8.23
C ASP A 53 5.97 3.26 9.15
N GLU A 54 4.92 3.54 9.92
CA GLU A 54 4.90 4.66 10.85
C GLU A 54 6.03 4.56 11.87
N THR A 55 6.44 3.34 12.17
CA THR A 55 7.42 3.10 13.21
C THR A 55 8.85 3.25 12.69
N GLY A 56 9.01 3.44 11.38
CA GLY A 56 10.31 3.75 10.82
C GLY A 56 10.97 2.55 10.20
N ASP A 57 10.39 1.38 10.36
CA ASP A 57 10.93 0.17 9.80
C ASP A 57 10.34 -0.12 8.43
N ILE A 58 11.21 -0.53 7.52
CA ILE A 58 10.83 -0.75 6.12
C ILE A 58 10.74 -2.24 5.80
N THR A 59 9.66 -2.63 5.15
CA THR A 59 9.49 -4.01 4.73
C THR A 59 8.96 -4.06 3.30
N TYR A 60 9.39 -5.05 2.54
CA TYR A 60 8.95 -5.21 1.16
C TYR A 60 7.67 -6.03 1.13
N PHE A 61 6.72 -5.61 0.31
CA PHE A 61 5.43 -6.28 0.23
C PHE A 61 4.93 -6.36 -1.22
N LYS A 62 3.82 -7.06 -1.40
CA LYS A 62 3.18 -7.16 -2.69
C LYS A 62 1.86 -6.41 -2.70
N GLU A 63 1.32 -6.17 -3.89
CA GLU A 63 0.05 -5.46 -4.03
C GLU A 63 -1.13 -6.36 -3.67
N HIS A 64 -0.83 -7.55 -3.19
CA HIS A 64 -1.85 -8.50 -2.78
C HIS A 64 -2.09 -8.39 -1.27
N GLU A 65 -1.14 -7.79 -0.57
CA GLU A 65 -1.20 -7.72 0.90
C GLU A 65 -1.46 -6.29 1.38
N LEU A 66 -1.45 -5.34 0.47
CA LEU A 66 -1.55 -3.93 0.84
C LEU A 66 -2.92 -3.35 0.54
N THR A 67 -3.51 -2.70 1.52
CA THR A 67 -4.76 -1.99 1.35
C THR A 67 -4.53 -0.48 1.42
N PRO A 68 -4.83 0.25 0.34
CA PRO A 68 -4.66 1.71 0.30
C PRO A 68 -5.50 2.41 1.35
N LEU A 69 -4.90 3.36 2.05
CA LEU A 69 -5.59 4.10 3.10
C LEU A 69 -6.47 5.19 2.49
N LYS A 70 -7.31 5.79 3.33
CA LYS A 70 -8.23 6.83 2.89
C LYS A 70 -7.50 8.17 2.80
N GLY A 71 -7.82 8.93 1.77
CA GLY A 71 -7.21 10.23 1.57
C GLY A 71 -7.64 10.88 0.28
N GLY A 72 -8.85 11.42 0.28
CA GLY A 72 -9.40 11.99 -0.93
C GLY A 72 -10.10 13.32 -0.70
N LEU A 73 -11.26 13.28 -0.06
CA LEU A 73 -12.09 14.47 0.08
C LEU A 73 -11.95 15.13 1.45
N ALA A 74 -11.23 14.49 2.36
CA ALA A 74 -11.09 15.01 3.70
C ALA A 74 -9.77 15.75 3.85
N TYR A 75 -9.86 17.08 3.77
CA TYR A 75 -8.73 17.98 3.92
C TYR A 75 -7.84 17.96 2.68
N VAL A 76 -8.12 18.86 1.76
CA VAL A 76 -7.30 19.05 0.58
C VAL A 76 -7.27 20.54 0.22
N LEU A 77 -6.17 21.20 0.56
CA LEU A 77 -6.10 22.64 0.41
C LEU A 77 -4.90 23.05 -0.43
N GLU A 78 -5.19 23.46 -1.67
CA GLU A 78 -4.20 24.09 -2.53
C GLU A 78 -4.90 24.96 -3.56
N HIS A 79 -4.22 25.28 -4.65
CA HIS A 79 -4.74 26.27 -5.60
C HIS A 79 -5.95 25.75 -6.37
N HIS A 80 -7.14 26.15 -5.94
CA HIS A 80 -8.37 25.85 -6.67
C HIS A 80 -9.13 27.13 -6.93
N HIS A 81 -9.77 27.22 -8.09
CA HIS A 81 -10.61 28.36 -8.41
C HIS A 81 -12.08 27.96 -8.31
N HIS A 82 -12.67 28.16 -7.14
CA HIS A 82 -14.06 27.82 -6.90
C HIS A 82 -14.47 28.30 -5.51
N HIS A 83 -13.87 27.69 -4.50
CA HIS A 83 -14.12 28.04 -3.10
C HIS A 83 -12.91 27.62 -2.30
N HIS A 84 -11.76 27.71 -2.96
CA HIS A 84 -10.57 26.96 -2.59
C HIS A 84 -10.79 25.52 -3.05
N MET A 1 3.37 -17.78 -13.67
CA MET A 1 2.36 -17.13 -14.52
C MET A 1 1.74 -18.13 -15.48
N ALA A 2 2.44 -18.44 -16.57
CA ALA A 2 1.97 -19.39 -17.56
C ALA A 2 3.08 -19.74 -18.54
N GLY A 3 3.44 -18.80 -19.39
CA GLY A 3 4.51 -19.03 -20.34
C GLY A 3 5.52 -17.90 -20.34
N ASP A 4 5.32 -16.93 -21.20
CA ASP A 4 6.21 -15.79 -21.30
C ASP A 4 5.58 -14.57 -20.64
N PRO A 5 6.24 -14.03 -19.61
CA PRO A 5 5.71 -12.92 -18.80
C PRO A 5 5.36 -11.68 -19.62
N LEU A 6 4.17 -11.16 -19.39
CA LEU A 6 3.73 -9.92 -20.03
C LEU A 6 4.28 -8.73 -19.24
N PRO A 7 4.41 -7.55 -19.86
CA PRO A 7 4.90 -6.35 -19.19
C PRO A 7 4.03 -5.95 -18.00
N LYS A 8 4.50 -6.30 -16.82
CA LYS A 8 3.79 -5.97 -15.59
C LYS A 8 4.23 -4.62 -15.05
N TYR A 9 3.27 -3.82 -14.65
CA TYR A 9 3.56 -2.56 -14.01
C TYR A 9 3.03 -2.57 -12.58
N TRP A 10 3.09 -1.43 -11.91
CA TRP A 10 2.64 -1.34 -10.53
C TRP A 10 1.26 -0.70 -10.45
N SER A 11 0.42 -1.23 -9.58
CA SER A 11 -0.93 -0.75 -9.42
C SER A 11 -0.95 0.48 -8.50
N TYR A 12 -0.11 0.44 -7.46
CA TYR A 12 -0.07 1.51 -6.48
C TYR A 12 1.10 2.45 -6.76
N PRO A 13 0.85 3.77 -6.79
CA PRO A 13 1.89 4.78 -7.01
C PRO A 13 2.77 4.99 -5.77
N VAL A 14 3.94 5.58 -5.98
CA VAL A 14 4.83 5.93 -4.88
C VAL A 14 4.25 7.09 -4.09
N GLY A 15 4.36 7.03 -2.76
CA GLY A 15 3.83 8.08 -1.93
C GLY A 15 2.49 7.71 -1.33
N LEU A 16 1.89 6.64 -1.85
CA LEU A 16 0.60 6.20 -1.37
C LEU A 16 0.73 5.51 -0.02
N ALA A 17 0.04 6.04 0.98
CA ALA A 17 -0.02 5.43 2.29
C ALA A 17 -0.98 4.25 2.28
N VAL A 18 -0.48 3.09 2.66
CA VAL A 18 -1.26 1.87 2.65
C VAL A 18 -1.06 1.11 3.95
N GLU A 19 -2.04 0.32 4.33
CA GLU A 19 -1.89 -0.54 5.49
C GLU A 19 -1.59 -1.98 5.06
N ILE A 20 -0.67 -2.61 5.78
CA ILE A 20 -0.22 -3.96 5.47
C ILE A 20 -1.20 -5.00 6.03
N ASN A 21 -1.52 -6.01 5.22
CA ASN A 21 -2.51 -7.01 5.57
C ASN A 21 -1.85 -8.35 5.55
N ASN A 22 -0.53 -8.34 5.79
CA ASN A 22 0.32 -9.52 5.66
C ASN A 22 -0.24 -10.68 6.47
N ASN A 23 -1.08 -11.44 5.80
CA ASN A 23 -1.70 -12.65 6.36
C ASN A 23 -2.80 -12.28 7.36
N ALA A 24 -3.11 -10.99 7.43
CA ALA A 24 -4.07 -10.48 8.40
C ALA A 24 -5.51 -10.78 8.01
N ARG A 25 -5.93 -10.28 6.85
CA ARG A 25 -7.32 -10.42 6.42
C ARG A 25 -7.57 -11.80 5.82
N TYR A 26 -6.63 -12.70 6.04
CA TYR A 26 -6.74 -14.08 5.58
C TYR A 26 -5.66 -14.92 6.24
N GLY A 27 -5.92 -15.35 7.47
CA GLY A 27 -4.96 -16.15 8.20
C GLY A 27 -4.91 -15.80 9.67
N CYS A 28 -4.45 -14.60 9.98
CA CYS A 28 -4.33 -14.14 11.36
C CYS A 28 -4.80 -12.70 11.45
N PRO A 29 -6.06 -12.50 11.89
CA PRO A 29 -6.68 -11.17 11.90
C PRO A 29 -6.26 -10.33 13.10
N HIS A 30 -5.03 -10.56 13.53
CA HIS A 30 -4.41 -9.80 14.61
C HIS A 30 -2.99 -10.29 14.82
N HIS A 31 -2.06 -9.61 14.19
CA HIS A 31 -0.65 -9.97 14.28
C HIS A 31 0.19 -8.89 13.62
N VAL A 32 -0.28 -8.44 12.47
CA VAL A 32 0.31 -7.29 11.80
C VAL A 32 -0.59 -6.09 11.95
N GLY A 33 -0.50 -5.16 11.03
CA GLY A 33 -1.30 -3.96 11.10
C GLY A 33 -0.44 -2.73 11.16
N ARG A 34 0.31 -2.52 10.11
CA ARG A 34 1.16 -1.36 10.00
C ARG A 34 0.69 -0.45 8.88
N LYS A 35 0.42 0.79 9.22
CA LYS A 35 0.14 1.80 8.22
C LYS A 35 1.45 2.40 7.77
N GLY A 36 1.75 2.26 6.50
CA GLY A 36 3.01 2.73 5.98
C GLY A 36 2.86 3.43 4.65
N LYS A 37 3.96 3.81 4.06
CA LYS A 37 3.93 4.50 2.78
C LYS A 37 4.88 3.83 1.80
N ILE A 38 4.38 3.57 0.61
CA ILE A 38 5.19 2.98 -0.45
C ILE A 38 6.21 4.00 -0.95
N ILE A 39 7.49 3.71 -0.73
CA ILE A 39 8.55 4.65 -1.08
C ILE A 39 9.33 4.17 -2.30
N GLU A 40 9.19 2.90 -2.62
CA GLU A 40 9.97 2.30 -3.69
C GLU A 40 9.14 1.28 -4.47
N HIS A 41 9.22 1.36 -5.79
CA HIS A 41 8.62 0.37 -6.65
C HIS A 41 9.60 -0.75 -6.92
N LEU A 42 9.49 -1.82 -6.16
CA LEU A 42 10.36 -2.96 -6.30
C LEU A 42 10.02 -3.74 -7.55
N HIS A 43 11.02 -3.99 -8.36
CA HIS A 43 10.83 -4.75 -9.59
C HIS A 43 11.32 -6.18 -9.39
N SER A 44 10.45 -7.01 -8.87
CA SER A 44 10.79 -8.38 -8.53
C SER A 44 9.55 -9.27 -8.62
N ALA A 45 9.70 -10.54 -8.27
CA ALA A 45 8.59 -11.46 -8.26
C ALA A 45 8.25 -11.80 -6.82
N THR A 46 9.13 -11.35 -5.93
CA THR A 46 8.97 -11.59 -4.52
C THR A 46 8.26 -10.42 -3.86
N TYR A 47 8.66 -9.20 -4.26
CA TYR A 47 8.08 -7.98 -3.71
C TYR A 47 7.94 -6.95 -4.82
N ASP A 48 6.83 -6.23 -4.82
CA ASP A 48 6.61 -5.17 -5.82
C ASP A 48 6.72 -3.79 -5.19
N TYR A 49 6.68 -3.73 -3.86
CA TYR A 49 6.67 -2.44 -3.18
C TYR A 49 7.53 -2.48 -1.91
N ALA A 50 8.20 -1.36 -1.64
CA ALA A 50 8.94 -1.20 -0.41
C ALA A 50 8.22 -0.18 0.46
N VAL A 51 7.73 -0.63 1.61
CA VAL A 51 6.90 0.21 2.45
C VAL A 51 7.61 0.61 3.73
N SER A 52 7.57 1.88 4.07
CA SER A 52 8.07 2.35 5.35
C SER A 52 6.94 2.32 6.36
N ASP A 53 6.99 1.35 7.27
CA ASP A 53 5.89 1.13 8.20
C ASP A 53 5.85 2.20 9.28
N GLU A 54 4.70 2.31 9.94
CA GLU A 54 4.53 3.18 11.11
C GLU A 54 5.50 2.81 12.23
N THR A 55 6.10 1.63 12.14
CA THR A 55 7.06 1.17 13.13
C THR A 55 8.34 1.97 13.05
N GLY A 56 8.67 2.42 11.84
CA GLY A 56 9.90 3.15 11.62
C GLY A 56 10.85 2.41 10.70
N ASP A 57 10.55 1.14 10.45
CA ASP A 57 11.38 0.32 9.57
C ASP A 57 10.81 0.32 8.16
N ILE A 58 11.58 -0.25 7.23
CA ILE A 58 11.15 -0.37 5.85
C ILE A 58 11.05 -1.84 5.48
N THR A 59 9.85 -2.30 5.14
CA THR A 59 9.63 -3.69 4.84
C THR A 59 9.16 -3.85 3.39
N TYR A 60 9.54 -4.96 2.77
CA TYR A 60 9.19 -5.22 1.39
C TYR A 60 7.91 -6.05 1.33
N PHE A 61 6.99 -5.64 0.47
CA PHE A 61 5.72 -6.36 0.32
C PHE A 61 5.28 -6.38 -1.14
N LYS A 62 4.17 -7.06 -1.40
CA LYS A 62 3.54 -7.03 -2.71
C LYS A 62 2.16 -6.42 -2.60
N GLU A 63 1.62 -6.01 -3.74
CA GLU A 63 0.29 -5.41 -3.81
C GLU A 63 -0.81 -6.37 -3.39
N HIS A 64 -0.44 -7.63 -3.18
CA HIS A 64 -1.38 -8.67 -2.78
C HIS A 64 -1.99 -8.37 -1.41
N GLU A 65 -1.26 -7.67 -0.56
CA GLU A 65 -1.69 -7.45 0.81
C GLU A 65 -1.52 -5.99 1.23
N LEU A 66 -1.68 -5.10 0.26
CA LEU A 66 -1.57 -3.66 0.53
C LEU A 66 -2.89 -2.97 0.25
N THR A 67 -3.43 -2.32 1.26
CA THR A 67 -4.70 -1.61 1.11
C THR A 67 -4.51 -0.11 1.25
N PRO A 68 -4.85 0.65 0.20
CA PRO A 68 -4.78 2.11 0.24
C PRO A 68 -5.76 2.69 1.24
N LEU A 69 -5.36 3.77 1.89
CA LEU A 69 -6.21 4.43 2.86
C LEU A 69 -7.38 5.13 2.18
N LYS A 70 -8.34 5.60 2.97
CA LYS A 70 -9.57 6.17 2.45
C LYS A 70 -9.30 7.51 1.74
N GLY A 71 -8.36 8.27 2.27
CA GLY A 71 -8.02 9.56 1.70
C GLY A 71 -9.05 10.62 2.04
N GLY A 72 -10.22 10.50 1.45
CA GLY A 72 -11.29 11.44 1.71
C GLY A 72 -12.59 10.74 2.03
N LEU A 73 -13.40 11.37 2.86
CA LEU A 73 -14.69 10.80 3.27
C LEU A 73 -15.76 11.89 3.24
N ALA A 74 -15.60 12.84 2.34
CA ALA A 74 -16.46 14.02 2.30
C ALA A 74 -17.76 13.76 1.55
N TYR A 75 -17.96 12.52 1.11
CA TYR A 75 -19.18 12.17 0.41
C TYR A 75 -20.31 11.95 1.40
N VAL A 76 -19.98 11.38 2.54
CA VAL A 76 -20.98 11.06 3.55
C VAL A 76 -21.05 12.14 4.63
N LEU A 77 -19.90 12.44 5.25
CA LEU A 77 -19.82 13.40 6.37
C LEU A 77 -21.00 13.25 7.33
N GLU A 78 -21.90 14.22 7.32
CA GLU A 78 -23.11 14.16 8.10
C GLU A 78 -24.12 15.17 7.57
N HIS A 79 -25.04 14.69 6.74
CA HIS A 79 -26.04 15.56 6.11
C HIS A 79 -27.32 15.58 6.93
N HIS A 80 -28.02 14.45 6.96
CA HIS A 80 -29.22 14.33 7.75
C HIS A 80 -28.94 13.45 8.96
N HIS A 81 -28.29 12.31 8.70
CA HIS A 81 -27.86 11.40 9.76
C HIS A 81 -29.06 10.85 10.52
N HIS A 82 -30.18 10.68 9.82
CA HIS A 82 -31.40 10.22 10.45
C HIS A 82 -31.40 8.70 10.56
N HIS A 83 -30.66 8.20 11.55
CA HIS A 83 -30.58 6.76 11.79
C HIS A 83 -30.25 6.48 13.25
N HIS A 84 -31.25 6.05 13.99
CA HIS A 84 -31.07 5.68 15.38
C HIS A 84 -31.81 4.38 15.67
N MET A 1 3.38 15.60 -14.01
CA MET A 1 4.51 16.08 -14.83
C MET A 1 5.37 14.90 -15.30
N ALA A 2 5.87 14.99 -16.52
CA ALA A 2 6.72 13.95 -17.08
C ALA A 2 7.57 14.52 -18.21
N GLY A 3 8.81 14.83 -17.91
CA GLY A 3 9.70 15.39 -18.91
C GLY A 3 10.75 14.41 -19.38
N ASP A 4 11.40 13.75 -18.43
CA ASP A 4 12.39 12.73 -18.74
C ASP A 4 11.69 11.44 -19.18
N PRO A 5 12.18 10.80 -20.25
CA PRO A 5 11.58 9.58 -20.79
C PRO A 5 11.66 8.39 -19.83
N LEU A 6 10.70 8.29 -18.92
CA LEU A 6 10.58 7.15 -18.03
C LEU A 6 9.11 6.74 -17.90
N PRO A 7 8.59 6.03 -18.91
CA PRO A 7 7.17 5.65 -18.96
C PRO A 7 6.88 4.31 -18.27
N LYS A 8 7.41 4.13 -17.08
CA LYS A 8 7.23 2.88 -16.35
C LYS A 8 6.74 3.15 -14.92
N TYR A 9 5.49 2.79 -14.66
CA TYR A 9 4.90 2.98 -13.34
C TYR A 9 4.27 1.69 -12.84
N TRP A 10 3.94 1.66 -11.56
CA TRP A 10 3.35 0.48 -10.94
C TRP A 10 1.86 0.70 -10.71
N SER A 11 1.16 -0.33 -10.25
CA SER A 11 -0.27 -0.24 -10.00
C SER A 11 -0.57 0.87 -8.98
N TYR A 12 0.29 0.99 -7.98
CA TYR A 12 0.17 2.06 -7.00
C TYR A 12 1.35 3.01 -7.09
N PRO A 13 1.11 4.33 -7.00
CA PRO A 13 2.16 5.34 -7.14
C PRO A 13 3.06 5.44 -5.91
N VAL A 14 4.07 6.28 -5.99
CA VAL A 14 4.99 6.50 -4.90
C VAL A 14 4.43 7.56 -3.96
N GLY A 15 4.47 7.29 -2.67
CA GLY A 15 3.95 8.22 -1.69
C GLY A 15 2.56 7.87 -1.24
N LEU A 16 2.09 6.69 -1.63
CA LEU A 16 0.77 6.23 -1.25
C LEU A 16 0.82 5.53 0.09
N ALA A 17 -0.11 5.87 0.97
CA ALA A 17 -0.19 5.25 2.29
C ALA A 17 -0.96 3.94 2.20
N VAL A 18 -0.40 2.89 2.79
CA VAL A 18 -1.01 1.57 2.76
C VAL A 18 -0.85 0.88 4.10
N GLU A 19 -1.82 0.06 4.47
CA GLU A 19 -1.69 -0.77 5.65
C GLU A 19 -1.39 -2.20 5.24
N ILE A 20 -0.56 -2.87 6.02
CA ILE A 20 -0.18 -4.23 5.75
C ILE A 20 -1.25 -5.19 6.24
N ASN A 21 -1.69 -6.07 5.36
CA ASN A 21 -2.70 -7.03 5.69
C ASN A 21 -2.22 -8.35 5.17
N ASN A 22 -0.89 -8.39 5.04
CA ASN A 22 -0.17 -9.61 4.69
C ASN A 22 -0.39 -10.63 5.77
N ASN A 23 -1.45 -11.37 5.58
CA ASN A 23 -1.84 -12.49 6.44
C ASN A 23 -2.68 -11.98 7.60
N ALA A 24 -3.43 -10.91 7.35
CA ALA A 24 -4.41 -10.40 8.31
C ALA A 24 -5.42 -11.48 8.68
N ARG A 25 -5.15 -12.12 9.81
CA ARG A 25 -6.01 -13.16 10.34
C ARG A 25 -7.14 -12.55 11.19
N TYR A 26 -8.28 -12.32 10.55
CA TYR A 26 -9.49 -11.81 11.22
C TYR A 26 -9.24 -10.45 11.90
N GLY A 27 -8.75 -10.51 13.12
CA GLY A 27 -8.46 -9.30 13.87
C GLY A 27 -7.21 -9.48 14.71
N CYS A 28 -6.36 -10.39 14.27
CA CYS A 28 -5.14 -10.76 15.00
C CYS A 28 -4.28 -11.63 14.11
N PRO A 29 -3.60 -10.99 13.16
CA PRO A 29 -2.79 -11.67 12.15
C PRO A 29 -1.43 -12.06 12.72
N HIS A 30 -0.41 -12.02 11.88
CA HIS A 30 0.97 -12.19 12.31
C HIS A 30 1.46 -10.85 12.91
N HIS A 31 0.60 -10.26 13.76
CA HIS A 31 0.86 -8.94 14.33
C HIS A 31 0.95 -7.86 13.26
N VAL A 32 0.41 -8.14 12.08
CA VAL A 32 0.34 -7.13 11.04
C VAL A 32 -0.93 -6.30 11.20
N GLY A 33 -1.31 -5.57 10.17
CA GLY A 33 -2.34 -4.57 10.33
C GLY A 33 -1.70 -3.26 10.74
N ARG A 34 -0.47 -3.11 10.27
CA ARG A 34 0.36 -1.97 10.63
C ARG A 34 0.33 -0.97 9.48
N LYS A 35 0.61 0.29 9.77
CA LYS A 35 0.48 1.33 8.77
C LYS A 35 1.83 1.65 8.15
N GLY A 36 1.81 1.97 6.86
CA GLY A 36 3.04 2.31 6.18
C GLY A 36 2.78 3.11 4.92
N LYS A 37 3.82 3.32 4.13
CA LYS A 37 3.70 4.05 2.88
C LYS A 37 4.68 3.51 1.85
N ILE A 38 4.22 3.44 0.61
CA ILE A 38 5.05 2.97 -0.50
C ILE A 38 6.02 4.07 -0.92
N ILE A 39 7.31 3.82 -0.72
CA ILE A 39 8.33 4.81 -1.01
C ILE A 39 9.14 4.45 -2.25
N GLU A 40 8.99 3.21 -2.72
CA GLU A 40 9.74 2.76 -3.88
C GLU A 40 9.02 1.63 -4.61
N HIS A 41 9.29 1.50 -5.90
CA HIS A 41 8.75 0.42 -6.71
C HIS A 41 9.81 -0.66 -6.90
N LEU A 42 9.41 -1.90 -6.77
CA LEU A 42 10.33 -3.01 -6.85
C LEU A 42 9.87 -4.05 -7.87
N HIS A 43 10.84 -4.75 -8.44
CA HIS A 43 10.55 -5.89 -9.29
C HIS A 43 11.32 -7.10 -8.75
N SER A 44 10.88 -7.58 -7.60
CA SER A 44 11.57 -8.67 -6.92
C SER A 44 10.83 -9.97 -7.08
N ALA A 45 9.90 -9.95 -8.02
CA ALA A 45 8.99 -11.05 -8.31
C ALA A 45 8.03 -11.30 -7.13
N THR A 46 8.58 -11.26 -5.94
CA THR A 46 7.84 -11.58 -4.73
C THR A 46 7.24 -10.33 -4.11
N TYR A 47 7.95 -9.21 -4.25
CA TYR A 47 7.48 -7.94 -3.71
C TYR A 47 7.49 -6.89 -4.81
N ASP A 48 6.46 -6.04 -4.82
CA ASP A 48 6.32 -5.03 -5.87
C ASP A 48 6.64 -3.66 -5.33
N TYR A 49 6.63 -3.50 -4.01
CA TYR A 49 6.78 -2.20 -3.40
C TYR A 49 7.68 -2.24 -2.17
N ALA A 50 8.33 -1.13 -1.89
CA ALA A 50 9.09 -0.95 -0.66
C ALA A 50 8.30 -0.06 0.27
N VAL A 51 7.90 -0.61 1.41
CA VAL A 51 7.02 0.11 2.33
C VAL A 51 7.75 0.56 3.58
N SER A 52 7.61 1.84 3.89
CA SER A 52 8.11 2.39 5.12
C SER A 52 7.00 2.37 6.17
N ASP A 53 7.21 1.62 7.23
CA ASP A 53 6.24 1.46 8.30
C ASP A 53 6.00 2.79 9.02
N GLU A 54 5.06 2.81 9.95
CA GLU A 54 4.74 4.03 10.70
C GLU A 54 5.60 4.03 11.93
N THR A 55 6.17 2.86 12.15
CA THR A 55 7.14 2.62 13.18
C THR A 55 8.53 3.02 12.68
N GLY A 56 8.70 3.02 11.36
CA GLY A 56 9.96 3.43 10.78
C GLY A 56 10.77 2.27 10.23
N ASP A 57 10.13 1.11 10.12
CA ASP A 57 10.79 -0.08 9.59
C ASP A 57 10.61 -0.16 8.09
N ILE A 58 11.64 -0.58 7.37
CA ILE A 58 11.57 -0.65 5.91
C ILE A 58 11.47 -2.11 5.46
N THR A 59 10.33 -2.46 4.89
CA THR A 59 10.12 -3.84 4.46
C THR A 59 9.44 -3.87 3.09
N TYR A 60 9.82 -4.86 2.28
CA TYR A 60 9.26 -5.00 0.94
C TYR A 60 7.95 -5.76 1.01
N PHE A 61 6.95 -5.33 0.25
CA PHE A 61 5.64 -5.97 0.28
C PHE A 61 5.07 -6.13 -1.12
N LYS A 62 3.95 -6.86 -1.19
CA LYS A 62 3.27 -7.16 -2.44
C LYS A 62 1.86 -6.58 -2.35
N GLU A 63 1.40 -5.94 -3.43
CA GLU A 63 0.16 -5.13 -3.37
C GLU A 63 -1.08 -6.00 -3.16
N HIS A 64 -0.91 -7.30 -3.17
CA HIS A 64 -2.02 -8.23 -2.99
C HIS A 64 -2.36 -8.34 -1.50
N GLU A 65 -1.34 -8.11 -0.67
CA GLU A 65 -1.50 -8.13 0.78
C GLU A 65 -1.34 -6.72 1.34
N LEU A 66 -1.60 -5.74 0.49
CA LEU A 66 -1.53 -4.34 0.89
C LEU A 66 -2.86 -3.66 0.65
N THR A 67 -3.30 -2.88 1.61
CA THR A 67 -4.56 -2.18 1.51
C THR A 67 -4.35 -0.67 1.70
N PRO A 68 -4.49 0.11 0.62
CA PRO A 68 -4.24 1.55 0.63
C PRO A 68 -5.19 2.33 1.53
N LEU A 69 -4.70 3.45 2.05
CA LEU A 69 -5.48 4.29 2.95
C LEU A 69 -6.02 5.53 2.25
N LYS A 70 -7.34 5.62 2.17
CA LYS A 70 -8.01 6.80 1.62
C LYS A 70 -8.96 7.37 2.67
N GLY A 71 -8.48 7.45 3.91
CA GLY A 71 -9.26 8.00 4.99
C GLY A 71 -9.37 9.52 4.91
N GLY A 72 -10.45 9.99 4.31
CA GLY A 72 -10.66 11.41 4.13
C GLY A 72 -11.20 11.71 2.75
N LEU A 73 -12.26 11.00 2.39
CA LEU A 73 -12.83 11.10 1.06
C LEU A 73 -13.99 12.10 1.08
N ALA A 74 -14.94 11.86 1.98
CA ALA A 74 -16.10 12.74 2.11
C ALA A 74 -15.91 13.69 3.28
N TYR A 75 -14.67 13.80 3.73
CA TYR A 75 -14.33 14.65 4.86
C TYR A 75 -12.91 15.14 4.71
N VAL A 76 -12.78 16.37 4.23
CA VAL A 76 -11.46 16.94 4.01
C VAL A 76 -10.84 17.38 5.34
N LEU A 77 -9.65 16.89 5.61
CA LEU A 77 -8.97 17.15 6.86
C LEU A 77 -7.47 17.02 6.68
N GLU A 78 -6.71 17.72 7.52
CA GLU A 78 -5.25 17.59 7.53
C GLU A 78 -4.86 16.13 7.78
N HIS A 79 -3.78 15.70 7.14
CA HIS A 79 -3.29 14.34 7.31
C HIS A 79 -1.90 14.36 7.91
N HIS A 80 -0.92 14.74 7.09
CA HIS A 80 0.44 14.86 7.56
C HIS A 80 1.13 16.04 6.87
N HIS A 81 1.31 17.11 7.62
CA HIS A 81 1.99 18.30 7.11
C HIS A 81 3.47 18.01 6.91
N HIS A 82 4.14 18.85 6.12
CA HIS A 82 5.57 18.68 5.85
C HIS A 82 6.36 18.76 7.15
N HIS A 83 7.05 17.67 7.47
CA HIS A 83 7.85 17.60 8.70
C HIS A 83 9.30 17.97 8.39
N HIS A 84 9.50 18.63 7.25
CA HIS A 84 10.84 19.02 6.82
C HIS A 84 11.19 20.40 7.36
N MET A 1 -11.91 -14.04 -24.90
CA MET A 1 -11.12 -15.08 -24.21
C MET A 1 -9.78 -14.52 -23.78
N ALA A 2 -8.99 -14.09 -24.75
CA ALA A 2 -7.68 -13.50 -24.48
C ALA A 2 -7.62 -12.09 -25.03
N GLY A 3 -7.50 -11.13 -24.13
CA GLY A 3 -7.42 -9.74 -24.54
C GLY A 3 -6.97 -8.84 -23.41
N ASP A 4 -7.33 -9.19 -22.19
CA ASP A 4 -6.97 -8.40 -21.03
C ASP A 4 -6.22 -9.26 -20.01
N PRO A 5 -4.91 -9.05 -19.89
CA PRO A 5 -4.08 -9.78 -18.94
C PRO A 5 -3.95 -9.08 -17.60
N LEU A 6 -2.96 -9.47 -16.81
CA LEU A 6 -2.70 -8.82 -15.54
C LEU A 6 -1.71 -7.67 -15.73
N PRO A 7 -1.86 -6.59 -14.94
CA PRO A 7 -0.95 -5.43 -15.00
C PRO A 7 0.48 -5.83 -14.64
N LYS A 8 1.40 -5.58 -15.55
CA LYS A 8 2.81 -5.92 -15.34
C LYS A 8 3.57 -4.72 -14.82
N TYR A 9 2.84 -3.71 -14.35
CA TYR A 9 3.44 -2.49 -13.84
C TYR A 9 2.86 -2.14 -12.48
N TRP A 10 3.68 -1.47 -11.67
CA TRP A 10 3.28 -1.04 -10.35
C TRP A 10 2.09 -0.10 -10.42
N SER A 11 1.02 -0.47 -9.74
CA SER A 11 -0.22 0.30 -9.79
C SER A 11 -0.30 1.29 -8.62
N TYR A 12 0.49 1.04 -7.59
CA TYR A 12 0.53 1.94 -6.43
C TYR A 12 1.63 2.98 -6.60
N PRO A 13 1.27 4.27 -6.61
CA PRO A 13 2.23 5.37 -6.75
C PRO A 13 3.09 5.56 -5.50
N VAL A 14 4.17 6.31 -5.65
CA VAL A 14 5.08 6.58 -4.54
C VAL A 14 4.51 7.66 -3.63
N GLY A 15 4.29 7.31 -2.38
CA GLY A 15 3.70 8.24 -1.44
C GLY A 15 2.36 7.77 -0.94
N LEU A 16 1.86 6.69 -1.51
CA LEU A 16 0.57 6.15 -1.10
C LEU A 16 0.72 5.37 0.20
N ALA A 17 -0.09 5.73 1.18
CA ALA A 17 -0.09 5.06 2.47
C ALA A 17 -0.91 3.78 2.41
N VAL A 18 -0.27 2.66 2.68
CA VAL A 18 -0.93 1.36 2.64
C VAL A 18 -0.62 0.58 3.90
N GLU A 19 -1.60 -0.16 4.39
CA GLU A 19 -1.42 -0.97 5.58
C GLU A 19 -1.22 -2.43 5.21
N ILE A 20 -0.69 -3.18 6.16
CA ILE A 20 -0.48 -4.60 5.99
C ILE A 20 -1.66 -5.36 6.58
N ASN A 21 -2.48 -5.93 5.71
CA ASN A 21 -3.66 -6.69 6.14
C ASN A 21 -3.23 -8.01 6.78
N ASN A 22 -4.17 -8.68 7.43
CA ASN A 22 -3.86 -9.86 8.24
C ASN A 22 -3.68 -11.11 7.39
N ASN A 23 -3.18 -10.93 6.17
CA ASN A 23 -2.84 -12.06 5.31
C ASN A 23 -1.33 -12.28 5.33
N ALA A 24 -0.59 -11.22 5.63
CA ALA A 24 0.86 -11.26 5.62
C ALA A 24 1.41 -11.79 6.94
N ARG A 25 0.58 -12.53 7.66
CA ARG A 25 0.97 -13.14 8.93
C ARG A 25 2.17 -14.07 8.72
N TYR A 26 2.12 -14.86 7.67
CA TYR A 26 3.26 -15.66 7.26
C TYR A 26 4.08 -14.90 6.24
N GLY A 27 5.22 -14.39 6.66
CA GLY A 27 6.05 -13.59 5.79
C GLY A 27 6.71 -12.46 6.55
N CYS A 28 5.95 -11.82 7.41
CA CYS A 28 6.47 -10.76 8.26
C CYS A 28 5.67 -10.70 9.56
N PRO A 29 6.06 -11.51 10.56
CA PRO A 29 5.36 -11.55 11.85
C PRO A 29 5.64 -10.33 12.70
N HIS A 30 4.70 -10.02 13.60
CA HIS A 30 4.82 -8.89 14.53
C HIS A 30 4.84 -7.59 13.76
N HIS A 31 4.26 -7.62 12.58
CA HIS A 31 4.22 -6.45 11.70
C HIS A 31 2.89 -6.44 10.94
N VAL A 32 1.95 -7.23 11.42
CA VAL A 32 0.64 -7.32 10.82
C VAL A 32 -0.30 -6.28 11.44
N GLY A 33 -1.06 -5.60 10.59
CA GLY A 33 -1.93 -4.54 11.07
C GLY A 33 -1.21 -3.21 11.15
N ARG A 34 -0.01 -3.18 10.59
CA ARG A 34 0.78 -1.97 10.55
C ARG A 34 0.40 -1.12 9.36
N LYS A 35 0.72 0.17 9.41
CA LYS A 35 0.33 1.08 8.34
C LYS A 35 1.54 1.89 7.88
N GLY A 36 1.94 1.69 6.63
CA GLY A 36 3.12 2.33 6.12
C GLY A 36 2.87 3.11 4.86
N LYS A 37 3.93 3.51 4.20
CA LYS A 37 3.84 4.26 2.98
C LYS A 37 4.81 3.72 1.94
N ILE A 38 4.33 3.55 0.72
CA ILE A 38 5.16 3.03 -0.37
C ILE A 38 6.09 4.12 -0.89
N ILE A 39 7.38 3.88 -0.80
CA ILE A 39 8.36 4.88 -1.18
C ILE A 39 9.20 4.44 -2.38
N GLU A 40 9.20 3.14 -2.66
CA GLU A 40 10.00 2.60 -3.75
C GLU A 40 9.26 1.49 -4.48
N HIS A 41 9.60 1.29 -5.74
CA HIS A 41 9.05 0.20 -6.53
C HIS A 41 10.11 -0.86 -6.78
N LEU A 42 9.79 -2.09 -6.43
CA LEU A 42 10.74 -3.18 -6.56
C LEU A 42 10.45 -4.02 -7.80
N HIS A 43 11.48 -4.34 -8.55
CA HIS A 43 11.30 -5.23 -9.69
C HIS A 43 11.54 -6.67 -9.26
N SER A 44 10.49 -7.28 -8.73
CA SER A 44 10.57 -8.64 -8.23
C SER A 44 9.21 -9.32 -8.37
N ALA A 45 9.21 -10.64 -8.35
CA ALA A 45 7.98 -11.41 -8.45
C ALA A 45 7.46 -11.75 -7.06
N THR A 46 8.26 -11.45 -6.03
CA THR A 46 7.87 -11.72 -4.66
C THR A 46 7.54 -10.43 -3.90
N TYR A 47 8.23 -9.35 -4.25
CA TYR A 47 8.00 -8.06 -3.61
C TYR A 47 7.89 -6.97 -4.68
N ASP A 48 6.76 -6.30 -4.74
CA ASP A 48 6.56 -5.27 -5.74
C ASP A 48 6.86 -3.89 -5.16
N TYR A 49 6.69 -3.74 -3.85
CA TYR A 49 6.76 -2.41 -3.24
C TYR A 49 7.59 -2.43 -1.96
N ALA A 50 8.18 -1.27 -1.65
CA ALA A 50 8.87 -1.08 -0.39
C ALA A 50 8.04 -0.16 0.49
N VAL A 51 7.53 -0.72 1.58
CA VAL A 51 6.60 0.01 2.44
C VAL A 51 7.25 0.34 3.78
N SER A 52 7.36 1.61 4.08
CA SER A 52 7.92 2.04 5.34
C SER A 52 6.79 2.38 6.31
N ASP A 53 6.69 1.61 7.39
CA ASP A 53 5.68 1.84 8.41
C ASP A 53 5.90 3.19 9.09
N GLU A 54 4.88 3.71 9.75
CA GLU A 54 4.98 4.98 10.44
C GLU A 54 6.07 4.94 11.51
N THR A 55 6.39 3.75 12.00
CA THR A 55 7.45 3.55 12.98
C THR A 55 8.83 3.71 12.34
N GLY A 56 8.87 3.65 11.02
CA GLY A 56 10.13 3.78 10.30
C GLY A 56 10.62 2.45 9.77
N ASP A 57 9.85 1.40 10.04
CA ASP A 57 10.22 0.05 9.61
C ASP A 57 9.98 -0.14 8.13
N ILE A 58 11.04 -0.31 7.37
CA ILE A 58 10.94 -0.53 5.94
C ILE A 58 10.79 -2.01 5.65
N THR A 59 9.65 -2.38 5.08
CA THR A 59 9.40 -3.76 4.72
C THR A 59 9.10 -3.88 3.24
N TYR A 60 9.11 -5.09 2.71
CA TYR A 60 8.85 -5.32 1.30
C TYR A 60 7.66 -6.27 1.15
N PHE A 61 6.70 -5.89 0.33
CA PHE A 61 5.48 -6.68 0.17
C PHE A 61 4.98 -6.68 -1.27
N LYS A 62 3.87 -7.37 -1.49
CA LYS A 62 3.24 -7.41 -2.79
C LYS A 62 1.99 -6.54 -2.81
N GLU A 63 1.56 -6.15 -4.01
CA GLU A 63 0.39 -5.33 -4.19
C GLU A 63 -0.88 -5.95 -3.60
N HIS A 64 -0.98 -7.27 -3.68
CA HIS A 64 -2.13 -8.00 -3.14
C HIS A 64 -2.15 -7.95 -1.61
N GLU A 65 -0.98 -7.87 -1.01
CA GLU A 65 -0.87 -7.92 0.44
C GLU A 65 -0.78 -6.51 1.03
N LEU A 66 -1.02 -5.51 0.19
CA LEU A 66 -1.01 -4.12 0.62
C LEU A 66 -2.37 -3.48 0.40
N THR A 67 -2.92 -2.91 1.46
CA THR A 67 -4.24 -2.29 1.39
C THR A 67 -4.14 -0.79 1.62
N PRO A 68 -4.47 0.01 0.60
CA PRO A 68 -4.45 1.48 0.70
C PRO A 68 -5.46 2.00 1.71
N LEU A 69 -5.07 3.01 2.48
CA LEU A 69 -5.94 3.60 3.48
C LEU A 69 -7.18 4.22 2.81
N LYS A 70 -8.34 3.84 3.32
CA LYS A 70 -9.62 4.20 2.70
C LYS A 70 -9.93 5.68 2.87
N GLY A 71 -9.74 6.18 4.08
CA GLY A 71 -10.08 7.55 4.38
C GLY A 71 -11.55 7.70 4.72
N GLY A 72 -12.37 7.94 3.69
CA GLY A 72 -13.80 8.07 3.88
C GLY A 72 -14.18 9.26 4.74
N LEU A 73 -13.55 10.39 4.48
CA LEU A 73 -13.81 11.61 5.25
C LEU A 73 -14.81 12.51 4.54
N ALA A 74 -14.82 12.44 3.21
CA ALA A 74 -15.71 13.27 2.41
C ALA A 74 -17.09 12.61 2.28
N TYR A 75 -17.57 12.03 3.36
CA TYR A 75 -18.84 11.31 3.36
C TYR A 75 -19.80 11.95 4.37
N VAL A 76 -19.47 13.14 4.83
CA VAL A 76 -20.29 13.83 5.83
C VAL A 76 -21.38 14.67 5.15
N LEU A 77 -22.32 13.99 4.50
CA LEU A 77 -23.53 14.58 3.91
C LEU A 77 -23.25 15.87 3.13
N GLU A 78 -23.00 15.74 1.83
CA GLU A 78 -22.82 16.92 0.99
C GLU A 78 -24.17 17.38 0.46
N HIS A 79 -24.97 16.42 -0.03
CA HIS A 79 -26.35 16.67 -0.47
C HIS A 79 -26.95 15.46 -1.17
N HIS A 80 -26.17 14.88 -2.10
CA HIS A 80 -26.64 13.77 -2.94
C HIS A 80 -27.78 14.19 -3.86
N HIS A 81 -28.21 13.29 -4.74
CA HIS A 81 -29.34 13.52 -5.64
C HIS A 81 -29.13 14.70 -6.57
N HIS A 82 -28.62 14.42 -7.77
CA HIS A 82 -28.50 15.45 -8.79
C HIS A 82 -28.91 14.94 -10.16
N HIS A 83 -30.18 15.18 -10.51
CA HIS A 83 -30.64 14.98 -11.87
C HIS A 83 -30.97 16.34 -12.46
N HIS A 84 -30.92 17.34 -11.60
CA HIS A 84 -31.12 18.73 -11.99
C HIS A 84 -30.28 19.63 -11.09
N MET A 1 -6.35 -0.72 -33.38
CA MET A 1 -5.51 0.40 -32.90
C MET A 1 -5.36 0.32 -31.38
N ALA A 2 -4.13 0.44 -30.90
CA ALA A 2 -3.87 0.42 -29.47
C ALA A 2 -4.20 1.77 -28.84
N GLY A 3 -5.46 1.92 -28.45
CA GLY A 3 -5.90 3.16 -27.84
C GLY A 3 -6.90 2.90 -26.72
N ASP A 4 -6.97 1.65 -26.28
CA ASP A 4 -7.88 1.27 -25.22
C ASP A 4 -7.20 1.47 -23.87
N PRO A 5 -7.99 1.49 -22.76
CA PRO A 5 -7.49 1.80 -21.42
C PRO A 5 -6.38 0.86 -20.93
N LEU A 6 -5.15 1.35 -20.99
CA LEU A 6 -4.01 0.66 -20.41
C LEU A 6 -3.34 1.56 -19.37
N PRO A 7 -3.23 1.09 -18.12
CA PRO A 7 -2.62 1.87 -17.04
C PRO A 7 -1.10 1.99 -17.17
N LYS A 8 -0.39 0.97 -16.71
CA LYS A 8 1.07 0.94 -16.74
C LYS A 8 1.57 -0.30 -15.98
N TYR A 9 1.89 -0.11 -14.71
CA TYR A 9 2.35 -1.17 -13.82
C TYR A 9 2.66 -0.52 -12.48
N TRP A 10 2.52 -1.28 -11.40
CA TRP A 10 2.62 -0.72 -10.04
C TRP A 10 1.50 0.28 -9.80
N SER A 11 0.35 -0.20 -9.38
CA SER A 11 -0.82 0.66 -9.18
C SER A 11 -0.70 1.46 -7.89
N TYR A 12 0.31 1.15 -7.08
CA TYR A 12 0.55 1.90 -5.85
C TYR A 12 1.61 2.97 -6.10
N PRO A 13 1.20 4.24 -6.16
CA PRO A 13 2.12 5.37 -6.39
C PRO A 13 3.03 5.62 -5.19
N VAL A 14 4.22 6.11 -5.47
CA VAL A 14 5.17 6.45 -4.43
C VAL A 14 4.65 7.63 -3.60
N GLY A 15 4.35 7.37 -2.34
CA GLY A 15 3.78 8.39 -1.49
C GLY A 15 2.42 8.00 -0.98
N LEU A 16 1.88 6.90 -1.48
CA LEU A 16 0.58 6.42 -1.05
C LEU A 16 0.70 5.61 0.24
N ALA A 17 -0.06 6.00 1.24
CA ALA A 17 -0.11 5.28 2.50
C ALA A 17 -1.01 4.05 2.36
N VAL A 18 -0.49 2.91 2.80
CA VAL A 18 -1.20 1.64 2.74
C VAL A 18 -1.10 0.90 4.07
N GLU A 19 -2.00 -0.03 4.32
CA GLU A 19 -1.92 -0.86 5.51
C GLU A 19 -1.61 -2.30 5.14
N ILE A 20 -0.90 -2.98 6.02
CA ILE A 20 -0.53 -4.37 5.80
C ILE A 20 -1.69 -5.28 6.21
N ASN A 21 -2.00 -6.25 5.36
CA ASN A 21 -3.13 -7.16 5.62
C ASN A 21 -2.75 -8.20 6.66
N ASN A 22 -3.76 -8.88 7.20
CA ASN A 22 -3.57 -9.89 8.24
C ASN A 22 -3.16 -11.22 7.63
N ASN A 23 -2.53 -11.15 6.47
CA ASN A 23 -2.05 -12.34 5.78
C ASN A 23 -0.54 -12.44 5.92
N ALA A 24 0.08 -11.42 6.48
CA ALA A 24 1.52 -11.39 6.68
C ALA A 24 1.92 -12.17 7.94
N ARG A 25 0.96 -12.89 8.50
CA ARG A 25 1.17 -13.70 9.70
C ARG A 25 2.36 -14.66 9.53
N TYR A 26 2.44 -15.28 8.36
CA TYR A 26 3.53 -16.21 8.06
C TYR A 26 4.51 -15.58 7.09
N GLY A 27 4.37 -14.28 6.90
CA GLY A 27 5.26 -13.57 6.00
C GLY A 27 6.30 -12.78 6.76
N CYS A 28 5.86 -12.09 7.80
CA CYS A 28 6.73 -11.28 8.63
C CYS A 28 6.00 -10.89 9.90
N PRO A 29 6.34 -11.53 11.02
CA PRO A 29 5.68 -11.27 12.30
C PRO A 29 6.05 -9.90 12.86
N HIS A 30 5.14 -9.34 13.66
CA HIS A 30 5.31 -8.00 14.23
C HIS A 30 5.28 -6.96 13.14
N HIS A 31 4.61 -7.29 12.05
CA HIS A 31 4.56 -6.41 10.90
C HIS A 31 3.16 -6.40 10.30
N VAL A 32 2.21 -6.94 11.04
CA VAL A 32 0.84 -7.11 10.56
C VAL A 32 -0.08 -6.04 11.11
N GLY A 33 -0.92 -5.48 10.24
CA GLY A 33 -1.94 -4.54 10.69
C GLY A 33 -1.38 -3.20 11.10
N ARG A 34 -0.40 -2.73 10.36
CA ARG A 34 0.18 -1.41 10.62
C ARG A 34 0.06 -0.53 9.37
N LYS A 35 0.44 0.73 9.52
CA LYS A 35 0.36 1.68 8.44
C LYS A 35 1.74 1.98 7.88
N GLY A 36 1.85 1.98 6.57
CA GLY A 36 3.09 2.31 5.92
C GLY A 36 2.88 3.17 4.70
N LYS A 37 3.95 3.63 4.09
CA LYS A 37 3.85 4.43 2.88
C LYS A 37 4.76 3.88 1.79
N ILE A 38 4.25 3.80 0.57
CA ILE A 38 5.03 3.38 -0.58
C ILE A 38 6.17 4.37 -0.83
N ILE A 39 7.41 3.88 -0.84
CA ILE A 39 8.55 4.76 -1.02
C ILE A 39 9.32 4.44 -2.28
N GLU A 40 9.12 3.24 -2.83
CA GLU A 40 9.81 2.86 -4.05
C GLU A 40 9.11 1.67 -4.71
N HIS A 41 9.34 1.52 -6.01
CA HIS A 41 8.81 0.39 -6.75
C HIS A 41 9.91 -0.63 -6.98
N LEU A 42 9.63 -1.88 -6.65
CA LEU A 42 10.59 -2.94 -6.84
C LEU A 42 10.22 -3.77 -8.06
N HIS A 43 11.18 -4.47 -8.61
CA HIS A 43 10.91 -5.39 -9.70
C HIS A 43 11.30 -6.80 -9.28
N SER A 44 10.42 -7.43 -8.54
CA SER A 44 10.69 -8.74 -7.98
C SER A 44 9.43 -9.60 -8.03
N ALA A 45 9.62 -10.90 -8.15
CA ALA A 45 8.50 -11.82 -8.30
C ALA A 45 7.79 -12.01 -6.97
N THR A 46 8.53 -11.82 -5.89
CA THR A 46 7.98 -11.98 -4.56
C THR A 46 7.42 -10.67 -4.03
N TYR A 47 8.16 -9.58 -4.23
CA TYR A 47 7.77 -8.28 -3.67
C TYR A 47 8.04 -7.16 -4.67
N ASP A 48 7.00 -6.44 -5.08
CA ASP A 48 7.17 -5.38 -6.09
C ASP A 48 7.08 -3.99 -5.48
N TYR A 49 6.99 -3.91 -4.16
CA TYR A 49 6.86 -2.61 -3.50
C TYR A 49 7.74 -2.48 -2.29
N ALA A 50 8.24 -1.27 -2.07
CA ALA A 50 9.01 -0.95 -0.89
C ALA A 50 8.24 0.05 -0.06
N VAL A 51 7.78 -0.39 1.09
CA VAL A 51 6.97 0.44 1.96
C VAL A 51 7.76 0.82 3.20
N SER A 52 7.41 1.92 3.81
CA SER A 52 7.99 2.33 5.08
C SER A 52 6.92 2.41 6.15
N ASP A 53 7.06 1.58 7.17
CA ASP A 53 6.13 1.58 8.29
C ASP A 53 6.21 2.89 9.04
N GLU A 54 5.11 3.34 9.63
CA GLU A 54 5.09 4.56 10.42
C GLU A 54 6.00 4.42 11.65
N THR A 55 6.31 3.18 11.98
CA THR A 55 7.16 2.88 13.13
C THR A 55 8.64 3.03 12.77
N GLY A 56 8.93 3.14 11.48
CA GLY A 56 10.30 3.30 11.04
C GLY A 56 10.85 2.03 10.42
N ASP A 57 10.02 1.00 10.33
CA ASP A 57 10.42 -0.26 9.72
C ASP A 57 10.23 -0.19 8.21
N ILE A 58 10.73 -1.19 7.51
CA ILE A 58 10.58 -1.24 6.07
C ILE A 58 9.77 -2.48 5.66
N THR A 59 8.73 -2.24 4.89
CA THR A 59 7.82 -3.27 4.45
C THR A 59 8.04 -3.58 2.97
N TYR A 60 8.88 -4.57 2.67
CA TYR A 60 9.06 -5.02 1.30
C TYR A 60 8.03 -6.10 0.98
N PHE A 61 6.96 -5.74 0.29
CA PHE A 61 5.87 -6.68 0.02
C PHE A 61 5.32 -6.46 -1.38
N LYS A 62 4.28 -7.19 -1.73
CA LYS A 62 3.67 -7.06 -3.04
C LYS A 62 2.26 -6.50 -2.93
N GLU A 63 1.61 -6.34 -4.08
CA GLU A 63 0.24 -5.81 -4.17
C GLU A 63 -0.70 -6.54 -3.19
N HIS A 64 -0.49 -7.84 -3.03
CA HIS A 64 -1.43 -8.70 -2.34
C HIS A 64 -1.41 -8.50 -0.81
N GLU A 65 -0.28 -8.05 -0.28
CA GLU A 65 -0.16 -7.90 1.17
C GLU A 65 -0.52 -6.49 1.62
N LEU A 66 -0.74 -5.61 0.65
CA LEU A 66 -0.96 -4.21 0.95
C LEU A 66 -2.35 -3.76 0.52
N THR A 67 -2.92 -2.83 1.28
CA THR A 67 -4.20 -2.24 0.94
C THR A 67 -4.16 -0.73 1.18
N PRO A 68 -4.47 0.07 0.15
CA PRO A 68 -4.44 1.52 0.24
C PRO A 68 -5.55 2.07 1.12
N LEU A 69 -5.30 3.21 1.74
CA LEU A 69 -6.29 3.85 2.60
C LEU A 69 -7.33 4.60 1.78
N LYS A 70 -7.93 3.90 0.81
CA LYS A 70 -8.94 4.49 -0.05
C LYS A 70 -10.29 4.53 0.64
N GLY A 71 -10.52 5.60 1.39
CA GLY A 71 -11.83 5.82 1.98
C GLY A 71 -12.72 6.61 1.06
N GLY A 72 -12.28 7.80 0.70
CA GLY A 72 -13.00 8.62 -0.24
C GLY A 72 -12.07 9.55 -1.00
N LEU A 73 -11.04 8.99 -1.60
CA LEU A 73 -10.05 9.77 -2.32
C LEU A 73 -10.51 10.07 -3.74
N ALA A 74 -11.41 11.03 -3.86
CA ALA A 74 -11.90 11.47 -5.16
C ALA A 74 -12.13 12.98 -5.14
N TYR A 75 -11.08 13.70 -4.79
CA TYR A 75 -11.16 15.15 -4.63
C TYR A 75 -10.70 15.86 -5.90
N VAL A 76 -11.04 17.15 -6.01
CA VAL A 76 -10.57 18.01 -7.10
C VAL A 76 -11.24 17.66 -8.44
N LEU A 77 -11.99 16.56 -8.46
CA LEU A 77 -12.54 16.01 -9.70
C LEU A 77 -11.41 15.55 -10.60
N GLU A 78 -11.02 14.30 -10.41
CA GLU A 78 -9.82 13.75 -11.03
C GLU A 78 -9.91 13.78 -12.55
N HIS A 79 -11.05 13.35 -13.09
CA HIS A 79 -11.22 13.17 -14.54
C HIS A 79 -10.20 12.15 -15.03
N HIS A 80 -10.01 12.07 -16.33
CA HIS A 80 -8.91 11.28 -16.87
C HIS A 80 -7.81 12.22 -17.35
N HIS A 81 -8.22 13.44 -17.69
CA HIS A 81 -7.30 14.50 -18.07
C HIS A 81 -8.10 15.78 -18.35
N HIS A 82 -7.67 16.90 -17.80
CA HIS A 82 -8.31 18.17 -18.08
C HIS A 82 -8.06 18.52 -19.55
N HIS A 83 -6.78 18.60 -19.88
CA HIS A 83 -6.29 18.75 -21.24
C HIS A 83 -4.79 18.54 -21.22
N HIS A 84 -4.16 19.14 -20.22
CA HIS A 84 -2.76 18.90 -19.93
C HIS A 84 -2.57 18.68 -18.44
N MET A 1 9.81 -14.17 -22.55
CA MET A 1 9.69 -15.13 -23.67
C MET A 1 9.04 -14.44 -24.87
N ALA A 2 8.80 -15.21 -25.92
CA ALA A 2 8.02 -14.71 -27.05
C ALA A 2 6.55 -14.63 -26.62
N GLY A 3 6.13 -15.63 -25.87
CA GLY A 3 4.82 -15.60 -25.25
C GLY A 3 4.89 -14.97 -23.88
N ASP A 4 3.73 -14.87 -23.22
CA ASP A 4 3.63 -14.23 -21.90
C ASP A 4 4.18 -12.79 -21.94
N PRO A 5 3.44 -11.88 -22.59
CA PRO A 5 3.85 -10.49 -22.74
C PRO A 5 3.31 -9.59 -21.63
N LEU A 6 2.99 -10.19 -20.50
CA LEU A 6 2.45 -9.46 -19.36
C LEU A 6 3.39 -9.59 -18.15
N PRO A 7 4.29 -8.62 -17.96
CA PRO A 7 5.30 -8.68 -16.92
C PRO A 7 4.86 -8.03 -15.60
N LYS A 8 3.56 -7.72 -15.50
CA LYS A 8 2.99 -7.04 -14.32
C LYS A 8 3.48 -5.60 -14.23
N TYR A 9 2.66 -4.75 -13.62
CA TYR A 9 3.04 -3.37 -13.38
C TYR A 9 2.54 -2.91 -12.02
N TRP A 10 3.33 -2.04 -11.39
CA TRP A 10 2.98 -1.50 -10.08
C TRP A 10 1.77 -0.58 -10.19
N SER A 11 0.62 -1.08 -9.77
CA SER A 11 -0.62 -0.34 -9.85
C SER A 11 -0.77 0.64 -8.69
N TYR A 12 0.10 0.50 -7.69
CA TYR A 12 0.09 1.39 -6.54
C TYR A 12 1.19 2.43 -6.68
N PRO A 13 0.83 3.72 -6.70
CA PRO A 13 1.77 4.84 -6.88
C PRO A 13 2.77 4.97 -5.74
N VAL A 14 3.80 5.77 -5.96
CA VAL A 14 4.81 6.03 -4.94
C VAL A 14 4.33 7.16 -4.03
N GLY A 15 4.46 6.97 -2.73
CA GLY A 15 4.00 7.96 -1.79
C GLY A 15 2.60 7.66 -1.31
N LEU A 16 2.11 6.49 -1.66
CA LEU A 16 0.78 6.05 -1.26
C LEU A 16 0.81 5.50 0.15
N ALA A 17 0.02 6.12 1.03
CA ALA A 17 -0.11 5.65 2.41
C ALA A 17 -0.99 4.41 2.44
N VAL A 18 -0.45 3.33 2.97
CA VAL A 18 -1.14 2.05 2.97
C VAL A 18 -1.09 1.40 4.35
N GLU A 19 -1.92 0.41 4.55
CA GLU A 19 -1.91 -0.37 5.76
C GLU A 19 -1.73 -1.84 5.42
N ILE A 20 -1.10 -2.56 6.33
CA ILE A 20 -0.91 -3.99 6.16
C ILE A 20 -2.17 -4.73 6.59
N ASN A 21 -2.82 -5.35 5.63
CA ASN A 21 -4.10 -6.00 5.88
C ASN A 21 -3.90 -7.38 6.48
N ASN A 22 -4.97 -7.98 6.97
CA ASN A 22 -4.92 -9.27 7.65
C ASN A 22 -4.90 -10.43 6.64
N ASN A 23 -4.27 -10.22 5.50
CA ASN A 23 -4.11 -11.28 4.50
C ASN A 23 -2.70 -11.83 4.58
N ALA A 24 -1.73 -10.93 4.77
CA ALA A 24 -0.33 -11.31 4.88
C ALA A 24 0.00 -11.76 6.30
N ARG A 25 -1.04 -12.06 7.07
CA ARG A 25 -0.90 -12.40 8.48
C ARG A 25 -0.21 -13.74 8.69
N TYR A 26 -0.11 -14.53 7.62
CA TYR A 26 0.57 -15.81 7.70
C TYR A 26 2.08 -15.61 7.55
N GLY A 27 2.45 -14.49 6.92
CA GLY A 27 3.85 -14.15 6.81
C GLY A 27 4.27 -13.17 7.89
N CYS A 28 3.28 -12.54 8.49
CA CYS A 28 3.51 -11.60 9.57
C CYS A 28 2.50 -11.82 10.69
N PRO A 29 2.70 -12.90 11.49
CA PRO A 29 1.76 -13.27 12.55
C PRO A 29 1.67 -12.21 13.64
N HIS A 30 0.50 -11.58 13.71
CA HIS A 30 0.24 -10.48 14.65
C HIS A 30 1.23 -9.34 14.40
N HIS A 31 1.68 -9.22 13.17
CA HIS A 31 2.54 -8.13 12.78
C HIS A 31 1.82 -7.26 11.77
N VAL A 32 0.57 -7.65 11.48
CA VAL A 32 -0.27 -6.92 10.54
C VAL A 32 -1.12 -5.89 11.27
N GLY A 33 -1.89 -5.11 10.51
CA GLY A 33 -2.76 -4.12 11.12
C GLY A 33 -2.06 -2.78 11.29
N ARG A 34 -0.77 -2.76 11.01
CA ARG A 34 0.02 -1.54 11.12
C ARG A 34 -0.07 -0.74 9.82
N LYS A 35 0.46 0.48 9.84
CA LYS A 35 0.40 1.35 8.68
C LYS A 35 1.78 1.69 8.16
N GLY A 36 1.84 2.12 6.91
CA GLY A 36 3.09 2.48 6.27
C GLY A 36 2.86 3.29 5.02
N LYS A 37 3.89 3.48 4.22
CA LYS A 37 3.77 4.24 3.00
C LYS A 37 4.73 3.68 1.94
N ILE A 38 4.19 3.41 0.75
CA ILE A 38 4.98 2.85 -0.33
C ILE A 38 5.96 3.89 -0.86
N ILE A 39 7.25 3.59 -0.75
CA ILE A 39 8.27 4.55 -1.15
C ILE A 39 9.06 4.06 -2.36
N GLU A 40 8.99 2.77 -2.65
CA GLU A 40 9.78 2.17 -3.71
C GLU A 40 8.92 1.29 -4.62
N HIS A 41 9.22 1.32 -5.91
CA HIS A 41 8.66 0.36 -6.84
C HIS A 41 9.67 -0.75 -7.11
N LEU A 42 9.50 -1.85 -6.40
CA LEU A 42 10.47 -2.94 -6.46
C LEU A 42 10.25 -3.78 -7.71
N HIS A 43 11.21 -3.71 -8.62
CA HIS A 43 11.19 -4.54 -9.81
C HIS A 43 11.70 -5.94 -9.46
N SER A 44 10.84 -6.73 -8.84
CA SER A 44 11.18 -8.07 -8.42
C SER A 44 10.03 -9.02 -8.73
N ALA A 45 10.27 -10.30 -8.54
CA ALA A 45 9.24 -11.29 -8.75
C ALA A 45 8.62 -11.69 -7.42
N THR A 46 9.35 -11.39 -6.35
CA THR A 46 8.91 -11.73 -5.02
C THR A 46 8.10 -10.59 -4.40
N TYR A 47 8.70 -9.42 -4.35
CA TYR A 47 8.07 -8.26 -3.74
C TYR A 47 7.87 -7.18 -4.79
N ASP A 48 6.75 -6.48 -4.70
CA ASP A 48 6.44 -5.45 -5.69
C ASP A 48 6.71 -4.05 -5.11
N TYR A 49 6.54 -3.91 -3.81
CA TYR A 49 6.65 -2.60 -3.17
C TYR A 49 7.46 -2.66 -1.89
N ALA A 50 8.12 -1.56 -1.56
CA ALA A 50 8.80 -1.42 -0.29
C ALA A 50 8.08 -0.38 0.54
N VAL A 51 7.55 -0.81 1.67
CA VAL A 51 6.73 0.03 2.51
C VAL A 51 7.55 0.58 3.66
N SER A 52 7.47 1.89 3.86
CA SER A 52 8.10 2.52 4.99
C SER A 52 7.13 2.52 6.16
N ASP A 53 7.32 1.57 7.06
CA ASP A 53 6.44 1.38 8.21
C ASP A 53 6.40 2.63 9.08
N GLU A 54 5.26 2.83 9.73
CA GLU A 54 5.07 3.97 10.62
C GLU A 54 6.10 3.96 11.75
N THR A 55 6.57 2.78 12.10
CA THR A 55 7.52 2.61 13.20
C THR A 55 8.95 2.91 12.76
N GLY A 56 9.12 3.28 11.50
CA GLY A 56 10.44 3.61 11.00
C GLY A 56 11.08 2.46 10.27
N ASP A 57 10.38 1.34 10.21
CA ASP A 57 10.88 0.15 9.52
C ASP A 57 10.65 0.27 8.03
N ILE A 58 11.25 -0.64 7.27
CA ILE A 58 11.01 -0.73 5.85
C ILE A 58 10.80 -2.19 5.47
N THR A 59 9.55 -2.55 5.22
CA THR A 59 9.20 -3.93 4.94
C THR A 59 8.75 -4.09 3.49
N TYR A 60 9.20 -5.15 2.85
CA TYR A 60 8.88 -5.39 1.45
C TYR A 60 7.59 -6.21 1.34
N PHE A 61 6.68 -5.75 0.50
CA PHE A 61 5.40 -6.43 0.31
C PHE A 61 5.07 -6.57 -1.17
N LYS A 62 3.91 -7.13 -1.45
CA LYS A 62 3.48 -7.34 -2.82
C LYS A 62 2.14 -6.63 -3.05
N GLU A 63 1.74 -6.52 -4.32
CA GLU A 63 0.54 -5.75 -4.69
C GLU A 63 -0.72 -6.14 -3.91
N HIS A 64 -0.86 -7.43 -3.60
CA HIS A 64 -2.09 -7.91 -2.97
C HIS A 64 -1.93 -8.07 -1.46
N GLU A 65 -0.82 -7.58 -0.93
CA GLU A 65 -0.56 -7.62 0.50
C GLU A 65 -0.84 -6.26 1.14
N LEU A 66 -1.01 -5.26 0.29
CA LEU A 66 -1.16 -3.88 0.75
C LEU A 66 -2.54 -3.33 0.43
N THR A 67 -3.06 -2.51 1.33
CA THR A 67 -4.33 -1.84 1.12
C THR A 67 -4.21 -0.36 1.48
N PRO A 68 -4.48 0.54 0.53
CA PRO A 68 -4.38 1.99 0.75
C PRO A 68 -5.28 2.46 1.88
N LEU A 69 -4.84 3.50 2.58
CA LEU A 69 -5.62 4.05 3.69
C LEU A 69 -6.92 4.67 3.17
N LYS A 70 -7.94 4.65 4.01
CA LYS A 70 -9.30 4.95 3.58
C LYS A 70 -9.59 6.45 3.62
N GLY A 71 -9.07 7.17 2.63
CA GLY A 71 -9.39 8.58 2.48
C GLY A 71 -8.67 9.47 3.48
N GLY A 72 -9.03 9.35 4.74
CA GLY A 72 -8.46 10.19 5.77
C GLY A 72 -9.53 10.96 6.52
N LEU A 73 -10.52 11.45 5.77
CA LEU A 73 -11.67 12.16 6.32
C LEU A 73 -11.24 13.38 7.12
N ALA A 74 -10.14 14.00 6.73
CA ALA A 74 -9.66 15.20 7.40
C ALA A 74 -10.33 16.45 6.83
N TYR A 75 -11.07 16.27 5.74
CA TYR A 75 -11.79 17.38 5.12
C TYR A 75 -13.10 17.65 5.87
N VAL A 76 -12.98 18.11 7.10
CA VAL A 76 -14.14 18.46 7.90
C VAL A 76 -13.89 19.80 8.62
N LEU A 77 -12.69 20.34 8.41
CA LEU A 77 -12.30 21.57 9.08
C LEU A 77 -12.88 22.80 8.36
N GLU A 78 -14.14 23.08 8.64
CA GLU A 78 -14.80 24.27 8.13
C GLU A 78 -15.87 24.71 9.11
N HIS A 79 -15.77 25.93 9.59
CA HIS A 79 -16.71 26.44 10.59
C HIS A 79 -17.31 27.75 10.13
N HIS A 80 -17.11 28.07 8.85
CA HIS A 80 -17.66 29.24 8.19
C HIS A 80 -16.95 30.52 8.62
N HIS A 81 -17.00 30.83 9.92
CA HIS A 81 -16.33 32.04 10.43
C HIS A 81 -15.55 31.73 11.70
N HIS A 82 -14.26 31.42 11.53
CA HIS A 82 -13.37 31.20 12.67
C HIS A 82 -11.95 31.55 12.27
N HIS A 83 -11.45 30.89 11.23
CA HIS A 83 -10.10 31.15 10.74
C HIS A 83 -10.17 32.08 9.53
N HIS A 84 -11.37 32.15 8.97
CA HIS A 84 -11.66 33.04 7.86
C HIS A 84 -12.90 33.85 8.22
N MET A 1 6.52 -21.27 -23.69
CA MET A 1 7.36 -20.05 -23.68
C MET A 1 7.38 -19.40 -25.05
N ALA A 2 6.81 -18.21 -25.15
CA ALA A 2 6.77 -17.48 -26.41
C ALA A 2 7.18 -16.03 -26.18
N GLY A 3 7.95 -15.82 -25.13
CA GLY A 3 8.35 -14.49 -24.77
C GLY A 3 7.79 -14.08 -23.42
N ASP A 4 8.46 -13.16 -22.75
CA ASP A 4 8.00 -12.67 -21.45
C ASP A 4 6.90 -11.62 -21.64
N PRO A 5 5.66 -11.98 -21.30
CA PRO A 5 4.50 -11.12 -21.50
C PRO A 5 4.04 -10.40 -20.24
N LEU A 6 4.90 -10.36 -19.23
CA LEU A 6 4.55 -9.79 -17.92
C LEU A 6 4.00 -8.37 -18.05
N PRO A 7 2.68 -8.19 -17.88
CA PRO A 7 2.01 -6.91 -18.08
C PRO A 7 1.72 -6.16 -16.78
N LYS A 8 2.10 -6.75 -15.65
CA LYS A 8 1.80 -6.14 -14.36
C LYS A 8 3.08 -5.86 -13.59
N TYR A 9 3.26 -4.61 -13.21
CA TYR A 9 4.37 -4.23 -12.36
C TYR A 9 3.89 -3.48 -11.12
N TRP A 10 3.60 -2.20 -11.28
CA TRP A 10 3.26 -1.36 -10.15
C TRP A 10 1.99 -0.56 -10.43
N SER A 11 0.94 -0.84 -9.68
CA SER A 11 -0.32 -0.15 -9.85
C SER A 11 -0.37 1.06 -8.92
N TYR A 12 0.21 0.92 -7.74
CA TYR A 12 0.15 1.95 -6.72
C TYR A 12 1.39 2.86 -6.78
N PRO A 13 1.17 4.18 -6.92
CA PRO A 13 2.26 5.16 -7.00
C PRO A 13 3.03 5.29 -5.69
N VAL A 14 4.20 5.91 -5.77
CA VAL A 14 5.03 6.16 -4.60
C VAL A 14 4.44 7.29 -3.77
N GLY A 15 4.47 7.14 -2.45
CA GLY A 15 3.92 8.15 -1.57
C GLY A 15 2.54 7.79 -1.06
N LEU A 16 2.05 6.62 -1.47
CA LEU A 16 0.73 6.18 -1.07
C LEU A 16 0.79 5.40 0.24
N ALA A 17 -0.04 5.78 1.18
CA ALA A 17 -0.13 5.09 2.46
C ALA A 17 -1.04 3.87 2.34
N VAL A 18 -0.54 2.74 2.81
CA VAL A 18 -1.25 1.48 2.69
C VAL A 18 -1.18 0.69 4.00
N GLU A 19 -2.26 -0.02 4.34
CA GLU A 19 -2.27 -0.83 5.54
C GLU A 19 -2.06 -2.31 5.21
N ILE A 20 -1.39 -3.02 6.12
CA ILE A 20 -1.24 -4.46 5.97
C ILE A 20 -2.49 -5.14 6.52
N ASN A 21 -3.07 -6.03 5.72
CA ASN A 21 -4.37 -6.62 6.05
C ASN A 21 -4.39 -8.10 5.80
N ASN A 22 -5.48 -8.74 6.27
CA ASN A 22 -5.74 -10.16 6.05
C ASN A 22 -4.54 -10.98 6.52
N ASN A 23 -3.98 -10.53 7.64
CA ASN A 23 -2.78 -11.09 8.28
C ASN A 23 -1.60 -11.24 7.31
N ALA A 24 -1.75 -10.65 6.11
CA ALA A 24 -0.73 -10.70 5.04
C ALA A 24 -0.52 -12.12 4.49
N ARG A 25 -0.37 -13.08 5.40
CA ARG A 25 -0.10 -14.47 5.06
C ARG A 25 1.32 -14.64 4.51
N TYR A 26 1.57 -14.17 3.31
CA TYR A 26 2.87 -14.34 2.67
C TYR A 26 3.56 -13.00 2.48
N GLY A 27 4.37 -12.62 3.46
CA GLY A 27 5.09 -11.38 3.39
C GLY A 27 5.33 -10.78 4.77
N CYS A 28 4.29 -10.74 5.58
CA CYS A 28 4.38 -10.20 6.92
C CYS A 28 3.37 -10.91 7.83
N PRO A 29 3.75 -12.08 8.37
CA PRO A 29 2.83 -12.95 9.13
C PRO A 29 2.26 -12.29 10.38
N HIS A 30 0.97 -11.97 10.33
CA HIS A 30 0.23 -11.46 11.47
C HIS A 30 0.83 -10.14 11.98
N HIS A 31 0.68 -9.08 11.21
CA HIS A 31 1.11 -7.74 11.62
C HIS A 31 0.09 -6.71 11.16
N VAL A 32 -1.18 -7.12 11.18
CA VAL A 32 -2.27 -6.27 10.71
C VAL A 32 -2.49 -5.10 11.65
N GLY A 33 -2.73 -3.94 11.08
CA GLY A 33 -2.91 -2.74 11.88
C GLY A 33 -1.74 -1.79 11.71
N ARG A 34 -0.62 -2.34 11.28
CA ARG A 34 0.54 -1.55 10.98
C ARG A 34 0.38 -0.91 9.61
N LYS A 35 0.40 0.41 9.58
CA LYS A 35 0.20 1.14 8.34
C LYS A 35 1.53 1.66 7.83
N GLY A 36 1.72 1.63 6.53
CA GLY A 36 2.96 2.05 5.95
C GLY A 36 2.77 2.94 4.75
N LYS A 37 3.87 3.32 4.13
CA LYS A 37 3.83 4.18 2.97
C LYS A 37 4.81 3.69 1.91
N ILE A 38 4.29 3.39 0.72
CA ILE A 38 5.11 2.89 -0.38
C ILE A 38 6.11 3.95 -0.80
N ILE A 39 7.39 3.60 -0.75
CA ILE A 39 8.45 4.57 -1.02
C ILE A 39 9.27 4.19 -2.25
N GLU A 40 9.20 2.93 -2.65
CA GLU A 40 9.98 2.46 -3.78
C GLU A 40 9.25 1.33 -4.51
N HIS A 41 9.30 1.38 -5.84
CA HIS A 41 8.76 0.31 -6.66
C HIS A 41 9.84 -0.74 -6.89
N LEU A 42 9.61 -1.95 -6.43
CA LEU A 42 10.62 -3.00 -6.54
C LEU A 42 10.51 -3.69 -7.88
N HIS A 43 11.66 -3.92 -8.51
CA HIS A 43 11.70 -4.57 -9.82
C HIS A 43 11.74 -6.09 -9.67
N SER A 44 11.40 -6.55 -8.48
CA SER A 44 11.41 -7.97 -8.16
C SER A 44 10.10 -8.61 -8.62
N ALA A 45 10.04 -9.92 -8.51
CA ALA A 45 8.82 -10.66 -8.80
C ALA A 45 8.28 -11.24 -7.52
N THR A 46 9.10 -11.16 -6.47
CA THR A 46 8.76 -11.71 -5.18
C THR A 46 8.05 -10.66 -4.33
N TYR A 47 8.51 -9.42 -4.42
CA TYR A 47 7.91 -8.31 -3.70
C TYR A 47 7.72 -7.14 -4.65
N ASP A 48 6.51 -6.61 -4.72
CA ASP A 48 6.18 -5.57 -5.68
C ASP A 48 6.54 -4.18 -5.17
N TYR A 49 6.45 -3.96 -3.85
CA TYR A 49 6.64 -2.64 -3.29
C TYR A 49 7.56 -2.64 -2.08
N ALA A 50 8.20 -1.51 -1.84
CA ALA A 50 8.96 -1.29 -0.63
C ALA A 50 8.21 -0.27 0.23
N VAL A 51 7.77 -0.71 1.38
CA VAL A 51 6.88 0.11 2.20
C VAL A 51 7.56 0.54 3.49
N SER A 52 7.47 1.83 3.78
CA SER A 52 7.98 2.36 5.02
C SER A 52 6.93 2.19 6.12
N ASP A 53 7.16 1.20 6.97
CA ASP A 53 6.25 0.85 8.05
C ASP A 53 6.05 2.04 8.99
N GLU A 54 4.97 2.02 9.74
CA GLU A 54 4.65 3.08 10.70
C GLU A 54 5.76 3.24 11.74
N THR A 55 6.52 2.18 11.97
CA THR A 55 7.64 2.23 12.90
C THR A 55 8.87 2.86 12.26
N GLY A 56 8.80 3.09 10.94
CA GLY A 56 9.92 3.68 10.23
C GLY A 56 10.77 2.64 9.54
N ASP A 57 10.44 1.37 9.76
CA ASP A 57 11.19 0.26 9.19
C ASP A 57 10.79 0.03 7.73
N ILE A 58 11.76 -0.17 6.86
CA ILE A 58 11.46 -0.44 5.45
C ILE A 58 11.25 -1.92 5.23
N THR A 59 10.01 -2.30 4.96
CA THR A 59 9.67 -3.69 4.74
C THR A 59 9.17 -3.89 3.32
N TYR A 60 9.48 -5.03 2.73
CA TYR A 60 9.06 -5.31 1.36
C TYR A 60 7.73 -6.04 1.37
N PHE A 61 6.81 -5.60 0.52
CA PHE A 61 5.49 -6.20 0.45
C PHE A 61 5.06 -6.39 -0.99
N LYS A 62 3.96 -7.08 -1.19
CA LYS A 62 3.36 -7.19 -2.50
C LYS A 62 2.11 -6.35 -2.55
N GLU A 63 1.42 -6.39 -3.67
CA GLU A 63 0.16 -5.66 -3.84
C GLU A 63 -1.00 -6.45 -3.22
N HIS A 64 -0.67 -7.57 -2.59
CA HIS A 64 -1.67 -8.43 -1.96
C HIS A 64 -1.89 -8.06 -0.50
N GLU A 65 -0.80 -7.77 0.20
CA GLU A 65 -0.84 -7.52 1.62
C GLU A 65 -1.27 -6.08 1.94
N LEU A 66 -1.26 -5.24 0.92
CA LEU A 66 -1.46 -3.82 1.13
C LEU A 66 -2.83 -3.36 0.65
N THR A 67 -3.46 -2.49 1.45
CA THR A 67 -4.68 -1.81 1.04
C THR A 67 -4.50 -0.30 1.14
N PRO A 68 -4.73 0.42 0.04
CA PRO A 68 -4.58 1.88 -0.01
C PRO A 68 -5.56 2.61 0.91
N LEU A 69 -5.04 3.54 1.70
CA LEU A 69 -5.86 4.32 2.61
C LEU A 69 -6.33 5.61 1.93
N LYS A 70 -6.44 5.56 0.62
CA LYS A 70 -6.80 6.74 -0.15
C LYS A 70 -8.31 6.85 -0.28
N GLY A 71 -8.91 7.65 0.57
CA GLY A 71 -10.34 7.83 0.55
C GLY A 71 -10.77 9.22 0.95
N GLY A 72 -10.16 9.74 2.01
CA GLY A 72 -10.49 11.06 2.48
C GLY A 72 -11.40 11.04 3.68
N LEU A 73 -12.55 11.69 3.58
CA LEU A 73 -13.51 11.72 4.67
C LEU A 73 -14.76 10.93 4.30
N ALA A 74 -14.87 9.72 4.82
CA ALA A 74 -16.01 8.86 4.54
C ALA A 74 -16.70 8.45 5.82
N TYR A 75 -17.62 9.29 6.30
CA TYR A 75 -18.41 9.00 7.48
C TYR A 75 -19.88 9.25 7.19
N VAL A 76 -20.18 10.50 6.85
CA VAL A 76 -21.53 10.93 6.45
C VAL A 76 -22.50 10.89 7.63
N LEU A 77 -22.90 12.06 8.10
CA LEU A 77 -23.87 12.18 9.17
C LEU A 77 -25.27 12.30 8.59
N GLU A 78 -26.25 11.78 9.31
CA GLU A 78 -27.64 11.87 8.87
C GLU A 78 -28.07 13.33 8.77
N HIS A 79 -28.55 13.72 7.60
CA HIS A 79 -28.91 15.11 7.36
C HIS A 79 -30.39 15.35 7.57
N HIS A 80 -30.90 14.86 8.70
CA HIS A 80 -32.27 15.17 9.13
C HIS A 80 -32.25 16.31 10.14
N HIS A 81 -31.05 16.75 10.51
CA HIS A 81 -30.89 17.82 11.47
C HIS A 81 -31.12 19.18 10.82
N HIS A 82 -32.17 19.25 9.98
CA HIS A 82 -32.43 20.38 9.11
C HIS A 82 -31.40 20.42 7.99
N HIS A 83 -31.64 21.27 6.99
CA HIS A 83 -30.79 21.36 5.81
C HIS A 83 -30.81 20.04 5.05
N HIS A 84 -31.94 19.78 4.39
CA HIS A 84 -32.13 18.56 3.60
C HIS A 84 -31.05 18.43 2.55
N MET A 1 6.31 -22.72 -16.79
CA MET A 1 7.33 -22.74 -15.72
C MET A 1 7.29 -21.43 -14.95
N ALA A 2 7.78 -21.46 -13.71
CA ALA A 2 7.86 -20.25 -12.92
C ALA A 2 9.03 -19.38 -13.41
N GLY A 3 8.71 -18.44 -14.29
CA GLY A 3 9.72 -17.56 -14.83
C GLY A 3 9.15 -16.53 -15.78
N ASP A 4 7.96 -16.04 -15.46
CA ASP A 4 7.30 -15.03 -16.29
C ASP A 4 6.73 -13.93 -15.40
N PRO A 5 7.48 -12.83 -15.23
CA PRO A 5 7.06 -11.72 -14.36
C PRO A 5 6.03 -10.81 -15.01
N LEU A 6 6.10 -10.68 -16.34
CA LEU A 6 5.25 -9.74 -17.10
C LEU A 6 5.62 -8.29 -16.79
N PRO A 7 5.85 -7.48 -17.83
CA PRO A 7 6.20 -6.06 -17.68
C PRO A 7 5.10 -5.30 -16.94
N LYS A 8 5.40 -4.89 -15.72
CA LYS A 8 4.41 -4.27 -14.85
C LYS A 8 4.43 -2.75 -14.95
N TYR A 9 3.24 -2.17 -14.86
CA TYR A 9 3.08 -0.76 -14.60
C TYR A 9 2.54 -0.61 -13.18
N TRP A 10 3.40 -0.17 -12.28
CA TRP A 10 3.07 -0.11 -10.86
C TRP A 10 1.83 0.75 -10.60
N SER A 11 0.79 0.10 -10.08
CA SER A 11 -0.48 0.76 -9.81
C SER A 11 -0.43 1.50 -8.48
N TYR A 12 0.48 1.06 -7.61
CA TYR A 12 0.67 1.72 -6.33
C TYR A 12 1.83 2.71 -6.42
N PRO A 13 1.51 4.01 -6.38
CA PRO A 13 2.52 5.07 -6.52
C PRO A 13 3.28 5.34 -5.23
N VAL A 14 4.35 6.11 -5.34
CA VAL A 14 5.14 6.53 -4.18
C VAL A 14 4.36 7.57 -3.38
N GLY A 15 4.43 7.48 -2.07
CA GLY A 15 3.75 8.43 -1.22
C GLY A 15 2.32 8.03 -0.95
N LEU A 16 2.05 6.73 -1.04
CA LEU A 16 0.71 6.21 -0.77
C LEU A 16 0.71 5.45 0.56
N ALA A 17 -0.17 5.85 1.46
CA ALA A 17 -0.30 5.18 2.75
C ALA A 17 -1.20 3.95 2.61
N VAL A 18 -0.68 2.80 3.02
CA VAL A 18 -1.39 1.53 2.86
C VAL A 18 -1.33 0.72 4.15
N GLU A 19 -2.37 -0.06 4.40
CA GLU A 19 -2.34 -1.05 5.48
C GLU A 19 -2.01 -2.41 4.90
N ILE A 20 -0.95 -3.01 5.40
CA ILE A 20 -0.54 -4.32 4.94
C ILE A 20 -1.49 -5.39 5.46
N ASN A 21 -1.86 -6.32 4.59
CA ASN A 21 -2.67 -7.44 4.98
C ASN A 21 -2.09 -8.70 4.37
N ASN A 22 -0.93 -9.11 4.89
CA ASN A 22 -0.27 -10.33 4.44
C ASN A 22 -1.14 -11.51 4.83
N ASN A 23 -2.14 -11.76 3.99
CA ASN A 23 -3.19 -12.75 4.24
C ASN A 23 -4.18 -12.21 5.29
N ALA A 24 -3.65 -11.37 6.19
CA ALA A 24 -4.45 -10.69 7.23
C ALA A 24 -5.13 -11.67 8.19
N ARG A 25 -4.87 -12.96 8.03
CA ARG A 25 -5.55 -14.00 8.79
C ARG A 25 -7.07 -13.77 8.78
N TYR A 26 -7.57 -13.15 9.85
CA TYR A 26 -8.97 -12.74 9.94
C TYR A 26 -9.07 -11.56 10.91
N GLY A 27 -8.91 -10.35 10.38
CA GLY A 27 -8.96 -9.16 11.23
C GLY A 27 -7.62 -8.84 11.86
N CYS A 28 -6.76 -9.84 11.92
CA CYS A 28 -5.43 -9.69 12.51
C CYS A 28 -4.54 -10.88 12.12
N PRO A 29 -3.50 -10.62 11.32
CA PRO A 29 -2.60 -11.65 10.84
C PRO A 29 -1.43 -11.89 11.80
N HIS A 30 -0.33 -12.42 11.27
CA HIS A 30 0.86 -12.68 12.08
C HIS A 30 1.72 -11.42 12.20
N HIS A 31 1.30 -10.51 13.08
CA HIS A 31 2.04 -9.27 13.39
C HIS A 31 2.11 -8.29 12.23
N VAL A 32 1.94 -8.76 11.01
CA VAL A 32 1.82 -7.86 9.87
C VAL A 32 0.52 -7.09 9.96
N GLY A 33 0.39 -6.05 9.16
CA GLY A 33 -0.75 -5.17 9.28
C GLY A 33 -0.33 -3.77 9.63
N ARG A 34 0.92 -3.46 9.32
CA ARG A 34 1.48 -2.16 9.60
C ARG A 34 0.85 -1.11 8.69
N LYS A 35 0.77 0.12 9.18
CA LYS A 35 0.29 1.22 8.36
C LYS A 35 1.49 2.02 7.85
N GLY A 36 1.88 1.75 6.62
CA GLY A 36 3.07 2.37 6.08
C GLY A 36 2.80 3.16 4.83
N LYS A 37 3.84 3.73 4.27
CA LYS A 37 3.73 4.51 3.05
C LYS A 37 4.77 4.04 2.03
N ILE A 38 4.30 3.77 0.82
CA ILE A 38 5.15 3.23 -0.24
C ILE A 38 6.22 4.24 -0.65
N ILE A 39 7.47 3.78 -0.74
CA ILE A 39 8.59 4.66 -1.06
C ILE A 39 9.31 4.26 -2.34
N GLU A 40 9.31 2.98 -2.65
CA GLU A 40 10.10 2.48 -3.77
C GLU A 40 9.34 1.38 -4.51
N HIS A 41 9.49 1.36 -5.83
CA HIS A 41 8.86 0.36 -6.66
C HIS A 41 9.81 -0.81 -6.89
N LEU A 42 9.33 -2.02 -6.68
CA LEU A 42 10.17 -3.19 -6.85
C LEU A 42 9.70 -4.03 -8.04
N HIS A 43 10.65 -4.45 -8.87
CA HIS A 43 10.35 -5.37 -9.95
C HIS A 43 10.76 -6.78 -9.56
N SER A 44 9.82 -7.49 -8.95
CA SER A 44 10.08 -8.82 -8.42
C SER A 44 8.80 -9.63 -8.45
N ALA A 45 8.86 -10.87 -7.99
CA ALA A 45 7.70 -11.73 -7.95
C ALA A 45 7.48 -12.19 -6.51
N THR A 46 8.30 -11.65 -5.63
CA THR A 46 8.27 -12.03 -4.23
C THR A 46 7.98 -10.81 -3.34
N TYR A 47 8.43 -9.64 -3.80
CA TYR A 47 8.22 -8.38 -3.12
C TYR A 47 8.13 -7.29 -4.18
N ASP A 48 6.98 -6.67 -4.28
CA ASP A 48 6.69 -5.80 -5.41
C ASP A 48 6.79 -4.32 -5.02
N TYR A 49 6.78 -4.04 -3.73
CA TYR A 49 6.85 -2.66 -3.25
C TYR A 49 7.65 -2.57 -1.95
N ALA A 50 8.25 -1.40 -1.73
CA ALA A 50 8.95 -1.14 -0.49
C ALA A 50 8.15 -0.12 0.33
N VAL A 51 7.72 -0.53 1.50
CA VAL A 51 6.86 0.30 2.32
C VAL A 51 7.57 0.76 3.58
N SER A 52 7.48 2.04 3.89
CA SER A 52 8.03 2.58 5.12
C SER A 52 6.93 2.66 6.17
N ASP A 53 7.00 1.76 7.15
CA ASP A 53 5.98 1.67 8.18
C ASP A 53 6.07 2.89 9.10
N GLU A 54 4.92 3.30 9.64
CA GLU A 54 4.85 4.48 10.50
C GLU A 54 5.78 4.36 11.71
N THR A 55 6.16 3.13 12.03
CA THR A 55 7.03 2.85 13.16
C THR A 55 8.47 3.32 12.88
N GLY A 56 8.78 3.54 11.61
CA GLY A 56 10.12 3.97 11.24
C GLY A 56 10.92 2.87 10.58
N ASP A 57 10.25 1.76 10.29
CA ASP A 57 10.89 0.63 9.64
C ASP A 57 10.56 0.62 8.17
N ILE A 58 11.37 -0.10 7.39
CA ILE A 58 11.13 -0.23 5.97
C ILE A 58 11.00 -1.70 5.61
N THR A 59 9.82 -2.10 5.17
CA THR A 59 9.57 -3.49 4.88
C THR A 59 9.07 -3.68 3.45
N TYR A 60 9.49 -4.75 2.81
CA TYR A 60 9.09 -5.04 1.44
C TYR A 60 7.81 -5.87 1.45
N PHE A 61 6.90 -5.57 0.52
CA PHE A 61 5.61 -6.24 0.48
C PHE A 61 5.18 -6.46 -0.95
N LYS A 62 4.07 -7.15 -1.15
CA LYS A 62 3.54 -7.39 -2.46
C LYS A 62 2.21 -6.65 -2.66
N GLU A 63 1.88 -6.35 -3.90
CA GLU A 63 0.63 -5.67 -4.25
C GLU A 63 -0.60 -6.44 -3.75
N HIS A 64 -0.40 -7.72 -3.48
CA HIS A 64 -1.48 -8.61 -3.06
C HIS A 64 -1.87 -8.36 -1.60
N GLU A 65 -0.94 -7.86 -0.80
CA GLU A 65 -1.21 -7.64 0.63
C GLU A 65 -1.27 -6.15 0.95
N LEU A 66 -1.69 -5.34 0.00
CA LEU A 66 -1.72 -3.89 0.18
C LEU A 66 -3.12 -3.33 0.00
N THR A 67 -3.62 -2.68 1.04
CA THR A 67 -4.88 -1.95 0.95
C THR A 67 -4.67 -0.51 1.39
N PRO A 68 -4.72 0.45 0.44
CA PRO A 68 -4.47 1.87 0.73
C PRO A 68 -5.49 2.47 1.68
N LEU A 69 -5.03 3.39 2.52
CA LEU A 69 -5.90 4.07 3.46
C LEU A 69 -6.87 5.00 2.74
N LYS A 70 -8.13 4.64 2.77
CA LYS A 70 -9.16 5.45 2.14
C LYS A 70 -9.90 6.28 3.20
N GLY A 71 -9.59 7.57 3.22
CA GLY A 71 -10.21 8.46 4.18
C GLY A 71 -10.03 9.92 3.82
N GLY A 72 -8.96 10.22 3.09
CA GLY A 72 -8.70 11.59 2.71
C GLY A 72 -8.93 11.82 1.24
N LEU A 73 -9.71 10.94 0.62
CA LEU A 73 -10.00 11.03 -0.81
C LEU A 73 -11.07 12.09 -1.05
N ALA A 74 -12.29 11.79 -0.62
CA ALA A 74 -13.42 12.69 -0.80
C ALA A 74 -13.67 13.53 0.45
N TYR A 75 -12.64 13.64 1.27
CA TYR A 75 -12.74 14.41 2.51
C TYR A 75 -12.44 15.88 2.26
N VAL A 76 -11.59 16.16 1.29
CA VAL A 76 -11.20 17.52 0.98
C VAL A 76 -11.46 17.85 -0.48
N LEU A 77 -12.15 18.96 -0.71
CA LEU A 77 -12.51 19.37 -2.06
C LEU A 77 -11.53 20.42 -2.58
N GLU A 78 -10.34 20.46 -1.99
CA GLU A 78 -9.31 21.39 -2.40
C GLU A 78 -8.77 21.02 -3.78
N HIS A 79 -9.07 21.83 -4.79
CA HIS A 79 -8.58 21.59 -6.13
C HIS A 79 -7.05 21.58 -6.15
N HIS A 80 -6.48 20.43 -6.45
CA HIS A 80 -5.03 20.26 -6.41
C HIS A 80 -4.37 20.64 -7.72
N HIS A 81 -4.28 21.94 -7.97
CA HIS A 81 -3.56 22.48 -9.13
C HIS A 81 -4.06 21.85 -10.43
N HIS A 82 -5.20 22.31 -10.91
CA HIS A 82 -5.77 21.76 -12.14
C HIS A 82 -6.30 22.85 -13.07
N HIS A 83 -5.55 23.10 -14.13
CA HIS A 83 -6.08 23.82 -15.27
C HIS A 83 -6.24 22.81 -16.40
N HIS A 84 -5.57 21.68 -16.23
CA HIS A 84 -5.72 20.54 -17.13
C HIS A 84 -6.41 19.41 -16.38
N MET A 1 0.85 -16.68 -6.45
CA MET A 1 0.54 -15.31 -5.96
C MET A 1 0.48 -14.32 -7.13
N ALA A 2 0.33 -14.84 -8.34
CA ALA A 2 0.24 -13.99 -9.53
C ALA A 2 -0.68 -14.62 -10.57
N GLY A 3 -1.86 -14.04 -10.73
CA GLY A 3 -2.81 -14.53 -11.71
C GLY A 3 -2.32 -14.36 -13.13
N ASP A 4 -2.36 -13.14 -13.62
CA ASP A 4 -1.92 -12.85 -14.99
C ASP A 4 -1.02 -11.62 -15.02
N PRO A 5 -0.01 -11.63 -15.91
CA PRO A 5 0.89 -10.48 -16.11
C PRO A 5 0.17 -9.32 -16.79
N LEU A 6 0.01 -8.24 -16.05
CA LEU A 6 -0.66 -7.05 -16.56
C LEU A 6 0.39 -5.98 -16.88
N PRO A 7 0.15 -5.15 -17.92
CA PRO A 7 1.03 -4.02 -18.26
C PRO A 7 1.52 -3.26 -17.02
N LYS A 8 2.82 -3.00 -16.98
CA LYS A 8 3.43 -2.46 -15.77
C LYS A 8 3.04 -1.02 -15.54
N TYR A 9 2.89 -0.68 -14.27
CA TYR A 9 2.57 0.68 -13.83
C TYR A 9 2.67 0.76 -12.33
N TRP A 10 2.33 -0.35 -11.67
CA TRP A 10 2.24 -0.41 -10.21
C TRP A 10 1.05 0.40 -9.73
N SER A 11 -0.06 -0.29 -9.52
CA SER A 11 -1.33 0.34 -9.14
C SER A 11 -1.18 1.21 -7.90
N TYR A 12 -0.17 0.92 -7.09
CA TYR A 12 0.10 1.73 -5.91
C TYR A 12 1.29 2.64 -6.16
N PRO A 13 1.01 3.95 -6.35
CA PRO A 13 2.04 4.94 -6.65
C PRO A 13 2.92 5.24 -5.44
N VAL A 14 4.03 5.92 -5.70
CA VAL A 14 4.94 6.30 -4.63
C VAL A 14 4.36 7.44 -3.82
N GLY A 15 4.36 7.28 -2.50
CA GLY A 15 3.84 8.30 -1.62
C GLY A 15 2.42 8.04 -1.21
N LEU A 16 1.94 6.84 -1.47
CA LEU A 16 0.61 6.44 -1.07
C LEU A 16 0.64 5.78 0.30
N ALA A 17 -0.23 6.26 1.19
CA ALA A 17 -0.35 5.67 2.52
C ALA A 17 -1.21 4.42 2.47
N VAL A 18 -0.64 3.30 2.86
CA VAL A 18 -1.33 2.03 2.77
C VAL A 18 -1.27 1.28 4.10
N GLU A 19 -2.08 0.26 4.20
CA GLU A 19 -2.05 -0.63 5.33
C GLU A 19 -1.64 -2.02 4.85
N ILE A 20 -0.78 -2.67 5.62
CA ILE A 20 -0.33 -4.00 5.28
C ILE A 20 -1.39 -5.01 5.68
N ASN A 21 -1.81 -5.81 4.71
CA ASN A 21 -2.82 -6.80 4.94
C ASN A 21 -2.32 -8.11 4.38
N ASN A 22 -1.01 -8.32 4.56
CA ASN A 22 -0.30 -9.51 4.07
C ASN A 22 -1.02 -10.78 4.48
N ASN A 23 -1.99 -11.17 3.66
CA ASN A 23 -2.81 -12.34 3.92
C ASN A 23 -3.53 -12.21 5.26
N ALA A 24 -3.70 -10.95 5.71
CA ALA A 24 -4.32 -10.64 6.99
C ALA A 24 -5.69 -11.30 7.15
N ARG A 25 -6.45 -11.39 6.08
CA ARG A 25 -7.80 -11.90 6.17
C ARG A 25 -7.87 -13.37 5.73
N TYR A 26 -6.76 -13.86 5.19
CA TYR A 26 -6.72 -15.21 4.65
C TYR A 26 -5.26 -15.65 4.53
N GLY A 27 -4.80 -16.41 5.51
CA GLY A 27 -3.41 -16.82 5.54
C GLY A 27 -2.76 -16.48 6.86
N CYS A 28 -2.97 -15.24 7.32
CA CYS A 28 -2.50 -14.81 8.62
C CYS A 28 -3.57 -13.98 9.33
N PRO A 29 -4.67 -14.64 9.76
CA PRO A 29 -5.81 -13.96 10.37
C PRO A 29 -5.55 -13.54 11.81
N HIS A 30 -5.98 -12.33 12.15
CA HIS A 30 -5.81 -11.77 13.49
C HIS A 30 -4.34 -11.58 13.81
N HIS A 31 -3.54 -11.38 12.78
CA HIS A 31 -2.10 -11.23 12.93
C HIS A 31 -1.61 -9.95 12.28
N VAL A 32 -2.17 -9.63 11.11
CA VAL A 32 -1.68 -8.51 10.32
C VAL A 32 -2.57 -7.28 10.49
N GLY A 33 -1.94 -6.12 10.58
CA GLY A 33 -2.63 -4.88 10.78
C GLY A 33 -1.65 -3.75 10.96
N ARG A 34 -1.01 -3.36 9.88
CA ARG A 34 0.12 -2.45 9.92
C ARG A 34 -0.10 -1.24 9.02
N LYS A 35 0.41 -0.09 9.43
CA LYS A 35 0.35 1.10 8.58
C LYS A 35 1.70 1.33 7.92
N GLY A 36 1.70 1.73 6.66
CA GLY A 36 2.94 1.94 5.95
C GLY A 36 2.85 2.95 4.83
N LYS A 37 3.98 3.32 4.27
CA LYS A 37 4.06 4.30 3.20
C LYS A 37 4.89 3.74 2.06
N ILE A 38 4.30 3.60 0.88
CA ILE A 38 5.02 3.07 -0.27
C ILE A 38 5.97 4.10 -0.84
N ILE A 39 7.26 3.79 -0.86
CA ILE A 39 8.27 4.75 -1.28
C ILE A 39 9.00 4.30 -2.55
N GLU A 40 9.08 2.99 -2.78
CA GLU A 40 9.86 2.49 -3.91
C GLU A 40 9.11 1.40 -4.68
N HIS A 41 9.45 1.27 -5.96
CA HIS A 41 8.94 0.19 -6.79
C HIS A 41 10.08 -0.74 -7.17
N LEU A 42 10.06 -1.95 -6.64
CA LEU A 42 11.19 -2.86 -6.74
C LEU A 42 11.15 -3.73 -7.99
N HIS A 43 9.98 -4.29 -8.26
CA HIS A 43 9.81 -5.30 -9.31
C HIS A 43 10.52 -6.59 -8.89
N SER A 44 9.79 -7.47 -8.25
CA SER A 44 10.33 -8.72 -7.74
C SER A 44 9.21 -9.72 -7.57
N ALA A 45 9.55 -11.00 -7.70
CA ALA A 45 8.56 -12.05 -7.72
C ALA A 45 7.90 -12.21 -6.37
N THR A 46 8.57 -11.72 -5.35
CA THR A 46 8.08 -11.84 -3.99
C THR A 46 7.63 -10.49 -3.43
N TYR A 47 8.34 -9.43 -3.78
CA TYR A 47 8.02 -8.11 -3.25
C TYR A 47 8.25 -7.01 -4.30
N ASP A 48 7.19 -6.32 -4.69
CA ASP A 48 7.30 -5.31 -5.74
C ASP A 48 7.33 -3.91 -5.14
N TYR A 49 7.04 -3.80 -3.85
CA TYR A 49 6.94 -2.50 -3.22
C TYR A 49 7.77 -2.44 -1.95
N ALA A 50 8.38 -1.28 -1.71
CA ALA A 50 9.09 -1.03 -0.46
C ALA A 50 8.27 -0.09 0.39
N VAL A 51 7.96 -0.53 1.61
CA VAL A 51 7.05 0.21 2.46
C VAL A 51 7.76 0.71 3.70
N SER A 52 7.69 2.01 3.94
CA SER A 52 8.19 2.56 5.18
C SER A 52 7.10 2.47 6.24
N ASP A 53 7.26 1.53 7.15
CA ASP A 53 6.29 1.27 8.21
C ASP A 53 6.07 2.49 9.09
N GLU A 54 4.99 2.45 9.85
CA GLU A 54 4.68 3.49 10.83
C GLU A 54 5.75 3.54 11.91
N THR A 55 6.55 2.49 12.01
CA THR A 55 7.63 2.42 12.98
C THR A 55 8.92 3.01 12.40
N GLY A 56 8.90 3.34 11.11
CA GLY A 56 10.05 3.95 10.49
C GLY A 56 10.98 2.94 9.81
N ASP A 57 10.61 1.67 9.88
CA ASP A 57 11.41 0.61 9.28
C ASP A 57 10.94 0.35 7.86
N ILE A 58 11.83 -0.08 6.98
CA ILE A 58 11.48 -0.33 5.59
C ILE A 58 11.24 -1.81 5.34
N THR A 59 9.99 -2.16 5.04
CA THR A 59 9.61 -3.51 4.74
C THR A 59 9.44 -3.68 3.23
N TYR A 60 9.27 -4.91 2.78
CA TYR A 60 9.14 -5.20 1.37
C TYR A 60 7.98 -6.16 1.13
N PHE A 61 6.96 -5.69 0.45
CA PHE A 61 5.75 -6.46 0.23
C PHE A 61 5.31 -6.42 -1.23
N LYS A 62 4.29 -7.18 -1.57
CA LYS A 62 3.73 -7.17 -2.90
C LYS A 62 2.40 -6.42 -2.86
N GLU A 63 1.90 -6.03 -4.02
CA GLU A 63 0.72 -5.16 -4.09
C GLU A 63 -0.54 -5.80 -3.54
N HIS A 64 -0.65 -7.12 -3.62
CA HIS A 64 -1.87 -7.80 -3.22
C HIS A 64 -2.05 -7.73 -1.71
N GLU A 65 -0.91 -7.78 -1.02
CA GLU A 65 -0.89 -7.77 0.44
C GLU A 65 -0.90 -6.35 0.97
N LEU A 66 -1.10 -5.41 0.06
CA LEU A 66 -1.18 -4.00 0.41
C LEU A 66 -2.53 -3.43 0.00
N THR A 67 -3.13 -2.66 0.89
CA THR A 67 -4.41 -2.03 0.62
C THR A 67 -4.35 -0.56 1.08
N PRO A 68 -4.77 0.38 0.22
CA PRO A 68 -4.67 1.81 0.52
C PRO A 68 -5.58 2.23 1.67
N LEU A 69 -5.14 3.23 2.42
CA LEU A 69 -5.96 3.77 3.50
C LEU A 69 -7.16 4.50 2.91
N LYS A 70 -8.32 3.94 3.13
CA LYS A 70 -9.54 4.38 2.45
C LYS A 70 -10.43 5.19 3.37
N GLY A 71 -11.49 5.76 2.80
CA GLY A 71 -12.38 6.62 3.53
C GLY A 71 -12.32 8.04 3.00
N GLY A 72 -11.10 8.51 2.74
CA GLY A 72 -10.90 9.85 2.21
C GLY A 72 -11.16 10.91 3.25
N LEU A 73 -12.24 11.66 3.08
CA LEU A 73 -12.58 12.73 4.00
C LEU A 73 -14.06 13.08 3.88
N ALA A 74 -14.38 13.95 2.94
CA ALA A 74 -15.75 14.39 2.74
C ALA A 74 -16.05 14.53 1.25
N TYR A 75 -15.64 13.53 0.49
CA TYR A 75 -15.82 13.56 -0.94
C TYR A 75 -16.99 12.67 -1.31
N VAL A 76 -18.17 13.26 -1.27
CA VAL A 76 -19.39 12.53 -1.55
C VAL A 76 -20.25 13.32 -2.52
N LEU A 77 -20.64 14.54 -2.12
CA LEU A 77 -21.46 15.42 -2.94
C LEU A 77 -22.79 14.74 -3.25
N GLU A 78 -23.72 14.84 -2.32
CA GLU A 78 -25.00 14.17 -2.43
C GLU A 78 -25.88 14.85 -3.45
N HIS A 79 -25.79 16.18 -3.51
CA HIS A 79 -26.52 16.97 -4.51
C HIS A 79 -28.03 16.70 -4.41
N HIS A 80 -28.53 16.61 -3.19
CA HIS A 80 -29.95 16.32 -2.97
C HIS A 80 -30.71 17.58 -2.63
N HIS A 81 -31.85 17.77 -3.28
CA HIS A 81 -32.74 18.87 -2.94
C HIS A 81 -34.02 18.29 -2.32
N HIS A 82 -34.69 19.07 -1.48
CA HIS A 82 -35.81 18.57 -0.70
C HIS A 82 -37.01 18.15 -1.57
N HIS A 83 -37.17 16.83 -1.70
CA HIS A 83 -38.35 16.20 -2.30
C HIS A 83 -38.85 16.94 -3.56
N HIS A 84 -38.15 16.74 -4.67
CA HIS A 84 -38.56 17.27 -5.98
C HIS A 84 -38.87 18.78 -5.90
N MET A 1 -9.41 -0.23 -23.55
CA MET A 1 -10.30 -0.97 -22.64
C MET A 1 -9.91 -2.44 -22.58
N ALA A 2 -9.47 -2.87 -21.41
CA ALA A 2 -9.14 -4.27 -21.18
C ALA A 2 -9.82 -4.75 -19.91
N GLY A 3 -10.01 -3.83 -18.97
CA GLY A 3 -10.64 -4.17 -17.71
C GLY A 3 -9.76 -3.82 -16.53
N ASP A 4 -8.82 -4.71 -16.23
CA ASP A 4 -7.87 -4.49 -15.15
C ASP A 4 -6.44 -4.53 -15.71
N PRO A 5 -5.66 -3.46 -15.51
CA PRO A 5 -4.31 -3.31 -16.08
C PRO A 5 -3.35 -4.39 -15.63
N LEU A 6 -2.32 -4.62 -16.45
CA LEU A 6 -1.31 -5.63 -16.16
C LEU A 6 -0.23 -5.05 -15.24
N PRO A 7 0.33 -5.88 -14.34
CA PRO A 7 1.32 -5.44 -13.35
C PRO A 7 2.69 -5.11 -13.95
N LYS A 8 2.74 -4.86 -15.25
CA LYS A 8 3.96 -4.40 -15.90
C LYS A 8 4.26 -2.99 -15.45
N TYR A 9 3.19 -2.24 -15.20
CA TYR A 9 3.30 -0.89 -14.69
C TYR A 9 2.69 -0.85 -13.31
N TRP A 10 3.38 -0.23 -12.38
CA TRP A 10 2.97 -0.22 -10.98
C TRP A 10 1.61 0.43 -10.79
N SER A 11 0.69 -0.33 -10.20
CA SER A 11 -0.66 0.15 -9.95
C SER A 11 -0.67 1.20 -8.84
N TYR A 12 0.27 1.06 -7.91
CA TYR A 12 0.34 1.97 -6.77
C TYR A 12 1.46 2.99 -6.96
N PRO A 13 1.17 4.27 -6.67
CA PRO A 13 2.15 5.35 -6.79
C PRO A 13 3.03 5.51 -5.55
N VAL A 14 3.94 6.48 -5.59
CA VAL A 14 4.82 6.75 -4.47
C VAL A 14 4.18 7.77 -3.53
N GLY A 15 4.35 7.56 -2.23
CA GLY A 15 3.79 8.47 -1.26
C GLY A 15 2.39 8.09 -0.86
N LEU A 16 1.99 6.89 -1.23
CA LEU A 16 0.67 6.39 -0.89
C LEU A 16 0.73 5.61 0.41
N ALA A 17 -0.15 5.98 1.35
CA ALA A 17 -0.22 5.30 2.62
C ALA A 17 -1.05 4.03 2.49
N VAL A 18 -0.51 2.93 3.00
CA VAL A 18 -1.16 1.63 2.89
C VAL A 18 -1.00 0.84 4.18
N GLU A 19 -1.94 -0.05 4.44
CA GLU A 19 -1.83 -0.97 5.56
C GLU A 19 -1.53 -2.37 5.04
N ILE A 20 -0.80 -3.14 5.83
CA ILE A 20 -0.50 -4.52 5.47
C ILE A 20 -1.79 -5.35 5.51
N ASN A 21 -2.08 -6.01 4.41
CA ASN A 21 -3.35 -6.70 4.22
C ASN A 21 -3.40 -8.00 5.02
N ASN A 22 -4.60 -8.56 5.15
CA ASN A 22 -4.82 -9.75 5.97
C ASN A 22 -4.41 -11.02 5.25
N ASN A 23 -3.44 -10.90 4.37
CA ASN A 23 -2.93 -12.03 3.62
C ASN A 23 -1.45 -12.24 3.92
N ALA A 24 -0.79 -11.18 4.38
CA ALA A 24 0.65 -11.20 4.64
C ALA A 24 0.95 -11.86 5.99
N ARG A 25 0.14 -12.85 6.35
CA ARG A 25 0.39 -13.63 7.55
C ARG A 25 1.38 -14.74 7.20
N TYR A 26 1.61 -14.91 5.91
CA TYR A 26 2.58 -15.86 5.41
C TYR A 26 3.95 -15.19 5.37
N GLY A 27 4.92 -15.81 6.02
CA GLY A 27 6.25 -15.23 6.08
C GLY A 27 6.44 -14.40 7.34
N CYS A 28 5.56 -13.42 7.51
CA CYS A 28 5.59 -12.59 8.71
C CYS A 28 4.25 -12.62 9.41
N PRO A 29 4.02 -13.65 10.25
CA PRO A 29 2.71 -13.91 10.86
C PRO A 29 2.37 -12.98 12.02
N HIS A 30 2.82 -11.75 11.92
CA HIS A 30 2.55 -10.73 12.94
C HIS A 30 2.88 -9.34 12.41
N HIS A 31 2.78 -9.18 11.11
CA HIS A 31 3.00 -7.88 10.48
C HIS A 31 1.67 -7.38 9.92
N VAL A 32 0.62 -8.16 10.16
CA VAL A 32 -0.72 -7.85 9.66
C VAL A 32 -1.40 -6.81 10.54
N GLY A 33 -1.98 -5.79 9.91
CA GLY A 33 -2.62 -4.73 10.66
C GLY A 33 -1.67 -3.58 10.91
N ARG A 34 -0.54 -3.62 10.22
CA ARG A 34 0.48 -2.59 10.37
C ARG A 34 0.31 -1.54 9.29
N LYS A 35 0.61 -0.29 9.63
CA LYS A 35 0.48 0.80 8.68
C LYS A 35 1.83 1.17 8.09
N GLY A 36 1.83 1.65 6.84
CA GLY A 36 3.06 2.06 6.19
C GLY A 36 2.80 2.94 4.99
N LYS A 37 3.85 3.24 4.24
CA LYS A 37 3.75 4.07 3.05
C LYS A 37 4.72 3.60 1.98
N ILE A 38 4.27 3.58 0.73
CA ILE A 38 5.11 3.16 -0.38
C ILE A 38 6.12 4.24 -0.74
N ILE A 39 7.40 3.91 -0.67
CA ILE A 39 8.46 4.88 -0.89
C ILE A 39 9.38 4.46 -2.04
N GLU A 40 9.12 3.31 -2.64
CA GLU A 40 9.96 2.82 -3.73
C GLU A 40 9.22 1.77 -4.55
N HIS A 41 9.66 1.60 -5.79
CA HIS A 41 9.06 0.62 -6.71
C HIS A 41 9.99 -0.55 -6.92
N LEU A 42 9.49 -1.75 -6.74
CA LEU A 42 10.27 -2.96 -6.95
C LEU A 42 9.57 -3.85 -7.96
N HIS A 43 10.26 -4.87 -8.42
CA HIS A 43 9.62 -5.89 -9.23
C HIS A 43 10.36 -7.20 -9.01
N SER A 44 9.84 -8.00 -8.11
CA SER A 44 10.49 -9.21 -7.67
C SER A 44 9.44 -10.28 -7.42
N ALA A 45 9.89 -11.51 -7.23
CA ALA A 45 8.98 -12.63 -7.05
C ALA A 45 8.46 -12.66 -5.63
N THR A 46 9.03 -11.82 -4.78
CA THR A 46 8.63 -11.75 -3.39
C THR A 46 7.88 -10.46 -3.09
N TYR A 47 8.30 -9.37 -3.74
CA TYR A 47 7.70 -8.07 -3.45
C TYR A 47 7.92 -7.09 -4.61
N ASP A 48 6.97 -6.15 -4.77
CA ASP A 48 7.07 -5.17 -5.85
C ASP A 48 7.01 -3.74 -5.31
N TYR A 49 6.94 -3.59 -4.00
CA TYR A 49 6.84 -2.27 -3.38
C TYR A 49 7.64 -2.21 -2.08
N ALA A 50 8.29 -1.09 -1.86
CA ALA A 50 9.01 -0.86 -0.60
C ALA A 50 8.18 0.03 0.30
N VAL A 51 7.69 -0.54 1.38
CA VAL A 51 6.79 0.15 2.29
C VAL A 51 7.51 0.52 3.57
N SER A 52 7.50 1.80 3.91
CA SER A 52 8.04 2.24 5.17
C SER A 52 6.95 2.16 6.24
N ASP A 53 7.12 1.24 7.18
CA ASP A 53 6.17 1.06 8.26
C ASP A 53 6.02 2.33 9.08
N GLU A 54 4.95 2.37 9.88
CA GLU A 54 4.63 3.52 10.71
C GLU A 54 5.73 3.84 11.72
N THR A 55 6.68 2.93 11.87
CA THR A 55 7.81 3.13 12.77
C THR A 55 9.09 3.47 12.02
N GLY A 56 9.00 3.55 10.69
CA GLY A 56 10.16 3.87 9.89
C GLY A 56 10.93 2.64 9.44
N ASP A 57 10.32 1.48 9.63
CA ASP A 57 10.93 0.21 9.24
C ASP A 57 10.62 -0.08 7.79
N ILE A 58 11.63 -0.20 6.95
CA ILE A 58 11.43 -0.40 5.52
C ILE A 58 11.20 -1.88 5.23
N THR A 59 9.96 -2.24 4.93
CA THR A 59 9.62 -3.61 4.65
C THR A 59 9.03 -3.72 3.23
N TYR A 60 9.42 -4.75 2.51
CA TYR A 60 9.01 -4.89 1.12
C TYR A 60 7.81 -5.81 1.01
N PHE A 61 6.84 -5.42 0.20
CA PHE A 61 5.62 -6.19 0.00
C PHE A 61 5.18 -6.12 -1.45
N LYS A 62 4.22 -6.96 -1.81
CA LYS A 62 3.56 -6.85 -3.10
C LYS A 62 2.25 -6.10 -2.92
N GLU A 63 1.77 -5.49 -4.00
CA GLU A 63 0.52 -4.72 -3.94
C GLU A 63 -0.67 -5.56 -3.49
N HIS A 64 -0.57 -6.88 -3.65
CA HIS A 64 -1.62 -7.79 -3.21
C HIS A 64 -1.69 -7.83 -1.68
N GLU A 65 -0.59 -7.47 -1.04
CA GLU A 65 -0.48 -7.56 0.42
C GLU A 65 -0.71 -6.18 1.05
N LEU A 66 -1.26 -5.25 0.28
CA LEU A 66 -1.42 -3.88 0.75
C LEU A 66 -2.87 -3.42 0.58
N THR A 67 -3.34 -2.66 1.55
CA THR A 67 -4.64 -2.01 1.47
C THR A 67 -4.46 -0.50 1.47
N PRO A 68 -4.92 0.19 0.42
CA PRO A 68 -4.74 1.64 0.28
C PRO A 68 -5.58 2.44 1.27
N LEU A 69 -4.95 3.40 1.93
CA LEU A 69 -5.67 4.30 2.83
C LEU A 69 -6.35 5.39 2.05
N LYS A 70 -7.27 6.11 2.71
CA LYS A 70 -8.14 7.10 2.06
C LYS A 70 -9.16 6.39 1.16
N GLY A 71 -8.65 5.79 0.10
CA GLY A 71 -9.45 4.92 -0.76
C GLY A 71 -10.65 5.61 -1.40
N GLY A 72 -10.72 6.94 -1.29
CA GLY A 72 -11.87 7.65 -1.80
C GLY A 72 -13.17 7.20 -1.17
N LEU A 73 -13.19 7.14 0.17
CA LEU A 73 -14.36 6.65 0.92
C LEU A 73 -15.52 7.64 0.87
N ALA A 74 -15.38 8.69 0.06
CA ALA A 74 -16.42 9.72 -0.11
C ALA A 74 -16.59 10.54 1.16
N TYR A 75 -15.74 10.32 2.15
CA TYR A 75 -15.77 11.10 3.38
C TYR A 75 -14.85 12.30 3.25
N VAL A 76 -14.34 12.50 2.05
CA VAL A 76 -13.43 13.59 1.77
C VAL A 76 -14.20 14.87 1.48
N LEU A 77 -14.27 15.75 2.46
CA LEU A 77 -14.81 17.08 2.24
C LEU A 77 -13.81 17.87 1.42
N GLU A 78 -14.30 18.76 0.56
CA GLU A 78 -13.42 19.52 -0.32
C GLU A 78 -12.50 20.42 0.47
N HIS A 79 -11.30 19.90 0.77
CA HIS A 79 -10.26 20.62 1.50
C HIS A 79 -10.67 20.86 2.95
N HIS A 80 -11.37 21.97 3.20
CA HIS A 80 -11.82 22.31 4.55
C HIS A 80 -10.65 22.24 5.54
N HIS A 81 -9.51 22.77 5.13
CA HIS A 81 -8.30 22.64 5.94
C HIS A 81 -8.28 23.62 7.10
N HIS A 82 -9.32 24.44 7.23
CA HIS A 82 -9.41 25.33 8.37
C HIS A 82 -10.24 24.64 9.46
N HIS A 83 -9.56 23.80 10.22
CA HIS A 83 -10.19 23.09 11.32
C HIS A 83 -9.46 23.47 12.60
N HIS A 84 -8.70 24.54 12.51
CA HIS A 84 -7.89 25.05 13.61
C HIS A 84 -7.86 26.55 13.54
N MET A 1 3.23 6.84 -25.92
CA MET A 1 3.21 8.28 -26.28
C MET A 1 2.13 9.02 -25.51
N ALA A 2 1.25 8.29 -24.84
CA ALA A 2 0.22 8.90 -24.02
C ALA A 2 0.05 8.13 -22.72
N GLY A 3 1.09 7.41 -22.34
CA GLY A 3 1.02 6.55 -21.17
C GLY A 3 0.87 5.10 -21.58
N ASP A 4 2.01 4.42 -21.72
CA ASP A 4 2.05 3.04 -22.20
C ASP A 4 1.12 2.14 -21.39
N PRO A 5 0.09 1.58 -22.05
CA PRO A 5 -0.88 0.69 -21.41
C PRO A 5 -0.32 -0.70 -21.14
N LEU A 6 -1.22 -1.67 -20.97
CA LEU A 6 -0.84 -3.04 -20.62
C LEU A 6 -0.21 -3.08 -19.22
N PRO A 7 -1.05 -3.33 -18.20
CA PRO A 7 -0.60 -3.37 -16.80
C PRO A 7 0.31 -4.57 -16.51
N LYS A 8 1.55 -4.46 -16.95
CA LYS A 8 2.56 -5.48 -16.66
C LYS A 8 3.48 -5.00 -15.56
N TYR A 9 3.13 -3.86 -14.98
CA TYR A 9 3.94 -3.24 -13.95
C TYR A 9 3.09 -2.89 -12.72
N TRP A 10 3.67 -2.08 -11.85
CA TRP A 10 3.05 -1.74 -10.57
C TRP A 10 1.76 -0.96 -10.75
N SER A 11 0.73 -1.35 -10.00
CA SER A 11 -0.56 -0.72 -10.10
C SER A 11 -0.64 0.50 -9.18
N TYR A 12 0.19 0.51 -8.14
CA TYR A 12 0.16 1.59 -7.16
C TYR A 12 1.38 2.50 -7.32
N PRO A 13 1.19 3.83 -7.28
CA PRO A 13 2.28 4.79 -7.43
C PRO A 13 3.10 4.98 -6.15
N VAL A 14 4.17 5.74 -6.27
CA VAL A 14 5.03 6.04 -5.14
C VAL A 14 4.48 7.22 -4.33
N GLY A 15 4.46 7.08 -3.02
CA GLY A 15 3.93 8.13 -2.17
C GLY A 15 2.56 7.79 -1.64
N LEU A 16 2.07 6.61 -2.00
CA LEU A 16 0.76 6.17 -1.55
C LEU A 16 0.84 5.57 -0.15
N ALA A 17 -0.01 6.06 0.74
CA ALA A 17 -0.08 5.56 2.10
C ALA A 17 -0.98 4.33 2.16
N VAL A 18 -0.44 3.23 2.65
CA VAL A 18 -1.16 1.96 2.66
C VAL A 18 -1.02 1.27 4.01
N GLU A 19 -1.94 0.37 4.30
CA GLU A 19 -1.79 -0.51 5.44
C GLU A 19 -1.42 -1.89 4.95
N ILE A 20 -0.74 -2.66 5.78
CA ILE A 20 -0.31 -3.98 5.39
C ILE A 20 -1.37 -5.00 5.80
N ASN A 21 -1.77 -5.83 4.85
CA ASN A 21 -2.83 -6.81 5.08
C ASN A 21 -2.31 -7.97 5.90
N ASN A 22 -3.16 -8.47 6.80
CA ASN A 22 -2.76 -9.43 7.81
C ASN A 22 -2.61 -10.84 7.25
N ASN A 23 -1.90 -10.95 6.14
CA ASN A 23 -1.54 -12.24 5.57
C ASN A 23 -0.04 -12.45 5.75
N ALA A 24 0.63 -11.40 6.19
CA ALA A 24 2.07 -11.42 6.40
C ALA A 24 2.45 -12.29 7.59
N ARG A 25 2.73 -13.55 7.33
CA ARG A 25 3.22 -14.46 8.36
C ARG A 25 4.75 -14.52 8.27
N TYR A 26 5.27 -13.79 7.30
CA TYR A 26 6.72 -13.69 7.11
C TYR A 26 7.09 -12.22 7.01
N GLY A 27 8.32 -11.90 7.38
CA GLY A 27 8.74 -10.52 7.43
C GLY A 27 8.30 -9.84 8.71
N CYS A 28 6.99 -9.81 8.94
CA CYS A 28 6.44 -9.33 10.20
C CYS A 28 5.34 -10.27 10.68
N PRO A 29 5.73 -11.47 11.13
CA PRO A 29 4.79 -12.54 11.51
C PRO A 29 3.85 -12.13 12.63
N HIS A 30 2.57 -11.97 12.27
CA HIS A 30 1.51 -11.69 13.24
C HIS A 30 1.73 -10.33 13.91
N HIS A 31 2.43 -9.47 13.18
CA HIS A 31 2.69 -8.10 13.63
C HIS A 31 2.11 -7.14 12.61
N VAL A 32 1.09 -7.63 11.91
CA VAL A 32 0.52 -6.92 10.78
C VAL A 32 -0.61 -6.00 11.25
N GLY A 33 -1.33 -5.41 10.29
CA GLY A 33 -2.37 -4.47 10.62
C GLY A 33 -1.81 -3.13 11.02
N ARG A 34 -0.68 -2.78 10.42
CA ARG A 34 0.02 -1.54 10.75
C ARG A 34 -0.01 -0.60 9.56
N LYS A 35 0.35 0.65 9.78
CA LYS A 35 0.26 1.68 8.77
C LYS A 35 1.64 2.02 8.22
N GLY A 36 1.73 2.17 6.90
CA GLY A 36 2.97 2.54 6.27
C GLY A 36 2.76 3.34 5.01
N LYS A 37 3.81 3.53 4.24
CA LYS A 37 3.71 4.25 2.97
C LYS A 37 4.67 3.65 1.95
N ILE A 38 4.23 3.61 0.70
CA ILE A 38 5.07 3.12 -0.38
C ILE A 38 6.10 4.18 -0.76
N ILE A 39 7.37 3.90 -0.49
CA ILE A 39 8.42 4.89 -0.73
C ILE A 39 9.11 4.63 -2.06
N GLU A 40 8.90 3.44 -2.58
CA GLU A 40 9.43 3.04 -3.89
C GLU A 40 8.83 1.70 -4.26
N HIS A 41 8.68 1.44 -5.56
CA HIS A 41 8.22 0.14 -5.99
C HIS A 41 9.37 -0.68 -6.57
N LEU A 42 9.47 -1.92 -6.14
CA LEU A 42 10.63 -2.76 -6.41
C LEU A 42 10.43 -3.57 -7.68
N HIS A 43 11.52 -3.80 -8.39
CA HIS A 43 11.48 -4.61 -9.60
C HIS A 43 11.69 -6.08 -9.24
N SER A 44 10.85 -6.57 -8.35
CA SER A 44 10.93 -7.94 -7.87
C SER A 44 9.65 -8.69 -8.19
N ALA A 45 9.73 -10.01 -8.20
CA ALA A 45 8.58 -10.85 -8.49
C ALA A 45 7.88 -11.24 -7.19
N THR A 46 8.61 -11.21 -6.10
CA THR A 46 8.08 -11.61 -4.81
C THR A 46 7.40 -10.45 -4.10
N TYR A 47 8.07 -9.30 -4.09
CA TYR A 47 7.55 -8.12 -3.44
C TYR A 47 7.74 -6.91 -4.34
N ASP A 48 6.65 -6.24 -4.68
CA ASP A 48 6.66 -5.20 -5.68
C ASP A 48 6.75 -3.80 -5.07
N TYR A 49 6.59 -3.69 -3.76
CA TYR A 49 6.60 -2.37 -3.13
C TYR A 49 7.43 -2.37 -1.85
N ALA A 50 7.99 -1.21 -1.53
CA ALA A 50 8.73 -1.05 -0.30
C ALA A 50 7.96 -0.10 0.61
N VAL A 51 7.48 -0.64 1.72
CA VAL A 51 6.62 0.11 2.61
C VAL A 51 7.39 0.55 3.86
N SER A 52 7.40 1.86 4.09
CA SER A 52 7.98 2.42 5.30
C SER A 52 6.95 2.38 6.42
N ASP A 53 7.11 1.44 7.33
CA ASP A 53 6.18 1.27 8.43
C ASP A 53 6.33 2.40 9.44
N GLU A 54 5.28 2.66 10.21
CA GLU A 54 5.28 3.73 11.21
C GLU A 54 6.37 3.53 12.26
N THR A 55 6.86 2.29 12.41
CA THR A 55 7.92 2.00 13.37
C THR A 55 9.28 2.41 12.81
N GLY A 56 9.34 2.75 11.53
CA GLY A 56 10.59 3.16 10.92
C GLY A 56 11.31 2.01 10.24
N ASP A 57 10.56 0.94 9.96
CA ASP A 57 11.11 -0.22 9.28
C ASP A 57 10.67 -0.24 7.82
N ILE A 58 11.60 -0.46 6.91
CA ILE A 58 11.26 -0.56 5.51
C ILE A 58 11.05 -2.02 5.13
N THR A 59 9.80 -2.43 5.05
CA THR A 59 9.48 -3.81 4.74
C THR A 59 8.99 -3.92 3.30
N TYR A 60 9.37 -5.00 2.64
CA TYR A 60 9.01 -5.21 1.25
C TYR A 60 7.75 -6.05 1.16
N PHE A 61 6.74 -5.55 0.46
CA PHE A 61 5.47 -6.26 0.36
C PHE A 61 4.99 -6.33 -1.07
N LYS A 62 3.90 -7.05 -1.27
CA LYS A 62 3.32 -7.24 -2.59
C LYS A 62 1.89 -6.73 -2.59
N GLU A 63 1.35 -6.43 -3.77
CA GLU A 63 -0.04 -5.96 -3.90
C GLU A 63 -1.02 -6.87 -3.17
N HIS A 64 -0.68 -8.15 -3.10
CA HIS A 64 -1.49 -9.16 -2.43
C HIS A 64 -1.76 -8.80 -0.96
N GLU A 65 -0.84 -8.07 -0.35
CA GLU A 65 -0.92 -7.80 1.08
C GLU A 65 -0.79 -6.31 1.38
N LEU A 66 -1.24 -5.48 0.44
CA LEU A 66 -1.25 -4.03 0.64
C LEU A 66 -2.61 -3.45 0.28
N THR A 67 -3.09 -2.54 1.12
CA THR A 67 -4.35 -1.88 0.87
C THR A 67 -4.25 -0.39 1.22
N PRO A 68 -4.62 0.50 0.29
CA PRO A 68 -4.54 1.96 0.49
C PRO A 68 -5.38 2.45 1.66
N LEU A 69 -4.89 3.47 2.34
CA LEU A 69 -5.57 4.01 3.51
C LEU A 69 -6.70 4.96 3.12
N LYS A 70 -7.75 4.40 2.53
CA LYS A 70 -8.98 5.15 2.21
C LYS A 70 -10.06 4.21 1.72
N GLY A 71 -11.30 4.48 2.11
CA GLY A 71 -12.41 3.67 1.67
C GLY A 71 -12.97 4.16 0.34
N GLY A 72 -12.12 4.16 -0.67
CA GLY A 72 -12.53 4.60 -1.99
C GLY A 72 -12.92 6.06 -2.02
N LEU A 73 -14.03 6.36 -2.68
CA LEU A 73 -14.48 7.72 -2.86
C LEU A 73 -15.61 8.07 -1.88
N ALA A 74 -15.73 7.28 -0.82
CA ALA A 74 -16.81 7.46 0.16
C ALA A 74 -16.53 8.64 1.11
N TYR A 75 -15.97 9.71 0.56
CA TYR A 75 -15.64 10.89 1.35
C TYR A 75 -16.21 12.15 0.70
N VAL A 76 -16.04 12.25 -0.61
CA VAL A 76 -16.62 13.34 -1.37
C VAL A 76 -18.02 12.95 -1.82
N LEU A 77 -18.99 13.18 -0.95
CA LEU A 77 -20.35 12.72 -1.18
C LEU A 77 -21.19 13.79 -1.86
N GLU A 78 -21.21 13.75 -3.19
CA GLU A 78 -22.10 14.59 -3.96
C GLU A 78 -22.63 13.82 -5.16
N HIS A 79 -23.91 13.48 -5.14
CA HIS A 79 -24.53 12.87 -6.30
C HIS A 79 -24.54 13.89 -7.44
N HIS A 80 -23.96 13.51 -8.57
CA HIS A 80 -23.75 14.44 -9.67
C HIS A 80 -25.07 15.03 -10.15
N HIS A 81 -25.04 16.32 -10.46
CA HIS A 81 -26.27 17.08 -10.75
C HIS A 81 -26.68 16.89 -12.21
N HIS A 82 -26.27 15.76 -12.78
CA HIS A 82 -26.53 15.45 -14.18
C HIS A 82 -27.91 14.84 -14.34
N HIS A 83 -28.94 15.67 -14.17
CA HIS A 83 -30.32 15.25 -14.33
C HIS A 83 -31.26 16.44 -14.30
N HIS A 84 -31.85 16.75 -15.44
CA HIS A 84 -32.84 17.82 -15.54
C HIS A 84 -34.02 17.35 -16.35
N MET A 1 18.54 -15.20 -15.12
CA MET A 1 18.35 -14.14 -16.14
C MET A 1 17.24 -14.53 -17.09
N ALA A 2 16.04 -14.02 -16.84
CA ALA A 2 14.88 -14.31 -17.66
C ALA A 2 13.80 -13.26 -17.46
N GLY A 3 13.41 -12.59 -18.53
CA GLY A 3 12.35 -11.62 -18.44
C GLY A 3 12.87 -10.20 -18.39
N ASP A 4 12.69 -9.47 -19.47
CA ASP A 4 13.14 -8.08 -19.54
C ASP A 4 11.98 -7.14 -19.92
N PRO A 5 11.11 -6.82 -18.95
CA PRO A 5 9.96 -5.95 -19.18
C PRO A 5 10.28 -4.50 -18.89
N LEU A 6 9.27 -3.64 -18.93
CA LEU A 6 9.45 -2.24 -18.61
C LEU A 6 8.32 -1.76 -17.70
N PRO A 7 8.46 -1.97 -16.38
CA PRO A 7 7.47 -1.55 -15.39
C PRO A 7 7.51 -0.05 -15.17
N LYS A 8 6.34 0.57 -15.03
CA LYS A 8 6.27 2.01 -14.88
C LYS A 8 5.62 2.40 -13.56
N TYR A 9 4.31 2.21 -13.46
CA TYR A 9 3.55 2.73 -12.33
C TYR A 9 3.14 1.65 -11.36
N TRP A 10 3.24 0.39 -11.77
CA TRP A 10 2.73 -0.74 -10.99
C TRP A 10 1.22 -0.60 -10.82
N SER A 11 0.67 -1.21 -9.77
CA SER A 11 -0.74 -1.08 -9.48
C SER A 11 -0.97 -0.01 -8.42
N TYR A 12 0.09 0.34 -7.69
CA TYR A 12 0.00 1.35 -6.65
C TYR A 12 1.07 2.42 -6.85
N PRO A 13 0.71 3.70 -6.74
CA PRO A 13 1.63 4.82 -6.92
C PRO A 13 2.64 4.96 -5.77
N VAL A 14 3.58 5.88 -5.94
CA VAL A 14 4.57 6.17 -4.91
C VAL A 14 4.01 7.26 -3.99
N GLY A 15 4.31 7.16 -2.69
CA GLY A 15 3.83 8.15 -1.75
C GLY A 15 2.45 7.81 -1.22
N LEU A 16 2.00 6.60 -1.51
CA LEU A 16 0.69 6.13 -1.07
C LEU A 16 0.79 5.46 0.29
N ALA A 17 0.02 5.95 1.24
CA ALA A 17 -0.04 5.35 2.57
C ALA A 17 -1.01 4.17 2.55
N VAL A 18 -0.56 3.03 3.07
CA VAL A 18 -1.33 1.81 2.99
C VAL A 18 -1.36 1.05 4.32
N GLU A 19 -2.41 0.27 4.50
CA GLU A 19 -2.51 -0.69 5.59
C GLU A 19 -2.08 -2.06 5.08
N ILE A 20 -1.05 -2.62 5.67
CA ILE A 20 -0.53 -3.91 5.24
C ILE A 20 -1.37 -5.05 5.82
N ASN A 21 -1.80 -5.97 4.97
CA ASN A 21 -2.64 -7.06 5.40
C ASN A 21 -1.98 -8.35 4.95
N ASN A 22 -0.66 -8.25 4.81
CA ASN A 22 0.18 -9.40 4.52
C ASN A 22 0.08 -10.39 5.66
N ASN A 23 -1.01 -11.15 5.60
CA ASN A 23 -1.32 -12.20 6.58
C ASN A 23 -2.05 -11.58 7.76
N ALA A 24 -2.86 -10.57 7.46
CA ALA A 24 -3.77 -10.01 8.45
C ALA A 24 -4.79 -11.06 8.89
N ARG A 25 -4.53 -11.65 10.06
CA ARG A 25 -5.41 -12.65 10.63
C ARG A 25 -6.59 -12.00 11.33
N TYR A 26 -7.57 -11.57 10.52
CA TYR A 26 -8.81 -10.97 11.01
C TYR A 26 -8.54 -9.68 11.79
N GLY A 27 -8.34 -9.81 13.09
CA GLY A 27 -8.11 -8.66 13.93
C GLY A 27 -6.77 -8.70 14.62
N CYS A 28 -5.87 -9.56 14.15
CA CYS A 28 -4.55 -9.70 14.74
C CYS A 28 -3.68 -10.55 13.83
N PRO A 29 -2.94 -9.90 12.94
CA PRO A 29 -2.09 -10.59 11.97
C PRO A 29 -0.84 -11.17 12.63
N HIS A 30 0.07 -11.67 11.79
CA HIS A 30 1.35 -12.19 12.26
C HIS A 30 2.26 -11.02 12.65
N HIS A 31 1.81 -10.21 13.61
CA HIS A 31 2.50 -8.98 14.00
C HIS A 31 2.51 -7.98 12.84
N VAL A 32 1.57 -8.18 11.93
CA VAL A 32 1.39 -7.28 10.80
C VAL A 32 0.26 -6.31 11.14
N GLY A 33 -0.34 -5.69 10.13
CA GLY A 33 -1.36 -4.69 10.38
C GLY A 33 -0.73 -3.35 10.66
N ARG A 34 0.23 -3.01 9.83
CA ARG A 34 1.00 -1.79 9.99
C ARG A 34 0.53 -0.73 9.02
N LYS A 35 0.69 0.52 9.41
CA LYS A 35 0.41 1.63 8.52
C LYS A 35 1.73 2.17 7.99
N GLY A 36 1.89 2.14 6.69
CA GLY A 36 3.13 2.58 6.10
C GLY A 36 2.90 3.32 4.81
N LYS A 37 3.97 3.65 4.13
CA LYS A 37 3.89 4.35 2.86
C LYS A 37 4.81 3.72 1.84
N ILE A 38 4.29 3.53 0.63
CA ILE A 38 5.10 3.01 -0.47
C ILE A 38 6.07 4.08 -0.95
N ILE A 39 7.36 3.86 -0.72
CA ILE A 39 8.38 4.84 -1.06
C ILE A 39 9.17 4.42 -2.28
N GLU A 40 9.04 3.16 -2.65
CA GLU A 40 9.83 2.59 -3.73
C GLU A 40 9.07 1.51 -4.46
N HIS A 41 9.22 1.47 -5.78
CA HIS A 41 8.71 0.39 -6.59
C HIS A 41 9.81 -0.63 -6.80
N LEU A 42 9.52 -1.88 -6.51
CA LEU A 42 10.50 -2.93 -6.71
C LEU A 42 10.31 -3.58 -8.08
N HIS A 43 11.15 -4.54 -8.38
CA HIS A 43 11.07 -5.28 -9.64
C HIS A 43 11.34 -6.75 -9.37
N SER A 44 10.94 -7.20 -8.18
CA SER A 44 11.14 -8.58 -7.78
C SER A 44 9.86 -9.37 -8.03
N ALA A 45 9.98 -10.69 -7.99
CA ALA A 45 8.83 -11.56 -8.14
C ALA A 45 8.23 -11.86 -6.77
N THR A 46 9.00 -11.57 -5.73
CA THR A 46 8.58 -11.84 -4.36
C THR A 46 7.92 -10.62 -3.73
N TYR A 47 8.46 -9.44 -4.04
CA TYR A 47 7.93 -8.20 -3.48
C TYR A 47 7.81 -7.15 -4.58
N ASP A 48 6.74 -6.38 -4.53
CA ASP A 48 6.48 -5.39 -5.58
C ASP A 48 6.80 -3.98 -5.11
N TYR A 49 6.68 -3.73 -3.81
CA TYR A 49 6.87 -2.38 -3.28
C TYR A 49 7.71 -2.40 -2.01
N ALA A 50 8.23 -1.23 -1.65
CA ALA A 50 8.93 -1.05 -0.40
C ALA A 50 8.17 -0.06 0.46
N VAL A 51 7.74 -0.51 1.63
CA VAL A 51 6.89 0.29 2.50
C VAL A 51 7.58 0.63 3.81
N SER A 52 7.56 1.90 4.18
CA SER A 52 8.06 2.32 5.48
C SER A 52 6.93 2.39 6.49
N ASP A 53 6.98 1.50 7.48
CA ASP A 53 5.92 1.37 8.48
C ASP A 53 5.99 2.49 9.52
N GLU A 54 4.99 2.56 10.40
CA GLU A 54 4.95 3.52 11.50
C GLU A 54 6.18 3.44 12.38
N THR A 55 6.65 2.23 12.61
CA THR A 55 7.83 2.02 13.42
C THR A 55 9.07 2.52 12.71
N GLY A 56 8.89 2.94 11.46
CA GLY A 56 10.00 3.43 10.67
C GLY A 56 10.76 2.32 9.98
N ASP A 57 10.22 1.12 10.06
CA ASP A 57 10.85 -0.04 9.41
C ASP A 57 10.56 -0.02 7.92
N ILE A 58 11.56 -0.36 7.13
CA ILE A 58 11.38 -0.47 5.68
C ILE A 58 11.18 -1.93 5.31
N THR A 59 9.94 -2.30 5.07
CA THR A 59 9.61 -3.68 4.77
C THR A 59 9.09 -3.80 3.35
N TYR A 60 9.42 -4.89 2.68
CA TYR A 60 9.00 -5.10 1.31
C TYR A 60 7.70 -5.90 1.28
N PHE A 61 6.77 -5.50 0.42
CA PHE A 61 5.48 -6.17 0.33
C PHE A 61 5.02 -6.30 -1.12
N LYS A 62 3.95 -7.05 -1.33
CA LYS A 62 3.37 -7.19 -2.66
C LYS A 62 2.11 -6.36 -2.79
N GLU A 63 1.70 -6.13 -4.04
CA GLU A 63 0.50 -5.34 -4.33
C GLU A 63 -0.76 -6.04 -3.84
N HIS A 64 -0.63 -7.32 -3.52
CA HIS A 64 -1.78 -8.12 -3.12
C HIS A 64 -2.14 -7.90 -1.65
N GLU A 65 -1.17 -7.46 -0.86
CA GLU A 65 -1.40 -7.29 0.57
C GLU A 65 -1.34 -5.82 0.98
N LEU A 66 -1.48 -4.92 0.01
CA LEU A 66 -1.44 -3.50 0.29
C LEU A 66 -2.79 -2.85 0.02
N THR A 67 -3.38 -2.28 1.05
CA THR A 67 -4.66 -1.60 0.93
C THR A 67 -4.49 -0.10 1.23
N PRO A 68 -4.80 0.76 0.25
CA PRO A 68 -4.69 2.22 0.42
C PRO A 68 -5.51 2.72 1.59
N LEU A 69 -4.92 3.63 2.38
CA LEU A 69 -5.60 4.19 3.54
C LEU A 69 -6.73 5.12 3.13
N LYS A 70 -7.95 4.60 3.13
CA LYS A 70 -9.12 5.38 2.83
C LYS A 70 -10.20 5.18 3.89
N GLY A 71 -10.66 6.29 4.45
CA GLY A 71 -11.67 6.23 5.48
C GLY A 71 -11.81 7.54 6.23
N GLY A 72 -11.68 8.64 5.49
CA GLY A 72 -11.77 9.96 6.10
C GLY A 72 -10.51 10.34 6.84
N LEU A 73 -10.38 9.84 8.07
CA LEU A 73 -9.24 10.13 8.93
C LEU A 73 -9.46 9.44 10.28
N ALA A 74 -10.36 10.00 11.06
CA ALA A 74 -10.73 9.43 12.35
C ALA A 74 -12.16 9.81 12.70
N TYR A 75 -12.86 10.38 11.72
CA TYR A 75 -14.21 10.89 11.94
C TYR A 75 -15.22 10.11 11.11
N VAL A 76 -15.76 9.05 11.69
CA VAL A 76 -16.75 8.22 11.03
C VAL A 76 -17.94 8.01 11.95
N LEU A 77 -17.92 8.71 13.08
CA LEU A 77 -18.92 8.54 14.11
C LEU A 77 -20.12 9.44 13.82
N GLU A 78 -19.84 10.62 13.31
CA GLU A 78 -20.87 11.60 13.05
C GLU A 78 -21.27 11.64 11.57
N HIS A 79 -20.47 12.32 10.76
CA HIS A 79 -20.79 12.57 9.35
C HIS A 79 -22.17 13.22 9.22
N HIS A 80 -23.18 12.38 8.96
CA HIS A 80 -24.55 12.82 8.76
C HIS A 80 -25.34 11.65 8.19
N HIS A 81 -26.64 11.65 8.39
CA HIS A 81 -27.49 10.59 7.84
C HIS A 81 -28.55 11.19 6.94
N HIS A 82 -29.27 10.33 6.23
CA HIS A 82 -30.29 10.76 5.30
C HIS A 82 -31.48 11.35 6.04
N HIS A 83 -31.81 10.77 7.18
CA HIS A 83 -32.89 11.26 8.01
C HIS A 83 -32.32 11.77 9.34
N HIS A 84 -33.22 12.16 10.24
CA HIS A 84 -32.82 12.58 11.57
C HIS A 84 -33.79 12.01 12.59
N MET A 1 1.84 -15.34 -13.14
CA MET A 1 1.11 -14.66 -14.23
C MET A 1 1.59 -15.17 -15.57
N ALA A 2 0.90 -16.17 -16.10
CA ALA A 2 1.29 -16.78 -17.36
C ALA A 2 0.36 -16.35 -18.48
N GLY A 3 0.93 -15.85 -19.56
CA GLY A 3 0.15 -15.49 -20.73
C GLY A 3 -0.32 -14.05 -20.71
N ASP A 4 0.13 -13.28 -19.73
CA ASP A 4 -0.27 -11.87 -19.62
C ASP A 4 0.91 -10.95 -19.91
N PRO A 5 1.06 -10.53 -21.17
CA PRO A 5 2.12 -9.61 -21.59
C PRO A 5 1.64 -8.16 -21.62
N LEU A 6 0.63 -7.86 -20.82
CA LEU A 6 0.08 -6.50 -20.77
C LEU A 6 0.92 -5.62 -19.85
N PRO A 7 1.21 -4.39 -20.28
CA PRO A 7 1.96 -3.43 -19.48
C PRO A 7 1.14 -2.91 -18.30
N LYS A 8 1.48 -3.39 -17.11
CA LYS A 8 0.84 -2.93 -15.89
C LYS A 8 1.86 -2.24 -15.01
N TYR A 9 2.77 -3.04 -14.45
CA TYR A 9 3.92 -2.55 -13.70
C TYR A 9 3.50 -1.66 -12.52
N TRP A 10 3.29 -2.28 -11.37
CA TRP A 10 2.95 -1.59 -10.12
C TRP A 10 1.59 -0.91 -10.19
N SER A 11 0.68 -1.37 -9.35
CA SER A 11 -0.66 -0.80 -9.28
C SER A 11 -0.71 0.36 -8.29
N TYR A 12 0.20 0.35 -7.33
CA TYR A 12 0.27 1.41 -6.33
C TYR A 12 1.43 2.37 -6.63
N PRO A 13 1.19 3.68 -6.47
CA PRO A 13 2.21 4.71 -6.70
C PRO A 13 3.13 4.91 -5.49
N VAL A 14 4.12 5.79 -5.64
CA VAL A 14 5.03 6.14 -4.57
C VAL A 14 4.45 7.28 -3.73
N GLY A 15 4.60 7.19 -2.42
CA GLY A 15 4.09 8.21 -1.54
C GLY A 15 2.65 7.93 -1.13
N LEU A 16 2.27 6.67 -1.19
CA LEU A 16 0.93 6.25 -0.80
C LEU A 16 0.98 5.49 0.51
N ALA A 17 0.16 5.90 1.46
CA ALA A 17 0.05 5.21 2.74
C ALA A 17 -0.97 4.07 2.62
N VAL A 18 -0.52 2.87 2.95
CA VAL A 18 -1.35 1.67 2.89
C VAL A 18 -1.36 0.95 4.24
N GLU A 19 -2.34 0.10 4.44
CA GLU A 19 -2.41 -0.71 5.65
C GLU A 19 -1.99 -2.14 5.34
N ILE A 20 -1.36 -2.77 6.32
CA ILE A 20 -0.99 -4.16 6.21
C ILE A 20 -2.19 -5.04 6.50
N ASN A 21 -2.59 -5.85 5.53
CA ASN A 21 -3.72 -6.73 5.72
C ASN A 21 -3.28 -8.05 6.34
N ASN A 22 -4.22 -8.97 6.49
CA ASN A 22 -3.99 -10.19 7.26
C ASN A 22 -3.32 -11.27 6.42
N ASN A 23 -2.55 -10.84 5.44
CA ASN A 23 -1.75 -11.76 4.65
C ASN A 23 -0.34 -11.80 5.22
N ALA A 24 0.04 -10.70 5.89
CA ALA A 24 1.36 -10.60 6.50
C ALA A 24 1.32 -11.02 7.96
N ARG A 25 0.37 -11.89 8.30
CA ARG A 25 0.27 -12.44 9.65
C ARG A 25 1.44 -13.37 9.94
N TYR A 26 2.06 -13.86 8.87
CA TYR A 26 3.17 -14.77 8.99
C TYR A 26 4.47 -14.06 8.66
N GLY A 27 5.57 -14.54 9.22
CA GLY A 27 6.85 -13.93 8.96
C GLY A 27 7.14 -12.79 9.93
N CYS A 28 6.18 -11.89 10.11
CA CYS A 28 6.37 -10.74 10.98
C CYS A 28 5.09 -10.41 11.72
N PRO A 29 4.96 -10.93 12.95
CA PRO A 29 3.80 -10.65 13.80
C PRO A 29 3.90 -9.27 14.44
N HIS A 30 2.77 -8.77 14.95
CA HIS A 30 2.67 -7.41 15.50
C HIS A 30 2.93 -6.40 14.38
N HIS A 31 2.68 -6.84 13.17
CA HIS A 31 2.94 -6.04 11.99
C HIS A 31 1.69 -6.01 11.11
N VAL A 32 0.62 -6.60 11.62
CA VAL A 32 -0.65 -6.66 10.90
C VAL A 32 -1.54 -5.50 11.34
N GLY A 33 -2.29 -4.92 10.40
CA GLY A 33 -3.11 -3.77 10.70
C GLY A 33 -2.27 -2.51 10.85
N ARG A 34 -1.03 -2.61 10.40
CA ARG A 34 -0.07 -1.53 10.54
C ARG A 34 -0.15 -0.60 9.34
N LYS A 35 0.42 0.58 9.46
CA LYS A 35 0.34 1.55 8.38
C LYS A 35 1.72 1.84 7.83
N GLY A 36 1.91 1.58 6.55
CA GLY A 36 3.20 1.81 5.92
C GLY A 36 3.06 2.60 4.64
N LYS A 37 4.08 3.36 4.30
CA LYS A 37 4.05 4.18 3.10
C LYS A 37 5.05 3.65 2.07
N ILE A 38 4.58 3.46 0.85
CA ILE A 38 5.42 2.94 -0.23
C ILE A 38 6.38 4.03 -0.72
N ILE A 39 7.67 3.74 -0.68
CA ILE A 39 8.69 4.74 -1.06
C ILE A 39 9.53 4.25 -2.24
N GLU A 40 9.34 3.01 -2.66
CA GLU A 40 10.15 2.43 -3.72
C GLU A 40 9.36 1.39 -4.50
N HIS A 41 9.44 1.47 -5.82
CA HIS A 41 8.87 0.46 -6.69
C HIS A 41 9.91 -0.62 -6.95
N LEU A 42 9.71 -1.78 -6.36
CA LEU A 42 10.65 -2.88 -6.51
C LEU A 42 10.32 -3.69 -7.76
N HIS A 43 11.29 -3.84 -8.65
CA HIS A 43 11.09 -4.65 -9.85
C HIS A 43 11.38 -6.12 -9.55
N SER A 44 10.61 -6.68 -8.63
CA SER A 44 10.77 -8.07 -8.25
C SER A 44 9.43 -8.79 -8.32
N ALA A 45 9.48 -10.09 -8.54
CA ALA A 45 8.27 -10.89 -8.63
C ALA A 45 7.76 -11.22 -7.25
N THR A 46 8.69 -11.31 -6.30
CA THR A 46 8.35 -11.60 -4.92
C THR A 46 7.69 -10.41 -4.25
N TYR A 47 8.27 -9.23 -4.47
CA TYR A 47 7.79 -8.01 -3.85
C TYR A 47 7.86 -6.87 -4.85
N ASP A 48 6.77 -6.11 -4.97
CA ASP A 48 6.70 -5.02 -5.92
C ASP A 48 6.92 -3.68 -5.25
N TYR A 49 6.82 -3.65 -3.93
CA TYR A 49 6.86 -2.38 -3.20
C TYR A 49 7.72 -2.47 -1.94
N ALA A 50 8.40 -1.38 -1.65
CA ALA A 50 9.10 -1.23 -0.38
C ALA A 50 8.29 -0.29 0.51
N VAL A 51 7.67 -0.88 1.52
CA VAL A 51 6.74 -0.16 2.36
C VAL A 51 7.36 0.17 3.70
N SER A 52 7.52 1.45 3.98
CA SER A 52 8.07 1.88 5.25
C SER A 52 6.94 2.11 6.25
N ASP A 53 6.87 1.23 7.26
CA ASP A 53 5.88 1.36 8.32
C ASP A 53 6.02 2.69 9.03
N GLU A 54 4.99 3.11 9.75
CA GLU A 54 4.96 4.42 10.38
C GLU A 54 6.08 4.57 11.40
N THR A 55 6.59 3.44 11.88
CA THR A 55 7.68 3.43 12.85
C THR A 55 9.04 3.62 12.17
N GLY A 56 9.06 3.55 10.85
CA GLY A 56 10.29 3.72 10.11
C GLY A 56 10.89 2.41 9.66
N ASP A 57 10.11 1.33 9.74
CA ASP A 57 10.56 0.01 9.31
C ASP A 57 10.34 -0.18 7.83
N ILE A 58 11.41 -0.42 7.09
CA ILE A 58 11.31 -0.67 5.66
C ILE A 58 11.03 -2.14 5.39
N THR A 59 9.77 -2.46 5.12
CA THR A 59 9.38 -3.83 4.88
C THR A 59 8.94 -4.01 3.42
N TYR A 60 9.34 -5.13 2.81
CA TYR A 60 9.04 -5.37 1.41
C TYR A 60 7.71 -6.11 1.29
N PHE A 61 6.87 -5.67 0.37
CA PHE A 61 5.54 -6.27 0.18
C PHE A 61 5.18 -6.35 -1.29
N LYS A 62 4.09 -7.04 -1.56
CA LYS A 62 3.54 -7.14 -2.89
C LYS A 62 2.16 -6.49 -2.91
N GLU A 63 1.59 -6.30 -4.09
CA GLU A 63 0.31 -5.61 -4.24
C GLU A 63 -0.84 -6.35 -3.56
N HIS A 64 -0.63 -7.62 -3.26
CA HIS A 64 -1.65 -8.45 -2.64
C HIS A 64 -1.69 -8.22 -1.12
N GLU A 65 -0.55 -7.84 -0.56
CA GLU A 65 -0.43 -7.68 0.89
C GLU A 65 -0.69 -6.24 1.32
N LEU A 66 -1.09 -5.39 0.37
CA LEU A 66 -1.26 -3.97 0.66
C LEU A 66 -2.68 -3.51 0.36
N THR A 67 -3.33 -2.97 1.39
CA THR A 67 -4.65 -2.37 1.24
C THR A 67 -4.59 -0.87 1.57
N PRO A 68 -4.71 0.00 0.56
CA PRO A 68 -4.45 1.43 0.70
C PRO A 68 -5.43 2.18 1.61
N LEU A 69 -4.93 3.23 2.25
CA LEU A 69 -5.74 4.10 3.09
C LEU A 69 -6.45 5.15 2.24
N LYS A 70 -7.75 5.02 2.09
CA LYS A 70 -8.53 6.00 1.34
C LYS A 70 -9.14 7.03 2.29
N GLY A 71 -8.59 8.23 2.27
CA GLY A 71 -9.06 9.29 3.14
C GLY A 71 -10.07 10.18 2.45
N GLY A 72 -10.13 10.08 1.12
CA GLY A 72 -11.08 10.86 0.36
C GLY A 72 -10.49 11.34 -0.94
N LEU A 73 -11.29 12.03 -1.74
CA LEU A 73 -10.82 12.59 -3.01
C LEU A 73 -10.19 13.96 -2.78
N ALA A 74 -10.95 14.86 -2.19
CA ALA A 74 -10.46 16.20 -1.88
C ALA A 74 -9.83 16.22 -0.50
N TYR A 75 -8.55 15.91 -0.45
CA TYR A 75 -7.83 15.87 0.81
C TYR A 75 -7.17 17.22 1.09
N VAL A 76 -7.06 18.03 0.05
CA VAL A 76 -6.46 19.35 0.17
C VAL A 76 -7.55 20.38 0.44
N LEU A 77 -7.80 20.64 1.71
CA LEU A 77 -8.83 21.59 2.10
C LEU A 77 -8.30 23.01 2.04
N GLU A 78 -7.04 23.15 1.68
CA GLU A 78 -6.43 24.45 1.51
C GLU A 78 -7.03 25.15 0.29
N HIS A 79 -7.17 24.39 -0.80
CA HIS A 79 -7.73 24.94 -2.03
C HIS A 79 -9.19 25.31 -1.83
N HIS A 80 -9.96 24.39 -1.26
CA HIS A 80 -11.38 24.63 -1.02
C HIS A 80 -11.68 24.84 0.45
N HIS A 81 -11.47 26.06 0.93
CA HIS A 81 -11.84 26.41 2.30
C HIS A 81 -12.80 27.59 2.31
N HIS A 82 -12.44 28.63 1.55
CA HIS A 82 -13.23 29.86 1.41
C HIS A 82 -12.46 30.79 0.48
N HIS A 83 -12.96 32.01 0.31
CA HIS A 83 -12.26 32.99 -0.50
C HIS A 83 -12.64 34.40 -0.06
N HIS A 84 -11.66 35.15 0.43
CA HIS A 84 -11.90 36.52 0.85
C HIS A 84 -11.59 37.47 -0.29
N MET A 1 -14.37 1.61 -25.49
CA MET A 1 -14.79 2.58 -24.46
C MET A 1 -13.90 3.81 -24.48
N ALA A 2 -12.64 3.63 -24.11
CA ALA A 2 -11.69 4.74 -24.03
C ALA A 2 -10.25 4.26 -24.23
N GLY A 3 -9.95 3.10 -23.67
CA GLY A 3 -8.60 2.56 -23.73
C GLY A 3 -8.05 2.34 -22.33
N ASP A 4 -7.36 3.32 -21.82
CA ASP A 4 -6.87 3.29 -20.44
C ASP A 4 -6.67 4.70 -19.91
N PRO A 5 -7.41 5.07 -18.86
CA PRO A 5 -7.29 6.37 -18.21
C PRO A 5 -6.41 6.30 -16.96
N LEU A 6 -5.65 5.23 -16.84
CA LEU A 6 -4.86 4.98 -15.65
C LEU A 6 -3.37 5.18 -15.95
N PRO A 7 -2.61 5.67 -14.96
CA PRO A 7 -1.16 5.86 -15.08
C PRO A 7 -0.44 4.54 -15.41
N LYS A 8 0.46 4.59 -16.37
CA LYS A 8 1.15 3.40 -16.86
C LYS A 8 2.38 3.07 -16.01
N TYR A 9 2.23 3.14 -14.70
CA TYR A 9 3.29 2.81 -13.77
C TYR A 9 3.13 1.37 -13.28
N TRP A 10 3.63 1.09 -12.08
CA TRP A 10 3.40 -0.20 -11.42
C TRP A 10 1.91 -0.49 -11.30
N SER A 11 1.33 0.02 -10.23
CA SER A 11 -0.10 -0.06 -9.97
C SER A 11 -0.41 0.95 -8.87
N TYR A 12 0.51 1.02 -7.91
CA TYR A 12 0.43 1.99 -6.84
C TYR A 12 1.64 2.92 -6.89
N PRO A 13 1.43 4.24 -6.81
CA PRO A 13 2.51 5.22 -6.86
C PRO A 13 3.22 5.40 -5.53
N VAL A 14 4.38 6.04 -5.57
CA VAL A 14 5.15 6.34 -4.36
C VAL A 14 4.47 7.47 -3.58
N GLY A 15 4.42 7.32 -2.27
CA GLY A 15 3.77 8.31 -1.43
C GLY A 15 2.39 7.86 -1.00
N LEU A 16 1.95 6.74 -1.55
CA LEU A 16 0.66 6.19 -1.20
C LEU A 16 0.76 5.47 0.13
N ALA A 17 -0.02 5.92 1.10
CA ALA A 17 -0.05 5.29 2.40
C ALA A 17 -0.97 4.08 2.39
N VAL A 18 -0.42 2.94 2.76
CA VAL A 18 -1.15 1.69 2.72
C VAL A 18 -1.01 0.96 4.04
N GLU A 19 -2.04 0.26 4.46
CA GLU A 19 -1.96 -0.55 5.66
C GLU A 19 -1.60 -1.97 5.28
N ILE A 20 -0.60 -2.52 5.95
CA ILE A 20 -0.14 -3.86 5.65
C ILE A 20 -1.22 -4.89 5.96
N ASN A 21 -1.62 -5.62 4.94
CA ASN A 21 -2.72 -6.56 5.03
C ASN A 21 -2.28 -7.81 5.78
N ASN A 22 -3.21 -8.47 6.46
CA ASN A 22 -2.88 -9.67 7.23
C ASN A 22 -2.69 -10.88 6.29
N ASN A 23 -1.74 -10.74 5.39
CA ASN A 23 -1.30 -11.84 4.55
C ASN A 23 0.20 -12.06 4.74
N ALA A 24 0.89 -11.00 5.14
CA ALA A 24 2.33 -11.07 5.37
C ALA A 24 2.64 -11.84 6.66
N ARG A 25 1.58 -12.26 7.35
CA ARG A 25 1.72 -13.08 8.55
C ARG A 25 2.48 -14.37 8.24
N TYR A 26 2.37 -14.83 7.00
CA TYR A 26 3.20 -15.93 6.53
C TYR A 26 4.28 -15.39 5.60
N GLY A 27 5.37 -14.92 6.20
CA GLY A 27 6.45 -14.30 5.46
C GLY A 27 7.24 -13.35 6.33
N CYS A 28 6.55 -12.34 6.87
CA CYS A 28 7.14 -11.40 7.80
C CYS A 28 6.11 -11.01 8.86
N PRO A 29 5.98 -11.83 9.91
CA PRO A 29 4.91 -11.71 10.90
C PRO A 29 5.16 -10.61 11.93
N HIS A 30 5.78 -9.53 11.49
CA HIS A 30 6.04 -8.40 12.37
C HIS A 30 5.47 -7.13 11.77
N HIS A 31 4.54 -7.34 10.86
CA HIS A 31 3.84 -6.26 10.18
C HIS A 31 2.42 -6.70 9.85
N VAL A 32 1.50 -6.45 10.78
CA VAL A 32 0.10 -6.81 10.59
C VAL A 32 -0.81 -5.65 10.97
N GLY A 33 -1.48 -5.06 9.99
CA GLY A 33 -2.44 -4.01 10.26
C GLY A 33 -1.79 -2.68 10.56
N ARG A 34 -0.49 -2.57 10.28
CA ARG A 34 0.22 -1.33 10.53
C ARG A 34 0.09 -0.43 9.31
N LYS A 35 0.21 0.86 9.51
CA LYS A 35 0.06 1.82 8.42
C LYS A 35 1.41 2.25 7.91
N GLY A 36 1.70 1.92 6.65
CA GLY A 36 2.97 2.27 6.06
C GLY A 36 2.80 3.11 4.82
N LYS A 37 3.89 3.34 4.11
CA LYS A 37 3.88 4.16 2.91
C LYS A 37 4.83 3.60 1.87
N ILE A 38 4.35 3.50 0.64
CA ILE A 38 5.16 3.00 -0.47
C ILE A 38 6.19 4.05 -0.88
N ILE A 39 7.47 3.70 -0.80
CA ILE A 39 8.54 4.64 -1.09
C ILE A 39 9.38 4.21 -2.29
N GLU A 40 9.14 3.00 -2.79
CA GLU A 40 9.91 2.48 -3.91
C GLU A 40 9.12 1.41 -4.67
N HIS A 41 9.37 1.33 -5.98
CA HIS A 41 8.74 0.32 -6.81
C HIS A 41 9.71 -0.83 -7.03
N LEU A 42 9.40 -1.99 -6.47
CA LEU A 42 10.31 -3.11 -6.55
C LEU A 42 10.10 -3.91 -7.82
N HIS A 43 11.11 -3.95 -8.67
CA HIS A 43 11.08 -4.81 -9.84
C HIS A 43 11.57 -6.20 -9.45
N SER A 44 10.67 -6.95 -8.83
CA SER A 44 10.98 -8.27 -8.31
C SER A 44 9.95 -9.27 -8.82
N ALA A 45 10.04 -10.51 -8.34
CA ALA A 45 9.10 -11.54 -8.71
C ALA A 45 8.40 -12.02 -7.46
N THR A 46 8.80 -11.42 -6.34
CA THR A 46 8.28 -11.77 -5.05
C THR A 46 7.56 -10.58 -4.42
N TYR A 47 8.20 -9.43 -4.47
CA TYR A 47 7.67 -8.22 -3.87
C TYR A 47 7.42 -7.18 -4.94
N ASP A 48 6.45 -6.32 -4.72
CA ASP A 48 6.10 -5.30 -5.69
C ASP A 48 6.42 -3.90 -5.17
N TYR A 49 6.34 -3.73 -3.85
CA TYR A 49 6.49 -2.40 -3.27
C TYR A 49 7.36 -2.42 -2.02
N ALA A 50 8.11 -1.35 -1.81
CA ALA A 50 8.85 -1.17 -0.58
C ALA A 50 8.07 -0.22 0.34
N VAL A 51 7.60 -0.73 1.46
CA VAL A 51 6.73 0.02 2.34
C VAL A 51 7.42 0.34 3.66
N SER A 52 7.44 1.61 4.03
CA SER A 52 7.97 2.03 5.31
C SER A 52 6.83 2.24 6.30
N ASP A 53 6.78 1.43 7.35
CA ASP A 53 5.74 1.53 8.36
C ASP A 53 5.90 2.78 9.21
N GLU A 54 4.87 3.08 10.00
CA GLU A 54 4.89 4.20 10.93
C GLU A 54 5.98 4.03 11.99
N THR A 55 6.34 2.78 12.26
CA THR A 55 7.40 2.47 13.20
C THR A 55 8.77 2.79 12.60
N GLY A 56 8.77 3.15 11.32
CA GLY A 56 9.99 3.56 10.66
C GLY A 56 10.78 2.38 10.13
N ASP A 57 10.14 1.23 10.05
CA ASP A 57 10.79 0.04 9.53
C ASP A 57 10.37 -0.20 8.09
N ILE A 58 11.35 -0.28 7.21
CA ILE A 58 11.08 -0.48 5.79
C ILE A 58 11.04 -1.95 5.46
N THR A 59 9.92 -2.41 4.95
CA THR A 59 9.77 -3.81 4.58
C THR A 59 9.23 -3.94 3.16
N TYR A 60 9.64 -4.98 2.47
CA TYR A 60 9.21 -5.21 1.10
C TYR A 60 7.94 -6.04 1.10
N PHE A 61 6.91 -5.58 0.41
CA PHE A 61 5.65 -6.27 0.38
C PHE A 61 5.16 -6.45 -1.05
N LYS A 62 4.11 -7.23 -1.21
CA LYS A 62 3.50 -7.43 -2.50
C LYS A 62 2.13 -6.78 -2.50
N GLU A 63 1.56 -6.60 -3.67
CA GLU A 63 0.29 -5.88 -3.83
C GLU A 63 -0.85 -6.56 -3.05
N HIS A 64 -0.77 -7.87 -2.93
CA HIS A 64 -1.83 -8.64 -2.27
C HIS A 64 -1.81 -8.42 -0.75
N GLU A 65 -0.65 -8.01 -0.25
CA GLU A 65 -0.44 -7.89 1.18
C GLU A 65 -0.60 -6.44 1.64
N LEU A 66 -1.38 -5.67 0.90
CA LEU A 66 -1.55 -4.25 1.22
C LEU A 66 -3.02 -3.84 1.12
N THR A 67 -3.37 -2.77 1.83
CA THR A 67 -4.68 -2.16 1.72
C THR A 67 -4.54 -0.65 1.83
N PRO A 68 -4.67 0.07 0.70
CA PRO A 68 -4.44 1.53 0.64
C PRO A 68 -5.47 2.34 1.42
N LEU A 69 -5.04 3.49 1.94
CA LEU A 69 -5.93 4.40 2.65
C LEU A 69 -6.63 5.33 1.66
N LYS A 70 -7.67 4.82 1.01
CA LYS A 70 -8.42 5.61 0.03
C LYS A 70 -9.76 6.03 0.61
N GLY A 71 -9.86 7.30 0.93
CA GLY A 71 -11.11 7.85 1.43
C GLY A 71 -11.39 9.22 0.86
N GLY A 72 -10.32 9.96 0.58
CA GLY A 72 -10.46 11.28 0.02
C GLY A 72 -10.50 12.36 1.08
N LEU A 73 -10.88 13.56 0.70
CA LEU A 73 -10.94 14.67 1.63
C LEU A 73 -12.31 14.76 2.27
N ALA A 74 -12.61 13.81 3.13
CA ALA A 74 -13.88 13.79 3.85
C ALA A 74 -13.74 14.51 5.19
N TYR A 75 -12.62 14.26 5.86
CA TYR A 75 -12.31 14.87 7.16
C TYR A 75 -13.25 14.35 8.25
N VAL A 76 -14.00 13.30 7.93
CA VAL A 76 -14.92 12.71 8.88
C VAL A 76 -14.19 11.79 9.85
N LEU A 77 -13.71 12.38 10.95
CA LEU A 77 -13.03 11.63 12.02
C LEU A 77 -11.67 11.10 11.58
N GLU A 78 -10.69 11.22 12.47
CA GLU A 78 -9.37 10.66 12.23
C GLU A 78 -9.40 9.14 12.46
N HIS A 79 -9.58 8.41 11.38
CA HIS A 79 -9.68 6.96 11.45
C HIS A 79 -8.35 6.33 11.82
N HIS A 80 -8.38 5.50 12.87
CA HIS A 80 -7.20 4.87 13.46
C HIS A 80 -6.02 5.82 13.57
N HIS A 81 -6.30 7.03 14.08
CA HIS A 81 -5.29 8.06 14.34
C HIS A 81 -4.70 8.64 13.05
N HIS A 82 -5.08 9.87 12.75
CA HIS A 82 -4.44 10.62 11.68
C HIS A 82 -4.86 12.09 11.74
N HIS A 83 -4.01 12.90 12.36
CA HIS A 83 -4.24 14.33 12.37
C HIS A 83 -3.30 14.99 11.38
N HIS A 84 -3.87 15.67 10.39
CA HIS A 84 -3.10 16.33 9.34
C HIS A 84 -2.45 15.30 8.41
#